data_5O3X
#
_entry.id   5O3X
#
_cell.length_a   275.580
_cell.length_b   60.850
_cell.length_c   88.040
_cell.angle_alpha   90.00
_cell.angle_beta   92.65
_cell.angle_gamma   90.00
#
_symmetry.space_group_name_H-M   'C 1 2 1'
#
loop_
_entity.id
_entity.type
_entity.pdbx_description
1 polymer 'Peptide cyclase 1'
2 non-polymer 'CACODYLATE ION'
3 water water
#
_entity_poly.entity_id   1
_entity_poly.type   'polypeptide(L)'
_entity_poly.pdbx_seq_one_letter_code
;MATSGFSKPLHYPPVRRDETVVDDYFGVKVADPYRWLEDPNSEETKEFVDNQEKLANSVLEECELIDKFKQKIIDFVNFP
RCGVPFRRANKYFHFYNSGLQAQNVFQMQDDLDGKPEVLYDPNLREGGRSGLSLYSVSEDAKYFAFGIHSGLTEWVTIKI
LKTEDRSYLPDTLEWVKFSPAIWTHDNKGFFYCPYPPLKEGEDHMTRSAVNQEARYHFLGTDQSEDILLWRDLENPAHHL
KCQITDDGKYFLLYILDGCDDANKVYCLDLTKLPNGLESFRGREDSAPFMKLIDSFDASYTAIANDGSVFTFQTNKDAPR
KKLVRVDLNNPSVWTDLVPESKKDLLESAHAVNENQLILRYLSDVKHVLEIRDLESGALQHRLPIDIGSVDGITARRRDS
VVFFKFTSILTPGIVYQCDLKNDPTQLKIFRESVVPDFDRSEFEVKQVFVPSKDGTKIPIFIAARKGISLDGSHPCEMHG
YGGFGINMMPTFSASRIVFLKHLGGVFCLANIRGGGEYGEEWHKAGFRDKKQNVFDDFISAAEYLISSGYTKARRVAIEG
GSNGGLLVAACINQRPDLFGCAEANCGVMDMLRFHKFTLGYLWTGDYGCSDKEEEFKWLIKYSPIHNVRRPWEQPGNEET
QYPATMILTADHDDRVVPLHSFKLLATMQHVLCTSLEDSPQKNPIIARIQRKAAHYGRATMTQIAEVADRYGFMAKALEA
PWID
;
_entity_poly.pdbx_strand_id   A,B
#
loop_
_chem_comp.id
_chem_comp.type
_chem_comp.name
_chem_comp.formula
CAC non-polymer 'CACODYLATE ION' 'C2 H6 As O2 -1'
#
# COMPACT_ATOMS: atom_id res chain seq x y z
N LYS A 8 0.56 26.25 -21.67
CA LYS A 8 1.22 27.35 -20.91
C LYS A 8 2.70 27.49 -21.32
N PRO A 9 3.20 28.74 -21.52
CA PRO A 9 4.61 28.91 -21.93
C PRO A 9 5.62 28.53 -20.84
N LEU A 10 6.74 27.95 -21.26
CA LEU A 10 7.77 27.47 -20.35
C LEU A 10 8.88 28.48 -20.17
N HIS A 11 9.50 28.45 -19.00
CA HIS A 11 10.68 29.25 -18.71
C HIS A 11 11.85 28.28 -18.53
N TYR A 12 12.55 28.00 -19.64
CA TYR A 12 13.68 27.06 -19.64
C TYR A 12 14.84 27.70 -18.86
N PRO A 13 15.41 26.95 -17.89
CA PRO A 13 16.41 27.53 -17.01
C PRO A 13 17.78 27.67 -17.71
N PRO A 14 18.56 28.71 -17.37
CA PRO A 14 19.91 28.83 -17.94
C PRO A 14 20.81 27.62 -17.66
N VAL A 15 21.50 27.16 -18.71
CA VAL A 15 22.46 26.08 -18.61
C VAL A 15 23.73 26.55 -19.33
N ARG A 16 24.81 26.72 -18.55
CA ARG A 16 26.08 27.23 -19.07
C ARG A 16 26.66 26.33 -20.16
N ARG A 17 27.17 26.97 -21.21
CA ARG A 17 27.86 26.29 -22.31
C ARG A 17 29.36 26.59 -22.23
N ASP A 18 30.18 25.56 -22.49
CA ASP A 18 31.63 25.64 -22.41
C ASP A 18 32.24 25.36 -23.80
N GLU A 19 32.56 26.43 -24.54
CA GLU A 19 33.12 26.28 -25.88
C GLU A 19 34.62 25.90 -25.93
N THR A 20 35.27 25.76 -24.75
CA THR A 20 36.60 25.13 -24.66
C THR A 20 36.58 23.70 -25.19
N VAL A 21 35.53 22.96 -24.85
CA VAL A 21 35.50 21.52 -25.06
C VAL A 21 35.24 21.17 -26.53
N VAL A 22 36.33 20.87 -27.23
CA VAL A 22 36.30 20.31 -28.57
C VAL A 22 37.16 19.05 -28.53
N ASP A 23 36.73 18.02 -29.26
CA ASP A 23 37.44 16.74 -29.34
C ASP A 23 37.57 16.31 -30.80
N ASP A 24 38.74 15.75 -31.14
CA ASP A 24 39.09 15.36 -32.50
C ASP A 24 38.90 13.84 -32.67
N TYR A 25 37.78 13.45 -33.28
CA TYR A 25 37.53 12.05 -33.64
C TYR A 25 37.95 11.78 -35.08
N PHE A 26 39.23 11.46 -35.26
CA PHE A 26 39.82 11.13 -36.57
C PHE A 26 39.69 12.24 -37.62
N GLY A 27 39.91 13.49 -37.21
CA GLY A 27 39.77 14.66 -38.08
C GLY A 27 38.46 15.41 -37.91
N VAL A 28 37.38 14.67 -37.64
CA VAL A 28 36.06 15.27 -37.44
C VAL A 28 36.00 15.91 -36.06
N LYS A 29 35.91 17.24 -36.04
CA LYS A 29 35.84 18.01 -34.80
C LYS A 29 34.42 17.86 -34.21
N VAL A 30 34.34 17.61 -32.90
CA VAL A 30 33.06 17.44 -32.22
C VAL A 30 33.08 18.25 -30.92
N ALA A 31 32.25 19.28 -30.85
CA ALA A 31 32.13 20.13 -29.66
C ALA A 31 31.18 19.49 -28.65
N ASP A 32 31.58 19.49 -27.37
CA ASP A 32 30.79 18.90 -26.28
C ASP A 32 30.64 19.94 -25.15
N PRO A 33 29.79 20.97 -25.36
CA PRO A 33 29.69 22.11 -24.45
C PRO A 33 29.11 21.83 -23.05
N TYR A 34 28.48 20.67 -22.85
CA TYR A 34 27.96 20.28 -21.54
C TYR A 34 28.80 19.16 -20.89
N ARG A 35 30.10 19.17 -21.18
CA ARG A 35 31.07 18.25 -20.57
C ARG A 35 31.00 18.28 -19.04
N TRP A 36 30.88 19.48 -18.48
CA TRP A 36 30.76 19.68 -17.03
C TRP A 36 29.64 18.89 -16.32
N LEU A 37 28.56 18.58 -17.04
CA LEU A 37 27.47 17.76 -16.49
C LEU A 37 27.85 16.29 -16.22
N GLU A 38 29.00 15.85 -16.73
CA GLU A 38 29.53 14.51 -16.44
C GLU A 38 29.89 14.34 -14.97
N ASP A 39 30.29 15.43 -14.31
CA ASP A 39 30.49 15.44 -12.86
C ASP A 39 29.12 15.46 -12.15
N PRO A 40 28.73 14.32 -11.53
CA PRO A 40 27.42 14.30 -10.86
C PRO A 40 27.37 15.12 -9.56
N ASN A 41 28.52 15.26 -8.88
CA ASN A 41 28.57 15.82 -7.51
C ASN A 41 29.11 17.25 -7.45
N SER A 42 28.79 18.09 -8.44
CA SER A 42 29.25 19.49 -8.47
C SER A 42 28.15 20.48 -8.09
N GLU A 43 28.55 21.69 -7.72
CA GLU A 43 27.61 22.79 -7.43
C GLU A 43 26.68 23.01 -8.62
N GLU A 44 27.26 23.09 -9.82
CA GLU A 44 26.53 23.43 -11.04
C GLU A 44 25.59 22.32 -11.52
N THR A 45 26.06 21.07 -11.45
CA THR A 45 25.27 19.90 -11.85
C THR A 45 24.09 19.65 -10.90
N LYS A 46 24.29 19.88 -9.61
CA LYS A 46 23.19 19.79 -8.63
C LYS A 46 22.17 20.92 -8.82
N GLU A 47 22.63 22.11 -9.19
CA GLU A 47 21.72 23.24 -9.51
C GLU A 47 20.95 23.00 -10.82
N PHE A 48 21.62 22.38 -11.81
CA PHE A 48 20.95 21.92 -13.03
C PHE A 48 19.81 20.94 -12.70
N VAL A 49 20.09 19.94 -11.85
CA VAL A 49 19.06 18.98 -11.40
C VAL A 49 17.90 19.69 -10.72
N ASP A 50 18.21 20.65 -9.86
CA ASP A 50 17.20 21.47 -9.16
C ASP A 50 16.34 22.27 -10.12
N ASN A 51 16.98 22.91 -11.10
CA ASN A 51 16.27 23.74 -12.09
C ASN A 51 15.33 22.92 -12.98
N GLN A 52 15.82 21.79 -13.48
CA GLN A 52 15.02 20.91 -14.33
C GLN A 52 13.86 20.25 -13.58
N GLU A 53 14.06 20.02 -12.27
CA GLU A 53 12.99 19.56 -11.38
C GLU A 53 11.88 20.60 -11.22
N LYS A 54 12.26 21.88 -11.13
CA LYS A 54 11.29 22.98 -11.07
C LYS A 54 10.48 23.07 -12.36
N LEU A 55 11.20 23.11 -13.48
CA LEU A 55 10.59 23.10 -14.81
C LEU A 55 9.62 21.91 -14.98
N ALA A 56 10.08 20.73 -14.58
CA ALA A 56 9.28 19.50 -14.66
C ALA A 56 7.99 19.61 -13.83
N ASN A 57 8.13 19.98 -12.56
CA ASN A 57 6.99 20.15 -11.65
C ASN A 57 6.00 21.19 -12.14
N SER A 58 6.50 22.24 -12.80
CA SER A 58 5.64 23.27 -13.37
C SER A 58 4.79 22.76 -14.54
N VAL A 59 5.39 21.92 -15.39
CA VAL A 59 4.69 21.34 -16.52
C VAL A 59 3.73 20.24 -16.05
N LEU A 60 4.21 19.39 -15.14
CA LEU A 60 3.40 18.29 -14.59
C LEU A 60 2.17 18.76 -13.80
N GLU A 61 2.25 19.92 -13.13
CA GLU A 61 1.08 20.50 -12.46
C GLU A 61 -0.08 20.79 -13.44
N GLU A 62 0.24 21.14 -14.68
CA GLU A 62 -0.77 21.36 -15.73
C GLU A 62 -1.39 20.05 -16.26
N CYS A 63 -0.70 18.92 -16.07
CA CYS A 63 -1.25 17.61 -16.45
C CYS A 63 -2.23 17.09 -15.41
N GLU A 64 -3.48 17.56 -15.53
CA GLU A 64 -4.55 17.27 -14.56
C GLU A 64 -4.84 15.79 -14.30
N LEU A 65 -4.68 14.93 -15.31
CA LEU A 65 -5.01 13.49 -15.19
C LEU A 65 -4.02 12.64 -14.37
N ILE A 66 -2.86 13.17 -14.00
CA ILE A 66 -1.88 12.43 -13.19
C ILE A 66 -2.52 11.77 -11.96
N ASP A 67 -3.36 12.52 -11.27
CA ASP A 67 -3.96 12.09 -10.01
C ASP A 67 -4.96 10.95 -10.21
N LYS A 68 -5.74 11.01 -11.28
CA LYS A 68 -6.69 9.95 -11.62
C LYS A 68 -5.97 8.67 -12.05
N PHE A 69 -4.88 8.82 -12.80
CA PHE A 69 -4.02 7.69 -13.15
C PHE A 69 -3.45 7.01 -11.91
N LYS A 70 -2.90 7.82 -11.02
CA LYS A 70 -2.24 7.34 -9.80
C LYS A 70 -3.18 6.53 -8.93
N GLN A 71 -4.38 7.06 -8.69
CA GLN A 71 -5.37 6.35 -7.88
C GLN A 71 -5.86 5.07 -8.56
N LYS A 72 -6.00 5.10 -9.89
CA LYS A 72 -6.45 3.93 -10.63
C LYS A 72 -5.37 2.86 -10.76
N ILE A 73 -4.10 3.27 -10.84
CA ILE A 73 -2.99 2.32 -10.82
C ILE A 73 -2.92 1.64 -9.44
N ILE A 74 -2.97 2.44 -8.39
CA ILE A 74 -2.92 1.94 -7.01
C ILE A 74 -4.00 0.88 -6.75
N ASP A 75 -5.22 1.15 -7.19
CA ASP A 75 -6.33 0.20 -7.07
C ASP A 75 -6.09 -1.06 -7.90
N PHE A 76 -5.72 -0.90 -9.18
CA PHE A 76 -5.49 -2.02 -10.09
C PHE A 76 -4.29 -2.91 -9.69
N VAL A 77 -3.33 -2.33 -8.97
CA VAL A 77 -2.11 -3.03 -8.53
C VAL A 77 -2.26 -3.66 -7.14
N ASN A 78 -3.32 -3.32 -6.39
CA ASN A 78 -3.47 -3.78 -5.00
C ASN A 78 -4.10 -5.18 -4.94
N PHE A 79 -3.31 -6.17 -5.37
CA PHE A 79 -3.66 -7.58 -5.35
C PHE A 79 -2.38 -8.34 -4.97
N PRO A 80 -2.49 -9.53 -4.36
CA PRO A 80 -1.26 -10.28 -4.09
C PRO A 80 -0.49 -10.73 -5.35
N ARG A 81 0.83 -10.57 -5.31
CA ARG A 81 1.73 -11.05 -6.34
C ARG A 81 2.71 -12.05 -5.73
N CYS A 82 2.91 -13.15 -6.42
CA CYS A 82 3.71 -14.27 -5.93
C CYS A 82 4.87 -14.53 -6.88
N GLY A 83 6.07 -14.70 -6.33
CA GLY A 83 7.22 -15.19 -7.07
C GLY A 83 7.18 -16.70 -7.24
N VAL A 84 8.00 -17.20 -8.16
CA VAL A 84 8.12 -18.63 -8.43
C VAL A 84 8.94 -19.26 -7.31
N PRO A 85 8.36 -20.23 -6.56
CA PRO A 85 9.11 -20.86 -5.49
C PRO A 85 10.24 -21.76 -5.97
N PHE A 86 11.25 -21.93 -5.12
CA PHE A 86 12.33 -22.88 -5.36
C PHE A 86 12.63 -23.68 -4.10
N ARG A 87 13.19 -24.88 -4.26
CA ARG A 87 13.41 -25.79 -3.13
C ARG A 87 14.87 -25.91 -2.73
N ARG A 88 15.11 -25.99 -1.43
CA ARG A 88 16.39 -26.40 -0.87
C ARG A 88 16.06 -27.33 0.28
N ALA A 89 16.64 -28.53 0.28
CA ALA A 89 16.25 -29.59 1.21
C ALA A 89 14.72 -29.82 1.13
N ASN A 90 13.99 -29.75 2.26
CA ASN A 90 12.52 -29.88 2.25
C ASN A 90 11.80 -28.54 2.34
N LYS A 91 12.54 -27.46 2.20
CA LYS A 91 12.01 -26.11 2.34
C LYS A 91 11.71 -25.53 0.97
N TYR A 92 10.60 -24.83 0.83
CA TYR A 92 10.32 -24.01 -0.36
C TYR A 92 10.39 -22.55 0.01
N PHE A 93 11.06 -21.76 -0.84
CA PHE A 93 11.20 -20.31 -0.66
C PHE A 93 10.60 -19.54 -1.84
N HIS A 94 9.91 -18.45 -1.56
CA HIS A 94 9.40 -17.57 -2.62
C HIS A 94 9.27 -16.12 -2.19
N PHE A 95 9.28 -15.21 -3.16
CA PHE A 95 8.95 -13.81 -2.90
C PHE A 95 7.44 -13.63 -2.91
N TYR A 96 6.95 -12.80 -1.98
CA TYR A 96 5.53 -12.44 -1.89
C TYR A 96 5.36 -10.91 -1.69
N ASN A 97 4.21 -10.41 -2.12
CA ASN A 97 3.81 -9.02 -1.87
C ASN A 97 2.29 -8.96 -1.83
N SER A 98 1.74 -8.47 -0.72
CA SER A 98 0.30 -8.37 -0.56
C SER A 98 -0.36 -7.42 -1.59
N GLY A 99 0.43 -6.51 -2.17
CA GLY A 99 -0.03 -5.66 -3.26
C GLY A 99 0.64 -4.30 -3.35
N LEU A 100 0.70 -3.58 -2.23
CA LEU A 100 1.32 -2.26 -2.18
C LEU A 100 2.41 -2.17 -1.11
N GLN A 101 3.11 -3.28 -0.84
CA GLN A 101 4.25 -3.26 0.07
C GLN A 101 5.42 -2.69 -0.71
N ALA A 102 6.21 -1.83 -0.07
CA ALA A 102 7.29 -1.14 -0.77
C ALA A 102 8.28 -2.12 -1.43
N GLN A 103 8.55 -3.22 -0.74
CA GLN A 103 9.41 -4.29 -1.28
C GLN A 103 8.78 -5.65 -1.02
N ASN A 104 9.10 -6.59 -1.89
CA ASN A 104 8.62 -7.98 -1.79
C ASN A 104 9.27 -8.65 -0.59
N VAL A 105 8.49 -9.49 0.08
CA VAL A 105 8.94 -10.20 1.28
C VAL A 105 9.37 -11.60 0.87
N PHE A 106 10.53 -12.04 1.36
CA PHE A 106 11.01 -13.40 1.10
C PHE A 106 10.42 -14.37 2.11
N GLN A 107 9.71 -15.39 1.62
CA GLN A 107 9.00 -16.35 2.46
C GLN A 107 9.64 -17.74 2.40
N MET A 108 9.26 -18.57 3.35
CA MET A 108 9.84 -19.90 3.55
C MET A 108 8.72 -20.83 4.03
N GLN A 109 8.80 -22.11 3.68
CA GLN A 109 7.84 -23.10 4.19
C GLN A 109 8.38 -24.52 4.15
N ASP A 110 7.87 -25.36 5.05
CA ASP A 110 8.23 -26.78 5.08
C ASP A 110 7.37 -27.56 4.11
N ASP A 111 7.99 -27.98 3.01
CA ASP A 111 7.33 -28.74 1.93
C ASP A 111 6.18 -27.95 1.26
N LEU A 112 5.56 -28.56 0.25
CA LEU A 112 4.53 -27.88 -0.55
C LEU A 112 3.27 -27.52 0.25
N ASP A 113 2.73 -28.49 0.99
CA ASP A 113 1.56 -28.27 1.86
C ASP A 113 1.78 -27.22 2.96
N GLY A 114 3.04 -27.04 3.40
CA GLY A 114 3.38 -26.14 4.50
C GLY A 114 2.93 -24.70 4.39
N LYS A 115 2.74 -24.07 5.56
CA LYS A 115 2.21 -22.71 5.64
C LYS A 115 3.38 -21.74 5.55
N PRO A 116 3.25 -20.67 4.75
CA PRO A 116 4.38 -19.73 4.65
C PRO A 116 4.71 -18.99 5.95
N GLU A 117 5.99 -18.68 6.14
CA GLU A 117 6.47 -17.77 7.16
C GLU A 117 7.49 -16.80 6.54
N VAL A 118 7.66 -15.63 7.17
CA VAL A 118 8.62 -14.64 6.70
C VAL A 118 10.04 -15.02 7.11
N LEU A 119 10.94 -15.09 6.12
CA LEU A 119 12.38 -15.25 6.37
C LEU A 119 13.12 -13.90 6.34
N TYR A 120 12.75 -12.99 5.44
CA TYR A 120 13.30 -11.64 5.45
C TYR A 120 12.33 -10.60 4.89
N ASP A 121 12.00 -9.59 5.70
CA ASP A 121 11.10 -8.51 5.25
C ASP A 121 11.87 -7.19 5.09
N PRO A 122 12.20 -6.81 3.84
CA PRO A 122 12.90 -5.53 3.61
C PRO A 122 12.13 -4.27 4.01
N ASN A 123 10.80 -4.37 4.13
CA ASN A 123 9.98 -3.24 4.56
C ASN A 123 10.25 -2.77 6.01
N LEU A 124 10.83 -3.66 6.83
CA LEU A 124 11.17 -3.36 8.21
C LEU A 124 12.58 -2.76 8.35
N ARG A 125 13.41 -2.88 7.31
CA ARG A 125 14.70 -2.15 7.22
C ARG A 125 14.52 -0.89 6.37
N GLU A 126 15.32 0.14 6.67
CA GLU A 126 15.26 1.48 6.04
C GLU A 126 13.94 1.93 5.38
N GLY A 127 12.82 1.60 6.01
CA GLY A 127 11.49 1.92 5.50
C GLY A 127 11.10 1.33 4.15
N GLY A 128 11.81 0.27 3.72
CA GLY A 128 11.55 -0.36 2.42
C GLY A 128 12.00 0.42 1.19
N ARG A 129 13.09 1.18 1.29
CA ARG A 129 13.66 1.86 0.12
C ARG A 129 14.40 0.87 -0.79
N SER A 130 15.10 -0.08 -0.18
CA SER A 130 15.86 -1.11 -0.88
C SER A 130 15.22 -2.47 -0.63
N GLY A 131 15.10 -3.27 -1.68
CA GLY A 131 14.69 -4.67 -1.58
C GLY A 131 15.89 -5.55 -1.69
N LEU A 132 15.64 -6.85 -1.87
CA LEU A 132 16.70 -7.84 -2.02
C LEU A 132 17.15 -7.96 -3.48
N SER A 133 18.46 -7.98 -3.69
CA SER A 133 19.07 -8.24 -5.01
C SER A 133 19.54 -9.68 -5.12
N LEU A 134 20.31 -10.12 -4.13
CA LEU A 134 20.77 -11.49 -4.03
C LEU A 134 19.91 -12.23 -3.01
N TYR A 135 19.64 -13.51 -3.27
CA TYR A 135 18.89 -14.35 -2.35
C TYR A 135 19.25 -15.82 -2.55
N SER A 136 20.33 -16.25 -1.90
CA SER A 136 20.85 -17.59 -2.08
C SER A 136 20.71 -18.37 -0.77
N VAL A 137 19.86 -19.39 -0.80
CA VAL A 137 19.73 -20.31 0.31
C VAL A 137 20.70 -21.47 0.09
N SER A 138 21.38 -21.88 1.16
CA SER A 138 22.31 -23.01 1.10
C SER A 138 21.63 -24.35 0.83
N GLU A 139 22.44 -25.34 0.51
CA GLU A 139 21.99 -26.69 0.13
C GLU A 139 21.22 -27.39 1.26
N ASP A 140 21.70 -27.29 2.49
CA ASP A 140 20.99 -27.80 3.69
C ASP A 140 19.81 -26.92 4.19
N ALA A 141 19.60 -25.76 3.57
CA ALA A 141 18.55 -24.79 3.90
C ALA A 141 18.74 -24.07 5.26
N LYS A 142 19.95 -24.13 5.81
CA LYS A 142 20.25 -23.52 7.12
C LYS A 142 20.71 -22.09 7.01
N TYR A 143 21.27 -21.69 5.86
CA TYR A 143 21.84 -20.37 5.70
C TYR A 143 21.21 -19.63 4.53
N PHE A 144 20.93 -18.34 4.74
CA PHE A 144 20.36 -17.47 3.72
C PHE A 144 21.29 -16.28 3.50
N ALA A 145 22.05 -16.32 2.41
CA ALA A 145 22.87 -15.20 1.99
C ALA A 145 21.99 -14.22 1.21
N PHE A 146 22.01 -12.94 1.57
CA PHE A 146 21.16 -11.96 0.91
C PHE A 146 21.85 -10.62 0.68
N GLY A 147 21.47 -9.98 -0.43
CA GLY A 147 22.09 -8.76 -0.89
C GLY A 147 21.18 -7.59 -0.69
N ILE A 148 21.72 -6.52 -0.12
CA ILE A 148 21.02 -5.25 0.06
C ILE A 148 21.87 -4.14 -0.56
N HIS A 149 21.19 -3.05 -0.93
CA HIS A 149 21.86 -1.83 -1.39
C HIS A 149 22.12 -0.95 -0.19
N SER A 150 23.36 -1.01 0.32
CA SER A 150 23.77 -0.23 1.49
C SER A 150 23.84 1.29 1.24
N GLY A 151 24.08 1.70 -0.01
CA GLY A 151 23.98 3.10 -0.42
C GLY A 151 22.88 3.30 -1.45
N LEU A 152 22.91 4.47 -2.10
CA LEU A 152 21.92 4.82 -3.14
C LEU A 152 22.16 4.12 -4.48
N THR A 153 23.39 3.68 -4.71
CA THR A 153 23.75 2.92 -5.92
C THR A 153 23.25 1.48 -5.84
N GLU A 154 23.26 0.76 -6.96
CA GLU A 154 22.85 -0.66 -7.00
C GLU A 154 23.93 -1.67 -6.55
N TRP A 155 25.10 -1.18 -6.12
CA TRP A 155 26.14 -2.07 -5.56
C TRP A 155 25.63 -2.73 -4.27
N VAL A 156 25.97 -4.00 -4.13
CA VAL A 156 25.31 -4.91 -3.19
C VAL A 156 26.26 -5.28 -2.07
N THR A 157 25.71 -5.38 -0.85
CA THR A 157 26.42 -5.99 0.28
C THR A 157 25.78 -7.34 0.63
N ILE A 158 26.57 -8.42 0.54
CA ILE A 158 26.11 -9.75 0.93
C ILE A 158 26.17 -9.82 2.45
N LYS A 159 25.11 -10.34 3.03
CA LYS A 159 25.00 -10.60 4.47
C LYS A 159 24.42 -12.02 4.58
N ILE A 160 24.63 -12.68 5.71
CA ILE A 160 24.17 -14.08 5.86
C ILE A 160 23.37 -14.26 7.15
N LEU A 161 22.30 -15.04 7.04
CA LEU A 161 21.29 -15.22 8.07
C LEU A 161 21.13 -16.71 8.36
N LYS A 162 20.88 -17.08 9.62
CA LYS A 162 20.50 -18.45 9.98
C LYS A 162 19.00 -18.57 9.87
N THR A 163 18.53 -19.49 9.03
CA THR A 163 17.10 -19.66 8.78
C THR A 163 16.36 -20.29 9.96
N GLU A 164 17.09 -20.95 10.86
CA GLU A 164 16.49 -21.54 12.06
C GLU A 164 15.85 -20.47 12.96
N ASP A 165 16.54 -19.34 13.16
CA ASP A 165 16.08 -18.30 14.10
C ASP A 165 16.29 -16.83 13.66
N ARG A 166 16.55 -16.59 12.37
CA ARG A 166 16.75 -15.22 11.83
C ARG A 166 18.01 -14.47 12.32
N SER A 167 18.92 -15.15 13.02
CA SER A 167 20.11 -14.50 13.55
C SER A 167 21.14 -14.27 12.43
N TYR A 168 21.80 -13.12 12.48
CA TYR A 168 22.77 -12.72 11.48
C TYR A 168 24.10 -13.36 11.79
N LEU A 169 24.82 -13.79 10.76
CA LEU A 169 26.25 -14.09 10.86
C LEU A 169 27.03 -12.78 10.83
N PRO A 170 28.28 -12.78 11.33
CA PRO A 170 29.09 -11.56 11.25
C PRO A 170 29.63 -11.26 9.83
N ASP A 171 29.65 -12.27 8.98
CA ASP A 171 30.20 -12.15 7.62
C ASP A 171 29.52 -11.01 6.86
N THR A 172 30.34 -10.20 6.20
CA THR A 172 29.87 -9.06 5.40
C THR A 172 30.77 -8.92 4.17
N LEU A 173 30.18 -9.07 2.97
CA LEU A 173 30.93 -9.08 1.72
C LEU A 173 30.56 -7.92 0.80
N GLU A 174 31.44 -6.94 0.68
CA GLU A 174 31.19 -5.76 -0.13
C GLU A 174 31.59 -5.96 -1.61
N TRP A 175 31.24 -4.97 -2.42
CA TRP A 175 31.74 -4.81 -3.79
C TRP A 175 31.19 -5.86 -4.79
N VAL A 176 29.92 -6.24 -4.59
CA VAL A 176 29.22 -7.15 -5.49
C VAL A 176 28.25 -6.33 -6.35
N LYS A 177 28.08 -6.75 -7.60
CA LYS A 177 27.11 -6.14 -8.51
C LYS A 177 26.00 -7.13 -8.85
N PHE A 178 26.24 -7.98 -9.84
CA PHE A 178 25.24 -8.92 -10.36
C PHE A 178 25.56 -10.35 -9.97
N SER A 179 26.63 -10.54 -9.20
CA SER A 179 27.08 -11.88 -8.87
C SER A 179 26.04 -12.59 -8.01
N PRO A 180 25.79 -13.88 -8.28
CA PRO A 180 25.04 -14.71 -7.36
C PRO A 180 25.99 -15.32 -6.33
N ALA A 181 25.43 -16.01 -5.34
CA ALA A 181 26.22 -16.70 -4.32
C ALA A 181 25.96 -18.19 -4.53
N ILE A 182 26.99 -18.90 -4.98
CA ILE A 182 26.86 -20.29 -5.39
C ILE A 182 27.45 -21.19 -4.30
N TRP A 183 26.59 -21.88 -3.55
CA TRP A 183 27.03 -22.67 -2.39
C TRP A 183 27.62 -24.01 -2.80
N THR A 184 28.72 -24.41 -2.17
CA THR A 184 29.20 -25.78 -2.25
C THR A 184 28.30 -26.71 -1.42
N HIS A 185 28.27 -27.99 -1.81
CA HIS A 185 27.42 -28.99 -1.14
C HIS A 185 27.84 -29.32 0.29
N ASP A 186 29.05 -28.96 0.70
CA ASP A 186 29.49 -29.10 2.11
C ASP A 186 28.90 -28.05 3.08
N ASN A 187 28.14 -27.08 2.56
CA ASN A 187 27.52 -26.01 3.35
C ASN A 187 28.53 -25.10 4.06
N LYS A 188 29.79 -25.13 3.62
CA LYS A 188 30.88 -24.41 4.28
C LYS A 188 31.05 -22.98 3.77
N GLY A 189 30.53 -22.71 2.59
CA GLY A 189 30.72 -21.41 1.97
C GLY A 189 30.19 -21.33 0.55
N PHE A 190 30.65 -20.32 -0.19
CA PHE A 190 30.13 -20.08 -1.53
C PHE A 190 31.03 -19.25 -2.44
N PHE A 191 30.93 -19.56 -3.75
CA PHE A 191 31.61 -18.80 -4.79
C PHE A 191 30.80 -17.55 -5.11
N TYR A 192 31.48 -16.42 -5.26
CA TYR A 192 30.85 -15.17 -5.73
C TYR A 192 31.92 -14.37 -6.49
N CYS A 193 31.50 -13.40 -7.28
CA CYS A 193 32.38 -12.68 -8.20
C CYS A 193 32.38 -11.17 -7.97
N PRO A 194 33.20 -10.70 -7.01
CA PRO A 194 33.20 -9.28 -6.67
C PRO A 194 34.20 -8.48 -7.49
N TYR A 195 34.02 -7.16 -7.45
CA TYR A 195 35.02 -6.24 -7.98
C TYR A 195 35.98 -5.86 -6.84
N PRO A 196 37.16 -5.29 -7.19
CA PRO A 196 38.04 -4.81 -6.11
C PRO A 196 37.42 -3.63 -5.33
N PRO A 197 37.95 -3.34 -4.13
CA PRO A 197 37.37 -2.29 -3.31
C PRO A 197 37.65 -0.88 -3.86
N LEU A 198 36.79 0.06 -3.47
CA LEU A 198 37.03 1.47 -3.71
C LEU A 198 38.20 1.96 -2.85
N LYS A 199 39.14 2.65 -3.48
CA LYS A 199 40.15 3.43 -2.77
C LYS A 199 39.50 4.75 -2.40
N GLU A 200 40.11 5.50 -1.48
CA GLU A 200 39.46 6.71 -0.94
C GLU A 200 39.52 7.88 -1.91
N GLY A 201 38.39 8.58 -2.02
CA GLY A 201 38.13 9.55 -3.08
C GLY A 201 37.11 9.02 -4.08
N GLU A 202 37.18 7.72 -4.38
CA GLU A 202 36.37 7.12 -5.45
C GLU A 202 34.90 6.96 -5.06
N ASP A 203 34.06 6.86 -6.09
CA ASP A 203 32.60 6.80 -5.97
C ASP A 203 32.11 5.72 -6.94
N HIS A 204 30.97 5.10 -6.64
CA HIS A 204 30.36 4.13 -7.56
C HIS A 204 29.71 4.77 -8.81
N MET A 205 29.40 6.07 -8.74
CA MET A 205 28.92 6.84 -9.91
C MET A 205 30.05 7.21 -10.89
N THR A 206 31.25 7.46 -10.38
CA THR A 206 32.39 7.93 -11.18
C THR A 206 33.44 6.86 -11.50
N ARG A 207 33.49 5.76 -10.74
CA ARG A 207 34.47 4.69 -11.01
C ARG A 207 33.96 3.74 -12.09
N SER A 208 34.86 3.42 -13.02
CA SER A 208 34.60 2.42 -14.07
C SER A 208 35.12 1.03 -13.63
N ALA A 209 34.32 0.32 -12.84
CA ALA A 209 34.69 -0.96 -12.20
C ALA A 209 35.31 -1.99 -13.17
N VAL A 210 36.57 -2.34 -12.94
CA VAL A 210 37.30 -3.32 -13.75
C VAL A 210 37.97 -4.35 -12.83
N ASN A 211 38.63 -5.34 -13.43
CA ASN A 211 39.40 -6.37 -12.70
C ASN A 211 38.53 -7.19 -11.75
N GLN A 212 37.41 -7.69 -12.28
CA GLN A 212 36.50 -8.54 -11.52
C GLN A 212 37.21 -9.83 -11.13
N GLU A 213 36.89 -10.34 -9.95
CA GLU A 213 37.57 -11.51 -9.39
C GLU A 213 36.56 -12.62 -9.17
N ALA A 214 37.03 -13.86 -9.14
CA ALA A 214 36.22 -14.99 -8.71
C ALA A 214 36.74 -15.42 -7.35
N ARG A 215 35.87 -15.30 -6.34
CA ARG A 215 36.22 -15.55 -4.94
C ARG A 215 35.45 -16.73 -4.37
N TYR A 216 36.05 -17.41 -3.40
CA TYR A 216 35.32 -18.33 -2.52
C TYR A 216 35.38 -17.78 -1.10
N HIS A 217 34.22 -17.71 -0.47
CA HIS A 217 34.10 -17.22 0.91
C HIS A 217 33.69 -18.37 1.83
N PHE A 218 34.46 -18.58 2.90
CA PHE A 218 34.09 -19.52 3.96
C PHE A 218 33.20 -18.81 4.97
N LEU A 219 32.17 -19.50 5.47
CA LEU A 219 31.35 -18.97 6.55
C LEU A 219 32.19 -18.77 7.82
N GLY A 220 31.90 -17.70 8.54
CA GLY A 220 32.67 -17.29 9.71
C GLY A 220 34.05 -16.70 9.45
N THR A 221 34.23 -16.02 8.32
CA THR A 221 35.50 -15.32 8.04
C THR A 221 35.23 -13.91 7.53
N ASP A 222 36.23 -13.05 7.63
CA ASP A 222 36.20 -11.73 7.03
C ASP A 222 36.40 -11.85 5.53
N GLN A 223 35.87 -10.90 4.76
CA GLN A 223 36.03 -10.91 3.29
C GLN A 223 37.50 -10.93 2.84
N SER A 224 38.39 -10.32 3.60
CA SER A 224 39.83 -10.32 3.26
C SER A 224 40.49 -11.71 3.25
N GLU A 225 39.87 -12.69 3.91
CA GLU A 225 40.34 -14.08 3.91
C GLU A 225 39.82 -14.92 2.73
N ASP A 226 38.91 -14.36 1.92
CA ASP A 226 38.31 -15.09 0.79
C ASP A 226 39.36 -15.51 -0.24
N ILE A 227 39.22 -16.75 -0.72
CA ILE A 227 40.19 -17.35 -1.61
C ILE A 227 39.96 -16.82 -3.03
N LEU A 228 41.02 -16.28 -3.64
CA LEU A 228 40.99 -15.84 -5.03
C LEU A 228 41.14 -17.05 -5.97
N LEU A 229 40.17 -17.24 -6.86
CA LEU A 229 40.20 -18.34 -7.82
C LEU A 229 40.68 -17.87 -9.20
N TRP A 230 40.17 -16.72 -9.66
CA TRP A 230 40.55 -16.19 -10.95
C TRP A 230 40.51 -14.67 -10.96
N ARG A 231 41.46 -14.09 -11.69
CA ARG A 231 41.38 -12.72 -12.19
C ARG A 231 42.42 -12.53 -13.32
N ASP A 232 42.22 -11.51 -14.14
CA ASP A 232 43.06 -11.26 -15.31
C ASP A 232 43.36 -9.76 -15.41
N LEU A 233 44.45 -9.34 -14.79
CA LEU A 233 44.89 -7.95 -14.85
C LEU A 233 45.33 -7.53 -16.27
N GLU A 234 45.74 -8.49 -17.11
CA GLU A 234 46.05 -8.23 -18.53
C GLU A 234 44.82 -7.98 -19.43
N ASN A 235 43.62 -8.32 -18.94
CA ASN A 235 42.36 -8.07 -19.64
C ASN A 235 41.31 -7.50 -18.67
N PRO A 236 41.52 -6.25 -18.19
CA PRO A 236 40.68 -5.67 -17.12
C PRO A 236 39.16 -5.59 -17.41
N ALA A 237 38.80 -5.53 -18.68
CA ALA A 237 37.39 -5.41 -19.11
C ALA A 237 36.62 -6.73 -19.11
N HIS A 238 37.31 -7.86 -19.09
CA HIS A 238 36.65 -9.18 -19.04
C HIS A 238 35.86 -9.35 -17.75
N HIS A 239 34.63 -9.83 -17.85
CA HIS A 239 33.73 -9.97 -16.69
C HIS A 239 33.23 -11.42 -16.54
N LEU A 240 32.60 -11.70 -15.40
CA LEU A 240 32.42 -13.06 -14.92
C LEU A 240 30.98 -13.43 -14.58
N LYS A 241 30.63 -14.68 -14.88
CA LYS A 241 29.49 -15.36 -14.28
C LYS A 241 29.98 -16.74 -13.86
N CYS A 242 29.30 -17.33 -12.90
CA CYS A 242 29.72 -18.63 -12.42
C CYS A 242 28.55 -19.47 -11.97
N GLN A 243 28.84 -20.75 -11.79
CA GLN A 243 27.83 -21.76 -11.60
C GLN A 243 28.48 -22.97 -10.94
N ILE A 244 27.66 -23.78 -10.28
CA ILE A 244 28.11 -25.08 -9.77
C ILE A 244 27.14 -26.13 -10.28
N THR A 245 27.67 -27.30 -10.64
CA THR A 245 26.84 -28.39 -11.18
C THR A 245 25.97 -28.96 -10.07
N ASP A 246 24.83 -29.54 -10.44
CA ASP A 246 23.87 -30.02 -9.45
C ASP A 246 24.45 -31.13 -8.52
N ASP A 247 25.33 -31.97 -9.05
CA ASP A 247 26.04 -32.97 -8.24
C ASP A 247 27.10 -32.39 -7.29
N GLY A 248 27.41 -31.10 -7.44
CA GLY A 248 28.29 -30.37 -6.52
C GLY A 248 29.77 -30.49 -6.83
N LYS A 249 30.12 -31.21 -7.89
CA LYS A 249 31.51 -31.60 -8.16
C LYS A 249 32.31 -30.59 -8.97
N TYR A 250 31.65 -29.72 -9.73
CA TYR A 250 32.32 -28.82 -10.67
C TYR A 250 31.92 -27.39 -10.44
N PHE A 251 32.91 -26.53 -10.25
CA PHE A 251 32.73 -25.09 -10.29
C PHE A 251 33.03 -24.62 -11.71
N LEU A 252 32.05 -23.94 -12.33
CA LEU A 252 32.20 -23.44 -13.70
C LEU A 252 32.31 -21.91 -13.72
N LEU A 253 33.34 -21.41 -14.40
CA LEU A 253 33.58 -19.97 -14.53
C LEU A 253 33.40 -19.56 -15.99
N TYR A 254 32.42 -18.71 -16.23
CA TYR A 254 32.17 -18.14 -17.56
C TYR A 254 32.85 -16.78 -17.64
N ILE A 255 33.67 -16.56 -18.68
CA ILE A 255 34.34 -15.28 -18.88
C ILE A 255 33.79 -14.64 -20.14
N LEU A 256 33.48 -13.34 -20.06
CA LEU A 256 32.82 -12.62 -21.14
C LEU A 256 33.61 -11.41 -21.59
N ASP A 257 33.55 -11.12 -22.88
CA ASP A 257 34.35 -10.10 -23.53
C ASP A 257 33.71 -8.73 -23.31
N GLY A 258 32.42 -8.65 -23.62
CA GLY A 258 31.63 -7.45 -23.37
C GLY A 258 30.17 -7.84 -23.15
N CYS A 259 29.29 -7.22 -23.93
CA CYS A 259 27.84 -7.51 -23.89
C CYS A 259 27.47 -8.65 -24.83
N ASP A 260 28.44 -9.27 -25.51
CA ASP A 260 28.19 -10.27 -26.54
C ASP A 260 27.64 -11.56 -25.94
N ASP A 261 26.75 -12.24 -26.69
CA ASP A 261 26.30 -13.58 -26.31
C ASP A 261 27.38 -14.58 -26.75
N ALA A 262 28.46 -14.62 -25.95
CA ALA A 262 29.60 -15.49 -26.17
C ALA A 262 30.41 -15.53 -24.89
N ASN A 263 31.09 -16.66 -24.65
CA ASN A 263 31.84 -16.81 -23.41
C ASN A 263 32.82 -17.97 -23.44
N LYS A 264 33.83 -17.88 -22.60
CA LYS A 264 34.72 -18.99 -22.30
C LYS A 264 34.07 -19.87 -21.26
N VAL A 265 34.60 -21.09 -21.11
CA VAL A 265 34.10 -22.07 -20.13
C VAL A 265 35.31 -22.71 -19.46
N TYR A 266 35.49 -22.38 -18.18
CA TYR A 266 36.58 -22.90 -17.35
C TYR A 266 35.93 -23.78 -16.29
N CYS A 267 36.40 -25.02 -16.16
CA CYS A 267 35.85 -26.00 -15.20
C CYS A 267 36.90 -26.35 -14.15
N LEU A 268 36.52 -26.24 -12.88
CA LEU A 268 37.36 -26.66 -11.75
C LEU A 268 36.71 -27.87 -11.12
N ASP A 269 37.45 -28.99 -11.06
CA ASP A 269 36.99 -30.19 -10.37
C ASP A 269 37.21 -30.02 -8.87
N LEU A 270 36.11 -29.93 -8.12
CA LEU A 270 36.16 -29.77 -6.68
C LEU A 270 36.55 -31.05 -5.93
N THR A 271 36.27 -32.22 -6.52
CA THR A 271 36.68 -33.50 -5.89
C THR A 271 38.21 -33.72 -5.93
N LYS A 272 38.90 -33.13 -6.91
CA LYS A 272 40.33 -33.34 -7.10
C LYS A 272 41.27 -32.49 -6.22
N LEU A 273 40.75 -31.55 -5.42
CA LEU A 273 41.64 -30.68 -4.63
C LEU A 273 41.99 -31.35 -3.29
N PRO A 274 43.30 -31.58 -3.01
CA PRO A 274 43.64 -31.90 -1.61
C PRO A 274 43.54 -30.64 -0.77
N ASN A 275 43.12 -30.78 0.47
CA ASN A 275 43.02 -29.66 1.42
C ASN A 275 41.99 -28.59 1.02
N GLY A 276 40.89 -29.01 0.37
CA GLY A 276 39.76 -28.12 0.08
C GLY A 276 40.08 -26.98 -0.85
N LEU A 277 39.22 -25.97 -0.89
CA LEU A 277 39.52 -24.71 -1.60
C LEU A 277 40.60 -23.86 -0.90
N GLU A 278 40.89 -24.19 0.35
CA GLU A 278 42.07 -23.64 1.04
C GLU A 278 43.39 -24.00 0.33
N SER A 279 43.38 -25.02 -0.53
CA SER A 279 44.50 -25.31 -1.45
C SER A 279 45.13 -24.08 -2.09
N PHE A 280 44.32 -23.07 -2.42
CA PHE A 280 44.79 -21.88 -3.13
C PHE A 280 45.16 -20.70 -2.22
N ARG A 281 46.23 -20.01 -2.61
CA ARG A 281 46.96 -18.96 -1.87
C ARG A 281 48.27 -18.63 -2.62
N ASP A 285 48.78 -18.28 -5.83
CA ASP A 285 48.64 -19.07 -7.04
C ASP A 285 47.18 -19.24 -7.43
N SER A 286 46.89 -18.96 -8.70
CA SER A 286 45.55 -19.14 -9.30
C SER A 286 45.20 -20.63 -9.47
N ALA A 287 43.94 -20.92 -9.77
CA ALA A 287 43.42 -22.29 -9.69
C ALA A 287 43.48 -23.08 -11.01
N PRO A 288 43.69 -24.42 -10.90
CA PRO A 288 43.89 -25.26 -12.08
C PRO A 288 42.58 -25.56 -12.81
N PHE A 289 42.09 -24.57 -13.53
CA PHE A 289 40.88 -24.73 -14.36
C PHE A 289 41.21 -25.56 -15.60
N MET A 290 40.28 -26.44 -15.98
CA MET A 290 40.29 -27.06 -17.31
C MET A 290 39.57 -26.07 -18.22
N LYS A 291 40.32 -25.45 -19.13
CA LYS A 291 39.80 -24.42 -20.03
C LYS A 291 39.18 -25.08 -21.26
N LEU A 292 37.96 -25.57 -21.10
CA LEU A 292 37.22 -26.27 -22.17
C LEU A 292 36.95 -25.38 -23.38
N ILE A 293 36.70 -24.09 -23.14
CA ILE A 293 36.61 -23.08 -24.19
C ILE A 293 37.43 -21.88 -23.74
N ASP A 294 38.46 -21.53 -24.52
CA ASP A 294 39.36 -20.42 -24.21
C ASP A 294 39.29 -19.29 -25.27
N SER A 295 38.13 -19.14 -25.91
CA SER A 295 37.90 -18.06 -26.88
C SER A 295 36.45 -17.58 -26.83
N PHE A 296 36.20 -16.44 -27.47
CA PHE A 296 34.89 -15.80 -27.45
C PHE A 296 34.04 -16.07 -28.71
N ASP A 297 34.18 -17.27 -29.30
CA ASP A 297 33.47 -17.61 -30.54
C ASP A 297 31.98 -17.83 -30.38
N ALA A 298 31.58 -18.52 -29.31
CA ALA A 298 30.18 -18.89 -29.11
C ALA A 298 29.79 -18.81 -27.64
N SER A 299 28.49 -18.78 -27.38
CA SER A 299 27.95 -18.88 -26.02
C SER A 299 27.88 -20.34 -25.61
N TYR A 300 28.09 -20.60 -24.31
CA TYR A 300 28.00 -21.95 -23.73
C TYR A 300 27.47 -21.83 -22.32
N THR A 301 26.41 -22.58 -22.01
CA THR A 301 25.82 -22.62 -20.68
C THR A 301 25.57 -24.08 -20.29
N ALA A 302 26.26 -24.57 -19.26
CA ALA A 302 26.09 -25.95 -18.80
C ALA A 302 24.65 -26.17 -18.32
N ILE A 303 24.04 -27.26 -18.78
CA ILE A 303 22.66 -27.62 -18.43
C ILE A 303 22.63 -28.83 -17.47
N ALA A 304 23.52 -29.79 -17.66
CA ALA A 304 23.62 -30.94 -16.77
C ALA A 304 24.94 -31.65 -17.00
N ASN A 305 25.32 -32.50 -16.06
CA ASN A 305 26.45 -33.39 -16.27
C ASN A 305 26.28 -34.74 -15.58
N ASP A 306 26.93 -35.76 -16.14
CA ASP A 306 27.08 -37.06 -15.51
C ASP A 306 28.56 -37.38 -15.51
N GLY A 307 29.20 -37.19 -14.36
CA GLY A 307 30.66 -37.19 -14.29
C GLY A 307 31.21 -36.05 -15.14
N SER A 308 32.16 -36.39 -16.00
CA SER A 308 32.80 -35.43 -16.89
C SER A 308 32.04 -35.24 -18.23
N VAL A 309 30.88 -35.90 -18.37
CA VAL A 309 30.07 -35.81 -19.60
C VAL A 309 29.03 -34.68 -19.45
N PHE A 310 29.30 -33.56 -20.11
CA PHE A 310 28.51 -32.31 -19.96
C PHE A 310 27.54 -32.08 -21.12
N THR A 311 26.32 -31.66 -20.79
CA THR A 311 25.35 -31.15 -21.77
C THR A 311 25.32 -29.60 -21.71
N PHE A 312 25.71 -28.94 -22.80
CA PHE A 312 25.71 -27.46 -22.90
C PHE A 312 24.64 -26.96 -23.85
N GLN A 313 24.07 -25.79 -23.55
CA GLN A 313 23.33 -24.99 -24.55
C GLN A 313 24.35 -24.08 -25.25
N THR A 314 24.28 -23.98 -26.58
CA THR A 314 25.26 -23.17 -27.34
C THR A 314 24.70 -22.58 -28.64
N ASN A 315 25.39 -21.56 -29.16
CA ASN A 315 25.12 -21.01 -30.50
C ASN A 315 26.26 -21.26 -31.52
N LYS A 316 27.12 -22.22 -31.22
CA LYS A 316 28.26 -22.58 -32.08
C LYS A 316 27.72 -23.18 -33.36
N ASP A 317 27.93 -22.47 -34.48
CA ASP A 317 27.36 -22.82 -35.78
C ASP A 317 25.84 -23.04 -35.70
N ALA A 318 25.16 -22.19 -34.93
CA ALA A 318 23.74 -22.40 -34.62
C ALA A 318 23.08 -21.13 -34.09
N PRO A 319 22.73 -20.19 -34.98
CA PRO A 319 22.02 -18.95 -34.61
C PRO A 319 20.83 -19.10 -33.65
N ARG A 320 20.01 -20.15 -33.83
CA ARG A 320 18.81 -20.38 -33.00
C ARG A 320 19.09 -21.29 -31.79
N LYS A 321 20.36 -21.58 -31.55
CA LYS A 321 20.83 -22.37 -30.42
C LYS A 321 20.43 -23.86 -30.47
N LYS A 322 21.18 -24.64 -29.71
CA LYS A 322 21.03 -26.09 -29.64
C LYS A 322 21.68 -26.63 -28.36
N LEU A 323 21.40 -27.90 -28.06
CA LEU A 323 22.10 -28.61 -26.99
C LEU A 323 23.14 -29.56 -27.55
N VAL A 324 24.30 -29.59 -26.91
CA VAL A 324 25.44 -30.42 -27.34
C VAL A 324 26.06 -31.13 -26.14
N ARG A 325 26.82 -32.18 -26.41
CA ARG A 325 27.47 -32.98 -25.37
C ARG A 325 28.97 -33.10 -25.61
N VAL A 326 29.73 -33.08 -24.52
CA VAL A 326 31.19 -33.21 -24.56
C VAL A 326 31.71 -33.82 -23.26
N ASP A 327 32.76 -34.63 -23.37
CA ASP A 327 33.44 -35.20 -22.22
C ASP A 327 34.69 -34.36 -22.00
N LEU A 328 34.88 -33.85 -20.79
CA LEU A 328 36.07 -33.04 -20.48
C LEU A 328 37.41 -33.78 -20.65
N ASN A 329 37.37 -35.13 -20.64
CA ASN A 329 38.55 -35.98 -20.93
C ASN A 329 38.79 -36.23 -22.43
N ASN A 330 37.77 -35.97 -23.27
CA ASN A 330 37.86 -36.01 -24.73
C ASN A 330 37.15 -34.75 -25.27
N PRO A 331 37.75 -33.56 -25.04
CA PRO A 331 37.09 -32.26 -25.28
C PRO A 331 36.99 -31.78 -26.72
N SER A 332 37.81 -32.32 -27.62
CA SER A 332 37.71 -31.98 -29.06
C SER A 332 36.49 -32.60 -29.77
N VAL A 333 35.84 -33.59 -29.14
CA VAL A 333 34.70 -34.30 -29.72
C VAL A 333 33.39 -33.79 -29.09
N TRP A 334 32.66 -32.96 -29.85
CA TRP A 334 31.35 -32.43 -29.46
C TRP A 334 30.24 -33.10 -30.30
N THR A 335 29.12 -33.44 -29.67
CA THR A 335 28.00 -34.15 -30.31
C THR A 335 26.71 -33.38 -30.10
N ASP A 336 25.86 -33.29 -31.11
CA ASP A 336 24.55 -32.64 -30.95
C ASP A 336 23.58 -33.58 -30.23
N LEU A 337 23.05 -33.12 -29.09
CA LEU A 337 22.04 -33.87 -28.32
C LEU A 337 20.66 -33.51 -28.86
N VAL A 338 20.35 -32.21 -28.82
CA VAL A 338 19.14 -31.67 -29.40
C VAL A 338 19.62 -30.67 -30.46
N PRO A 339 19.51 -31.04 -31.76
CA PRO A 339 20.08 -30.18 -32.81
C PRO A 339 19.28 -28.92 -33.03
N GLU A 340 19.91 -27.92 -33.65
CA GLU A 340 19.27 -26.63 -33.93
C GLU A 340 17.98 -26.77 -34.72
N SER A 341 16.91 -26.12 -34.25
CA SER A 341 15.65 -26.04 -34.99
C SER A 341 15.84 -25.11 -36.18
N LYS A 342 15.11 -25.39 -37.25
CA LYS A 342 15.26 -24.64 -38.50
C LYS A 342 14.47 -23.33 -38.44
N LYS A 343 13.50 -23.24 -37.53
CA LYS A 343 12.57 -22.11 -37.44
C LYS A 343 12.54 -21.37 -36.08
N ASP A 344 12.81 -22.07 -34.97
CA ASP A 344 12.55 -21.56 -33.62
C ASP A 344 13.79 -21.53 -32.72
N LEU A 345 13.88 -20.49 -31.89
CA LEU A 345 15.02 -20.29 -30.98
C LEU A 345 14.88 -21.18 -29.77
N LEU A 346 15.96 -21.89 -29.42
CA LEU A 346 16.07 -22.54 -28.12
C LEU A 346 16.53 -21.50 -27.10
N GLU A 347 15.59 -20.96 -26.34
CA GLU A 347 15.88 -19.84 -25.42
C GLU A 347 16.56 -20.31 -24.13
N SER A 348 15.97 -21.31 -23.47
CA SER A 348 16.57 -21.88 -22.28
C SER A 348 16.26 -23.37 -22.19
N ALA A 349 17.16 -24.08 -21.50
CA ALA A 349 16.98 -25.51 -21.21
C ALA A 349 17.32 -25.77 -19.74
N HIS A 350 16.51 -26.62 -19.10
CA HIS A 350 16.61 -26.89 -17.66
C HIS A 350 16.51 -28.40 -17.39
N ALA A 351 17.55 -28.96 -16.79
CA ALA A 351 17.53 -30.36 -16.35
C ALA A 351 16.63 -30.49 -15.11
N VAL A 352 15.70 -31.44 -15.16
CA VAL A 352 14.71 -31.65 -14.10
C VAL A 352 14.35 -33.13 -13.89
N ASN A 353 13.87 -33.45 -12.69
CA ASN A 353 13.34 -34.77 -12.37
C ASN A 353 14.35 -35.89 -12.66
N GLU A 354 15.61 -35.64 -12.28
CA GLU A 354 16.75 -36.55 -12.47
C GLU A 354 17.18 -36.84 -13.92
N ASN A 355 16.22 -37.26 -14.74
CA ASN A 355 16.48 -37.75 -16.11
CA ASN A 355 16.49 -37.75 -16.11
C ASN A 355 15.65 -37.03 -17.19
N GLN A 356 15.02 -35.91 -16.84
CA GLN A 356 14.22 -35.13 -17.79
C GLN A 356 14.80 -33.73 -18.00
N LEU A 357 14.29 -33.07 -19.03
CA LEU A 357 14.93 -31.92 -19.62
C LEU A 357 13.82 -31.04 -20.17
N ILE A 358 13.62 -29.86 -19.59
CA ILE A 358 12.58 -28.93 -20.08
C ILE A 358 13.23 -27.85 -20.93
N LEU A 359 12.76 -27.75 -22.18
CA LEU A 359 13.25 -26.78 -23.15
C LEU A 359 12.19 -25.72 -23.42
N ARG A 360 12.60 -24.45 -23.31
CA ARG A 360 11.75 -23.31 -23.66
C ARG A 360 12.12 -22.80 -25.04
N TYR A 361 11.20 -22.94 -25.99
CA TYR A 361 11.39 -22.47 -27.35
C TYR A 361 10.61 -21.19 -27.57
N LEU A 362 11.22 -20.24 -28.29
CA LEU A 362 10.53 -19.03 -28.74
C LEU A 362 10.19 -19.19 -30.22
N SER A 363 8.89 -19.21 -30.52
CA SER A 363 8.37 -19.44 -31.87
C SER A 363 7.47 -18.28 -32.27
N ASP A 364 7.95 -17.42 -33.17
CA ASP A 364 7.29 -16.15 -33.52
C ASP A 364 6.82 -15.40 -32.26
N VAL A 365 7.77 -15.20 -31.35
CA VAL A 365 7.55 -14.46 -30.09
C VAL A 365 6.43 -15.05 -29.20
N LYS A 366 6.28 -16.37 -29.25
CA LYS A 366 5.39 -17.12 -28.35
C LYS A 366 6.17 -18.32 -27.83
N HIS A 367 5.96 -18.66 -26.57
CA HIS A 367 6.74 -19.73 -25.96
C HIS A 367 6.15 -21.10 -26.24
N VAL A 368 7.04 -22.09 -26.37
CA VAL A 368 6.66 -23.49 -26.45
C VAL A 368 7.57 -24.26 -25.48
N LEU A 369 6.96 -24.95 -24.53
CA LEU A 369 7.71 -25.72 -23.54
C LEU A 369 7.74 -27.17 -23.96
N GLU A 370 8.93 -27.75 -24.09
CA GLU A 370 9.09 -29.19 -24.38
C GLU A 370 9.73 -29.92 -23.22
N ILE A 371 9.19 -31.10 -22.88
CA ILE A 371 9.83 -32.02 -21.93
C ILE A 371 10.47 -33.14 -22.75
N ARG A 372 11.77 -33.33 -22.55
CA ARG A 372 12.54 -34.38 -23.24
C ARG A 372 13.31 -35.26 -22.26
N ASP A 373 13.67 -36.46 -22.73
CA ASP A 373 14.58 -37.33 -21.99
C ASP A 373 16.00 -36.75 -22.07
N LEU A 374 16.64 -36.62 -20.91
CA LEU A 374 17.97 -36.02 -20.80
C LEU A 374 19.05 -36.76 -21.58
N GLU A 375 19.09 -38.08 -21.38
CA GLU A 375 20.15 -38.93 -21.92
C GLU A 375 20.06 -39.04 -23.44
N SER A 376 18.87 -39.33 -23.97
CA SER A 376 18.66 -39.51 -25.41
C SER A 376 18.36 -38.19 -26.16
N GLY A 377 17.60 -37.30 -25.54
CA GLY A 377 17.10 -36.09 -26.20
C GLY A 377 15.74 -36.27 -26.86
N ALA A 378 15.09 -37.41 -26.64
CA ALA A 378 13.79 -37.71 -27.25
C ALA A 378 12.67 -36.83 -26.70
N LEU A 379 11.79 -36.39 -27.59
CA LEU A 379 10.61 -35.59 -27.23
C LEU A 379 9.56 -36.45 -26.55
N GLN A 380 8.96 -35.93 -25.47
CA GLN A 380 7.95 -36.66 -24.69
C GLN A 380 6.61 -35.91 -24.70
N HIS A 381 6.60 -34.67 -24.20
CA HIS A 381 5.43 -33.79 -24.31
C HIS A 381 5.84 -32.44 -24.88
N ARG A 382 4.84 -31.68 -25.33
CA ARG A 382 5.07 -30.39 -25.98
C ARG A 382 3.86 -29.48 -25.75
N LEU A 383 4.01 -28.52 -24.85
CA LEU A 383 2.95 -27.57 -24.51
C LEU A 383 3.24 -26.20 -25.15
N PRO A 384 2.56 -25.88 -26.28
CA PRO A 384 2.57 -24.49 -26.74
C PRO A 384 1.77 -23.58 -25.79
N ILE A 385 2.21 -22.34 -25.68
CA ILE A 385 1.63 -21.39 -24.74
C ILE A 385 1.09 -20.17 -25.49
N ASP A 386 0.07 -19.55 -24.91
CA ASP A 386 -0.63 -18.42 -25.52
C ASP A 386 0.24 -17.17 -25.61
N ILE A 387 -0.26 -16.17 -26.34
CA ILE A 387 0.37 -14.85 -26.42
C ILE A 387 0.68 -14.43 -24.98
N GLY A 388 1.97 -14.19 -24.73
CA GLY A 388 2.45 -13.97 -23.37
C GLY A 388 3.86 -14.50 -23.19
N SER A 389 4.23 -14.71 -21.93
CA SER A 389 5.55 -15.23 -21.58
C SER A 389 5.45 -16.29 -20.51
N VAL A 390 6.37 -17.26 -20.58
CA VAL A 390 6.68 -18.18 -19.50
C VAL A 390 8.12 -17.90 -19.11
N ASP A 391 8.39 -17.77 -17.81
CA ASP A 391 9.73 -17.48 -17.32
C ASP A 391 9.94 -17.89 -15.87
N GLY A 392 11.18 -17.73 -15.39
CA GLY A 392 11.53 -18.04 -14.01
C GLY A 392 11.52 -19.52 -13.65
N ILE A 393 12.04 -20.36 -14.55
CA ILE A 393 12.19 -21.78 -14.25
C ILE A 393 13.50 -21.94 -13.48
N THR A 394 13.37 -22.24 -12.19
CA THR A 394 14.52 -22.37 -11.29
C THR A 394 14.69 -23.79 -10.73
N ALA A 395 13.93 -24.75 -11.24
CA ALA A 395 14.01 -26.12 -10.79
C ALA A 395 15.36 -26.71 -11.16
N ARG A 396 15.96 -27.41 -10.19
CA ARG A 396 17.23 -28.10 -10.40
C ARG A 396 16.96 -29.53 -10.85
N ARG A 397 18.03 -30.24 -11.20
CA ARG A 397 17.93 -31.61 -11.72
C ARG A 397 17.30 -32.59 -10.71
N ARG A 398 17.65 -32.45 -9.44
CA ARG A 398 17.11 -33.33 -8.39
C ARG A 398 15.67 -33.02 -7.99
N ASP A 399 15.11 -31.90 -8.47
CA ASP A 399 13.72 -31.52 -8.18
C ASP A 399 12.75 -32.24 -9.11
N SER A 400 11.66 -32.74 -8.53
CA SER A 400 10.59 -33.41 -9.27
C SER A 400 9.38 -32.51 -9.57
N VAL A 401 9.22 -31.41 -8.82
CA VAL A 401 8.19 -30.41 -9.10
C VAL A 401 8.82 -29.20 -9.78
N VAL A 402 8.28 -28.81 -10.95
CA VAL A 402 8.76 -27.66 -11.71
C VAL A 402 7.74 -26.55 -11.62
N PHE A 403 8.22 -25.33 -11.36
CA PHE A 403 7.37 -24.15 -11.33
C PHE A 403 7.77 -23.18 -12.43
N PHE A 404 6.80 -22.46 -12.98
CA PHE A 404 7.06 -21.35 -13.88
C PHE A 404 5.98 -20.28 -13.79
N LYS A 405 6.36 -19.04 -14.07
CA LYS A 405 5.43 -17.93 -14.07
C LYS A 405 4.93 -17.71 -15.48
N PHE A 406 3.61 -17.58 -15.64
CA PHE A 406 3.01 -17.16 -16.91
C PHE A 406 2.40 -15.77 -16.76
N THR A 407 2.57 -14.95 -17.80
CA THR A 407 1.94 -13.63 -17.87
C THR A 407 1.70 -13.21 -19.33
N SER A 408 0.75 -12.30 -19.53
CA SER A 408 0.50 -11.65 -20.84
C SER A 408 -0.03 -10.21 -20.64
N ILE A 409 -0.40 -9.54 -21.73
CA ILE A 409 -0.94 -8.16 -21.68
C ILE A 409 -2.21 -8.11 -20.80
N LEU A 410 -3.04 -9.15 -20.91
CA LEU A 410 -4.32 -9.23 -20.19
C LEU A 410 -4.36 -10.33 -19.10
N THR A 411 -3.21 -10.92 -18.76
CA THR A 411 -3.12 -11.98 -17.74
C THR A 411 -2.13 -11.59 -16.64
N PRO A 412 -2.63 -11.11 -15.48
CA PRO A 412 -1.81 -10.59 -14.38
C PRO A 412 -0.59 -11.42 -13.98
N GLY A 413 -0.75 -12.74 -13.86
CA GLY A 413 0.38 -13.58 -13.41
C GLY A 413 -0.05 -14.86 -12.72
N ILE A 414 0.28 -16.00 -13.34
CA ILE A 414 -0.05 -17.31 -12.79
C ILE A 414 1.25 -18.06 -12.53
N VAL A 415 1.48 -18.47 -11.29
CA VAL A 415 2.57 -19.41 -11.01
C VAL A 415 2.00 -20.82 -11.19
N TYR A 416 2.49 -21.52 -12.20
CA TYR A 416 2.07 -22.90 -12.49
C TYR A 416 2.99 -23.91 -11.80
N GLN A 417 2.49 -25.12 -11.63
CA GLN A 417 3.17 -26.19 -10.90
C GLN A 417 2.98 -27.50 -11.64
N CYS A 418 4.09 -28.17 -11.96
CA CYS A 418 4.06 -29.47 -12.62
C CYS A 418 4.83 -30.50 -11.81
N ASP A 419 4.12 -31.40 -11.13
CA ASP A 419 4.74 -32.56 -10.47
C ASP A 419 5.06 -33.62 -11.54
N LEU A 420 6.29 -33.63 -12.04
CA LEU A 420 6.70 -34.57 -13.11
C LEU A 420 6.80 -36.05 -12.66
N LYS A 421 6.99 -36.29 -11.36
CA LYS A 421 7.08 -37.65 -10.86
C LYS A 421 5.69 -38.28 -10.70
N ASN A 422 4.81 -37.62 -9.95
CA ASN A 422 3.52 -38.21 -9.49
C ASN A 422 2.21 -37.81 -10.19
N ASP A 423 2.23 -36.80 -11.04
CA ASP A 423 1.01 -36.35 -11.77
C ASP A 423 1.42 -35.53 -13.02
N PRO A 424 2.23 -36.16 -13.91
CA PRO A 424 3.11 -35.43 -14.84
C PRO A 424 2.41 -34.61 -15.90
N THR A 425 1.17 -34.97 -16.24
CA THR A 425 0.46 -34.33 -17.34
C THR A 425 -0.34 -33.08 -16.93
N GLN A 426 -0.73 -32.99 -15.65
CA GLN A 426 -1.52 -31.84 -15.16
C GLN A 426 -0.64 -30.65 -14.75
N LEU A 427 -1.18 -29.44 -14.93
CA LEU A 427 -0.64 -28.21 -14.33
C LEU A 427 -1.58 -27.74 -13.24
N LYS A 428 -1.05 -27.55 -12.03
CA LYS A 428 -1.80 -26.93 -10.93
C LYS A 428 -1.38 -25.48 -10.77
N ILE A 429 -2.35 -24.66 -10.37
CA ILE A 429 -2.09 -23.25 -10.10
C ILE A 429 -1.61 -23.14 -8.66
N PHE A 430 -0.30 -22.91 -8.50
CA PHE A 430 0.29 -22.59 -7.20
C PHE A 430 -0.31 -21.29 -6.67
N ARG A 431 -0.33 -20.25 -7.51
CA ARG A 431 -0.94 -18.97 -7.18
C ARG A 431 -1.41 -18.21 -8.43
N GLU A 432 -2.64 -17.69 -8.40
CA GLU A 432 -3.20 -16.88 -9.48
C GLU A 432 -3.61 -15.52 -8.96
N SER A 433 -2.92 -14.49 -9.43
CA SER A 433 -3.24 -13.12 -9.11
C SER A 433 -4.45 -12.66 -9.95
N VAL A 434 -5.47 -12.13 -9.28
CA VAL A 434 -6.68 -11.59 -9.94
C VAL A 434 -6.70 -10.08 -9.79
N VAL A 435 -6.84 -9.36 -10.91
CA VAL A 435 -6.87 -7.87 -10.90
C VAL A 435 -8.31 -7.40 -10.71
N PRO A 436 -8.54 -6.45 -9.75
CA PRO A 436 -9.89 -5.94 -9.54
C PRO A 436 -10.32 -4.92 -10.59
N ASP A 437 -11.64 -4.84 -10.82
CA ASP A 437 -12.26 -3.83 -11.70
C ASP A 437 -11.68 -3.87 -13.13
N PHE A 438 -11.56 -5.07 -13.69
CA PHE A 438 -10.96 -5.27 -15.01
C PHE A 438 -11.59 -6.47 -15.75
N ASP A 439 -12.29 -6.19 -16.85
CA ASP A 439 -12.91 -7.20 -17.70
C ASP A 439 -12.01 -7.50 -18.91
N ARG A 440 -11.28 -8.62 -18.83
CA ARG A 440 -10.31 -8.98 -19.87
C ARG A 440 -10.91 -9.32 -21.23
N SER A 441 -12.13 -9.84 -21.23
CA SER A 441 -12.82 -10.22 -22.47
C SER A 441 -13.19 -9.01 -23.34
N GLU A 442 -13.27 -7.81 -22.73
CA GLU A 442 -13.51 -6.57 -23.48
C GLU A 442 -12.34 -6.15 -24.39
N PHE A 443 -11.14 -6.68 -24.13
CA PHE A 443 -9.95 -6.38 -24.93
C PHE A 443 -9.43 -7.63 -25.61
N GLU A 444 -8.60 -7.43 -26.65
CA GLU A 444 -7.94 -8.51 -27.39
C GLU A 444 -6.50 -8.13 -27.72
N VAL A 445 -5.67 -9.13 -28.02
CA VAL A 445 -4.30 -8.92 -28.45
C VAL A 445 -4.04 -9.74 -29.72
N LYS A 446 -3.60 -9.02 -30.77
CA LYS A 446 -3.34 -9.59 -32.07
C LYS A 446 -1.85 -9.47 -32.36
N GLN A 447 -1.31 -10.41 -33.14
CA GLN A 447 0.04 -10.30 -33.69
C GLN A 447 -0.08 -9.98 -35.18
N VAL A 448 0.76 -9.07 -35.65
CA VAL A 448 0.79 -8.64 -37.05
C VAL A 448 2.25 -8.41 -37.44
N PHE A 449 2.58 -8.74 -38.68
CA PHE A 449 3.94 -8.59 -39.20
C PHE A 449 3.95 -7.43 -40.21
N VAL A 450 4.91 -6.53 -40.08
CA VAL A 450 4.90 -5.26 -40.81
C VAL A 450 6.21 -5.12 -41.59
N PRO A 451 6.14 -4.78 -42.90
CA PRO A 451 7.40 -4.55 -43.63
C PRO A 451 8.17 -3.33 -43.12
N SER A 452 9.49 -3.49 -42.99
CA SER A 452 10.38 -2.41 -42.59
C SER A 452 10.94 -1.73 -43.85
N LYS A 453 11.81 -0.76 -43.65
CA LYS A 453 12.46 0.00 -44.74
C LYS A 453 13.17 -0.88 -45.77
N ASP A 454 13.79 -1.98 -45.32
CA ASP A 454 14.45 -2.94 -46.22
C ASP A 454 13.62 -4.19 -46.55
N GLY A 455 12.31 -4.14 -46.27
CA GLY A 455 11.41 -5.26 -46.55
C GLY A 455 11.28 -6.34 -45.48
N THR A 456 12.13 -6.30 -44.44
CA THR A 456 12.08 -7.32 -43.39
C THR A 456 10.76 -7.23 -42.63
N LYS A 457 10.17 -8.39 -42.36
CA LYS A 457 8.89 -8.46 -41.66
C LYS A 457 9.16 -8.46 -40.17
N ILE A 458 8.61 -7.45 -39.49
CA ILE A 458 8.85 -7.21 -38.07
C ILE A 458 7.55 -7.58 -37.35
N PRO A 459 7.61 -8.54 -36.38
CA PRO A 459 6.40 -8.85 -35.61
C PRO A 459 6.01 -7.75 -34.64
N ILE A 460 4.71 -7.52 -34.52
CA ILE A 460 4.15 -6.45 -33.73
C ILE A 460 3.02 -7.07 -32.93
N PHE A 461 2.95 -6.80 -31.63
CA PHE A 461 1.75 -7.08 -30.84
C PHE A 461 0.95 -5.79 -30.73
N ILE A 462 -0.36 -5.87 -30.98
CA ILE A 462 -1.28 -4.74 -30.81
C ILE A 462 -2.40 -5.15 -29.87
N ALA A 463 -2.52 -4.41 -28.76
CA ALA A 463 -3.54 -4.64 -27.75
C ALA A 463 -4.53 -3.49 -27.76
N ALA A 464 -5.82 -3.79 -27.76
CA ALA A 464 -6.87 -2.76 -27.76
C ALA A 464 -8.25 -3.32 -27.40
N ARG A 465 -9.20 -2.41 -27.20
CA ARG A 465 -10.61 -2.76 -27.05
C ARG A 465 -11.09 -3.53 -28.29
N LYS A 466 -11.92 -4.54 -28.07
CA LYS A 466 -12.50 -5.30 -29.17
C LYS A 466 -13.51 -4.43 -29.92
N GLY A 467 -13.38 -4.40 -31.24
CA GLY A 467 -14.33 -3.68 -32.08
C GLY A 467 -14.22 -2.16 -32.09
N ILE A 468 -13.03 -1.64 -31.77
CA ILE A 468 -12.73 -0.22 -32.07
C ILE A 468 -12.83 0.03 -33.57
N SER A 469 -13.34 1.18 -33.97
CA SER A 469 -13.26 1.58 -35.37
C SER A 469 -11.83 2.05 -35.65
N LEU A 470 -11.28 1.64 -36.78
CA LEU A 470 -9.95 2.08 -37.24
C LEU A 470 -10.14 3.38 -38.02
N ASP A 471 -10.22 4.49 -37.28
CA ASP A 471 -10.42 5.83 -37.85
C ASP A 471 -9.38 6.86 -37.38
N GLY A 472 -8.26 6.37 -36.85
CA GLY A 472 -7.17 7.24 -36.39
C GLY A 472 -7.46 8.10 -35.16
N SER A 473 -8.53 7.77 -34.42
CA SER A 473 -8.96 8.58 -33.28
C SER A 473 -8.22 8.24 -31.97
N HIS A 474 -7.63 7.05 -31.88
CA HIS A 474 -7.23 6.50 -30.58
C HIS A 474 -5.79 6.88 -30.19
N PRO A 475 -5.56 7.18 -28.89
CA PRO A 475 -4.17 7.31 -28.46
C PRO A 475 -3.47 5.98 -28.60
N CYS A 476 -2.20 6.03 -28.99
CA CYS A 476 -1.42 4.84 -29.21
C CYS A 476 -0.13 4.96 -28.45
N GLU A 477 0.19 3.92 -27.67
CA GLU A 477 1.44 3.84 -26.93
C GLU A 477 2.23 2.69 -27.48
N MET A 478 3.48 2.95 -27.83
CA MET A 478 4.33 1.95 -28.46
C MET A 478 5.63 1.75 -27.72
N HIS A 479 5.94 0.48 -27.41
CA HIS A 479 7.10 0.09 -26.64
C HIS A 479 8.05 -0.74 -27.50
N GLY A 480 9.33 -0.62 -27.19
CA GLY A 480 10.38 -1.33 -27.91
C GLY A 480 11.73 -1.16 -27.25
N TYR A 481 12.69 -1.97 -27.67
CA TYR A 481 14.02 -2.02 -27.07
C TYR A 481 15.09 -2.09 -28.17
N GLY A 482 15.19 -3.24 -28.84
CA GLY A 482 16.07 -3.40 -30.00
C GLY A 482 17.55 -3.45 -29.69
N GLY A 483 17.97 -4.47 -28.95
CA GLY A 483 19.39 -4.68 -28.69
C GLY A 483 19.70 -5.84 -27.78
N PHE A 484 20.99 -6.19 -27.74
CA PHE A 484 21.58 -7.07 -26.71
C PHE A 484 21.01 -8.49 -26.63
N GLY A 485 20.35 -8.94 -27.69
CA GLY A 485 19.75 -10.27 -27.75
C GLY A 485 18.51 -10.41 -26.90
N ILE A 486 17.96 -9.29 -26.44
CA ILE A 486 16.85 -9.32 -25.50
C ILE A 486 15.56 -9.59 -26.29
N ASN A 487 14.78 -10.56 -25.81
CA ASN A 487 13.47 -10.87 -26.35
C ASN A 487 12.42 -10.07 -25.59
N MET A 488 11.59 -9.34 -26.34
CA MET A 488 10.57 -8.50 -25.76
C MET A 488 9.25 -9.25 -25.83
N MET A 489 8.74 -9.59 -24.65
CA MET A 489 7.55 -10.42 -24.54
C MET A 489 6.40 -9.58 -24.05
N PRO A 490 5.17 -9.88 -24.52
CA PRO A 490 4.00 -9.21 -23.97
C PRO A 490 3.74 -9.70 -22.54
N THR A 491 3.98 -8.83 -21.56
CA THR A 491 3.81 -9.19 -20.15
C THR A 491 2.87 -8.20 -19.48
N PHE A 492 2.39 -8.54 -18.30
CA PHE A 492 1.37 -7.72 -17.65
C PHE A 492 1.96 -6.43 -17.08
N SER A 493 1.31 -5.32 -17.41
CA SER A 493 1.51 -4.04 -16.75
C SER A 493 0.12 -3.51 -16.40
N ALA A 494 -0.11 -3.26 -15.12
CA ALA A 494 -1.40 -2.75 -14.65
C ALA A 494 -1.64 -1.34 -15.18
N SER A 495 -0.59 -0.51 -15.17
CA SER A 495 -0.59 0.81 -15.81
C SER A 495 -1.25 0.82 -17.17
N ARG A 496 -0.79 -0.11 -18.00
CA ARG A 496 -1.25 -0.27 -19.36
C ARG A 496 -2.74 -0.58 -19.47
N ILE A 497 -3.27 -1.37 -18.53
CA ILE A 497 -4.71 -1.62 -18.48
C ILE A 497 -5.45 -0.31 -18.22
N VAL A 498 -4.89 0.56 -17.38
CA VAL A 498 -5.47 1.88 -17.11
C VAL A 498 -5.39 2.77 -18.35
N PHE A 499 -4.28 2.66 -19.10
CA PHE A 499 -4.15 3.34 -20.38
C PHE A 499 -5.22 2.87 -21.37
N LEU A 500 -5.37 1.55 -21.50
CA LEU A 500 -6.34 0.98 -22.45
C LEU A 500 -7.78 1.31 -22.07
N LYS A 501 -8.12 1.14 -20.81
CA LYS A 501 -9.51 1.27 -20.33
C LYS A 501 -9.94 2.73 -20.11
N HIS A 502 -9.13 3.48 -19.35
CA HIS A 502 -9.51 4.84 -18.92
C HIS A 502 -8.92 5.98 -19.76
N LEU A 503 -8.14 5.64 -20.78
CA LEU A 503 -7.74 6.60 -21.80
C LEU A 503 -8.04 6.10 -23.22
N GLY A 504 -8.85 5.05 -23.36
CA GLY A 504 -9.21 4.47 -24.66
C GLY A 504 -8.04 4.11 -25.56
N GLY A 505 -6.92 3.73 -24.95
CA GLY A 505 -5.66 3.59 -25.68
C GLY A 505 -5.49 2.32 -26.50
N VAL A 506 -4.46 2.35 -27.34
CA VAL A 506 -3.97 1.18 -28.07
C VAL A 506 -2.50 1.02 -27.70
N PHE A 507 -2.12 -0.17 -27.26
CA PHE A 507 -0.71 -0.47 -26.97
C PHE A 507 -0.09 -1.28 -28.11
N CYS A 508 1.21 -1.04 -28.38
CA CYS A 508 1.97 -1.81 -29.36
C CYS A 508 3.37 -2.18 -28.86
N LEU A 509 3.64 -3.47 -28.72
CA LEU A 509 5.00 -3.96 -28.50
C LEU A 509 5.58 -4.38 -29.85
N ALA A 510 6.62 -3.67 -30.30
CA ALA A 510 7.28 -3.98 -31.57
C ALA A 510 8.55 -4.79 -31.32
N ASN A 511 8.58 -6.03 -31.85
CA ASN A 511 9.75 -6.92 -31.72
C ASN A 511 10.81 -6.61 -32.79
N ILE A 512 11.33 -5.38 -32.77
CA ILE A 512 12.37 -4.92 -33.72
C ILE A 512 13.66 -5.74 -33.65
N ARG A 513 14.47 -5.59 -34.68
CA ARG A 513 15.81 -6.22 -34.74
C ARG A 513 16.75 -5.62 -33.69
N GLY A 514 17.87 -6.29 -33.48
CA GLY A 514 18.71 -6.04 -32.31
C GLY A 514 18.37 -7.01 -31.20
N GLY A 515 17.10 -7.39 -31.08
CA GLY A 515 16.70 -8.43 -30.14
C GLY A 515 17.19 -9.80 -30.56
N GLY A 516 16.81 -10.82 -29.80
CA GLY A 516 17.18 -12.19 -30.12
C GLY A 516 16.00 -13.05 -30.54
N GLU A 517 14.90 -12.44 -30.97
CA GLU A 517 13.64 -13.17 -31.13
C GLU A 517 13.70 -14.25 -32.21
N TYR A 518 14.48 -14.04 -33.26
CA TYR A 518 14.74 -15.04 -34.28
C TYR A 518 16.22 -15.44 -34.31
N GLY A 519 16.81 -15.58 -33.12
CA GLY A 519 18.18 -16.03 -32.98
C GLY A 519 19.20 -14.95 -33.31
N GLU A 520 20.45 -15.37 -33.43
CA GLU A 520 21.58 -14.44 -33.52
C GLU A 520 21.62 -13.65 -34.85
N GLU A 521 20.97 -14.14 -35.90
CA GLU A 521 20.78 -13.37 -37.16
C GLU A 521 19.93 -12.10 -36.94
N TRP A 522 18.92 -12.21 -36.08
CA TRP A 522 18.05 -11.07 -35.69
C TRP A 522 18.82 -10.01 -34.90
N HIS A 523 19.67 -10.48 -33.99
CA HIS A 523 20.56 -9.64 -33.20
C HIS A 523 21.52 -8.85 -34.06
N LYS A 524 22.23 -9.55 -34.95
CA LYS A 524 23.30 -8.94 -35.73
C LYS A 524 22.78 -8.03 -36.86
N ALA A 525 21.52 -8.22 -37.26
CA ALA A 525 20.87 -7.36 -38.23
C ALA A 525 20.55 -5.97 -37.65
N GLY A 526 20.57 -5.83 -36.32
CA GLY A 526 20.38 -4.55 -35.66
C GLY A 526 21.46 -4.20 -34.65
N PHE A 527 22.72 -4.30 -35.03
CA PHE A 527 23.82 -3.88 -34.15
C PHE A 527 25.04 -3.39 -34.96
N ARG A 528 25.99 -2.74 -34.29
CA ARG A 528 27.17 -2.15 -34.93
C ARG A 528 26.75 -1.23 -36.13
N ASP A 529 27.45 -1.34 -37.26
CA ASP A 529 27.05 -0.77 -38.57
C ASP A 529 25.57 -0.86 -38.95
N LYS A 530 24.87 -1.91 -38.52
CA LYS A 530 23.45 -2.10 -38.81
C LYS A 530 22.51 -1.69 -37.67
N LYS A 531 23.00 -0.90 -36.70
CA LYS A 531 22.15 -0.39 -35.63
C LYS A 531 21.01 0.51 -36.14
N GLN A 532 21.22 1.22 -37.25
CA GLN A 532 20.15 2.04 -37.84
C GLN A 532 18.88 1.25 -38.14
N ASN A 533 19.04 0.00 -38.60
CA ASN A 533 17.89 -0.90 -38.90
C ASN A 533 16.87 -0.99 -37.76
N VAL A 534 17.36 -0.90 -36.53
CA VAL A 534 16.53 -0.99 -35.33
C VAL A 534 15.54 0.18 -35.27
N PHE A 535 16.05 1.38 -35.53
CA PHE A 535 15.23 2.60 -35.52
C PHE A 535 14.27 2.60 -36.72
N ASP A 536 14.76 2.12 -37.87
CA ASP A 536 13.95 2.01 -39.09
C ASP A 536 12.75 1.09 -38.86
N ASP A 537 13.00 -0.09 -38.28
CA ASP A 537 11.95 -1.05 -37.88
C ASP A 537 10.87 -0.43 -37.00
N PHE A 538 11.30 0.34 -36.00
CA PHE A 538 10.39 0.98 -35.03
C PHE A 538 9.56 2.07 -35.71
N ILE A 539 10.22 2.95 -36.47
CA ILE A 539 9.55 3.93 -37.32
C ILE A 539 8.51 3.26 -38.26
N SER A 540 8.90 2.13 -38.88
CA SER A 540 8.02 1.43 -39.82
C SER A 540 6.78 0.85 -39.16
N ALA A 541 6.93 0.43 -37.91
CA ALA A 541 5.81 -0.10 -37.15
C ALA A 541 4.87 1.02 -36.74
N ALA A 542 5.43 2.16 -36.36
CA ALA A 542 4.65 3.38 -36.08
C ALA A 542 3.86 3.83 -37.31
N GLU A 543 4.51 3.81 -38.49
CA GLU A 543 3.82 4.10 -39.76
C GLU A 543 2.65 3.15 -40.06
N TYR A 544 2.79 1.87 -39.69
CA TYR A 544 1.71 0.89 -39.89
C TYR A 544 0.46 1.19 -39.06
N LEU A 545 0.66 1.55 -37.80
CA LEU A 545 -0.45 1.87 -36.90
C LEU A 545 -1.24 3.08 -37.41
N ILE A 546 -0.53 4.05 -37.98
CA ILE A 546 -1.14 5.19 -38.62
C ILE A 546 -1.85 4.77 -39.91
N SER A 547 -1.14 4.08 -40.81
CA SER A 547 -1.69 3.74 -42.13
C SER A 547 -2.84 2.72 -42.08
N SER A 548 -2.80 1.79 -41.13
CA SER A 548 -3.90 0.81 -40.95
C SER A 548 -5.10 1.39 -40.22
N GLY A 549 -4.90 2.50 -39.50
CA GLY A 549 -6.00 3.31 -38.95
C GLY A 549 -6.26 3.23 -37.46
N TYR A 550 -5.34 2.67 -36.67
CA TYR A 550 -5.47 2.66 -35.21
C TYR A 550 -5.35 4.08 -34.63
N THR A 551 -4.49 4.89 -35.23
CA THR A 551 -4.02 6.12 -34.61
C THR A 551 -3.58 7.12 -35.69
N LYS A 552 -3.03 8.25 -35.27
CA LYS A 552 -2.53 9.28 -36.18
C LYS A 552 -1.18 9.81 -35.71
N ALA A 553 -0.50 10.55 -36.59
CA ALA A 553 0.85 11.10 -36.33
C ALA A 553 1.07 11.62 -34.92
N ARG A 554 0.22 12.53 -34.48
CA ARG A 554 0.42 13.19 -33.18
C ARG A 554 -0.34 12.54 -32.01
N ARG A 555 -0.98 11.39 -32.24
CA ARG A 555 -1.58 10.60 -31.15
C ARG A 555 -0.75 9.35 -30.80
N VAL A 556 0.43 9.22 -31.40
CA VAL A 556 1.33 8.09 -31.16
C VAL A 556 2.34 8.51 -30.10
N ALA A 557 2.52 7.66 -29.10
CA ALA A 557 3.52 7.86 -28.05
C ALA A 557 4.50 6.68 -28.09
N ILE A 558 5.78 7.00 -27.97
CA ILE A 558 6.84 5.98 -27.89
C ILE A 558 7.54 6.05 -26.54
N GLU A 559 7.78 4.88 -25.95
CA GLU A 559 8.46 4.75 -24.65
C GLU A 559 9.48 3.63 -24.67
N GLY A 560 10.57 3.85 -23.93
CA GLY A 560 11.64 2.86 -23.81
C GLY A 560 12.64 3.20 -22.72
N GLY A 561 13.38 2.16 -22.28
CA GLY A 561 14.36 2.27 -21.21
C GLY A 561 15.75 1.76 -21.60
N SER A 562 16.78 2.45 -21.11
CA SER A 562 18.20 2.14 -21.40
C SER A 562 18.56 2.15 -22.91
N ASN A 563 18.82 0.99 -23.52
CA ASN A 563 18.96 0.91 -24.99
C ASN A 563 17.63 1.28 -25.69
N GLY A 564 16.51 1.04 -25.00
CA GLY A 564 15.21 1.51 -25.45
C GLY A 564 15.03 3.02 -25.38
N GLY A 565 15.75 3.67 -24.47
CA GLY A 565 15.80 5.13 -24.40
C GLY A 565 16.58 5.71 -25.57
N LEU A 566 17.70 5.04 -25.90
CA LEU A 566 18.46 5.34 -27.11
C LEU A 566 17.55 5.24 -28.34
N LEU A 567 16.79 4.15 -28.41
CA LEU A 567 15.81 3.93 -29.48
C LEU A 567 14.85 5.11 -29.65
N VAL A 568 14.31 5.59 -28.53
CA VAL A 568 13.32 6.67 -28.54
C VAL A 568 13.95 8.02 -28.93
N ALA A 569 15.12 8.32 -28.35
CA ALA A 569 15.85 9.55 -28.68
C ALA A 569 16.29 9.58 -30.14
N ALA A 570 16.80 8.44 -30.63
CA ALA A 570 17.21 8.33 -32.04
C ALA A 570 16.04 8.54 -32.99
N CYS A 571 14.91 7.90 -32.69
CA CYS A 571 13.72 7.97 -33.56
C CYS A 571 13.11 9.37 -33.63
N ILE A 572 13.07 10.10 -32.51
CA ILE A 572 12.51 11.47 -32.51
C ILE A 572 13.42 12.51 -33.18
N ASN A 573 14.74 12.25 -33.19
CA ASN A 573 15.68 13.07 -33.96
C ASN A 573 15.44 12.90 -35.46
N GLN A 574 15.32 11.63 -35.87
CA GLN A 574 15.16 11.28 -37.28
C GLN A 574 13.75 11.54 -37.82
N ARG A 575 12.71 11.23 -37.05
CA ARG A 575 11.31 11.39 -37.47
C ARG A 575 10.41 12.06 -36.41
N PRO A 576 10.72 13.32 -36.05
CA PRO A 576 9.90 14.05 -35.06
C PRO A 576 8.42 14.23 -35.44
N ASP A 577 8.12 14.31 -36.73
CA ASP A 577 6.73 14.40 -37.23
C ASP A 577 5.83 13.19 -36.85
N LEU A 578 6.41 12.01 -36.67
CA LEU A 578 5.64 10.78 -36.47
C LEU A 578 5.03 10.57 -35.09
N PHE A 579 5.50 11.33 -34.09
CA PHE A 579 5.15 11.06 -32.68
C PHE A 579 4.62 12.32 -32.01
N GLY A 580 3.73 12.12 -31.03
CA GLY A 580 3.19 13.19 -30.19
C GLY A 580 3.75 13.22 -28.77
N CYS A 581 4.37 12.12 -28.34
CA CYS A 581 4.99 12.06 -27.02
C CYS A 581 6.19 11.09 -27.04
N ALA A 582 7.26 11.49 -26.38
CA ALA A 582 8.49 10.71 -26.36
C ALA A 582 8.95 10.60 -24.92
N GLU A 583 9.13 9.37 -24.45
CA GLU A 583 9.49 9.13 -23.07
C GLU A 583 10.66 8.17 -23.03
N ALA A 584 11.85 8.72 -22.76
CA ALA A 584 13.09 7.94 -22.79
C ALA A 584 13.65 7.76 -21.38
N ASN A 585 13.58 6.51 -20.90
CA ASN A 585 13.98 6.15 -19.53
C ASN A 585 15.45 5.73 -19.52
N CYS A 586 16.30 6.46 -18.79
CA CYS A 586 17.70 6.07 -18.60
C CYS A 586 18.40 5.72 -19.92
N GLY A 587 18.16 6.51 -20.95
CA GLY A 587 18.69 6.22 -22.28
C GLY A 587 20.19 6.46 -22.42
N VAL A 588 20.80 5.74 -23.37
CA VAL A 588 22.22 5.90 -23.68
C VAL A 588 22.27 6.91 -24.82
N MET A 589 22.61 8.15 -24.49
CA MET A 589 22.46 9.30 -25.39
C MET A 589 23.76 9.87 -25.96
N ASP A 590 24.90 9.62 -25.31
CA ASP A 590 26.22 10.00 -25.82
C ASP A 590 26.92 8.72 -26.25
N MET A 591 26.77 8.38 -27.53
CA MET A 591 27.35 7.15 -28.08
C MET A 591 28.85 7.26 -28.35
N LEU A 592 29.38 8.49 -28.37
CA LEU A 592 30.82 8.70 -28.48
C LEU A 592 31.58 8.41 -27.17
N ARG A 593 30.92 8.59 -26.03
CA ARG A 593 31.59 8.50 -24.71
C ARG A 593 30.98 7.49 -23.72
N PHE A 594 29.97 6.71 -24.12
CA PHE A 594 29.30 5.75 -23.21
C PHE A 594 30.29 4.78 -22.53
N HIS A 595 31.28 4.33 -23.30
CA HIS A 595 32.28 3.36 -22.82
C HIS A 595 33.17 3.86 -21.68
N LYS A 596 33.31 5.18 -21.54
CA LYS A 596 34.12 5.77 -20.46
C LYS A 596 33.52 5.70 -19.03
N PHE A 597 32.24 5.33 -18.89
CA PHE A 597 31.53 5.44 -17.60
C PHE A 597 31.00 4.10 -17.05
N THR A 598 31.39 3.80 -15.81
CA THR A 598 30.92 2.62 -15.04
C THR A 598 31.12 1.30 -15.81
N LEU A 599 30.03 0.54 -16.06
CA LEU A 599 30.11 -0.69 -16.86
C LEU A 599 29.69 -0.47 -18.33
N GLY A 600 29.78 0.78 -18.80
CA GLY A 600 29.42 1.13 -20.18
C GLY A 600 30.35 0.54 -21.23
N TYR A 601 31.61 0.29 -20.86
CA TYR A 601 32.56 -0.40 -21.73
C TYR A 601 32.09 -1.78 -22.22
N LEU A 602 31.26 -2.44 -21.41
CA LEU A 602 30.67 -3.72 -21.79
C LEU A 602 29.81 -3.68 -23.06
N TRP A 603 29.17 -2.54 -23.35
CA TRP A 603 28.22 -2.43 -24.47
C TRP A 603 28.89 -2.20 -25.83
N THR A 604 30.21 -2.13 -25.88
CA THR A 604 30.94 -1.94 -27.14
C THR A 604 30.72 -3.07 -28.17
N GLY A 605 30.44 -4.28 -27.68
CA GLY A 605 30.05 -5.40 -28.52
C GLY A 605 28.82 -5.16 -29.39
N ASP A 606 27.87 -4.38 -28.88
CA ASP A 606 26.64 -4.03 -29.61
C ASP A 606 26.66 -2.67 -30.32
N TYR A 607 27.43 -1.71 -29.80
CA TYR A 607 27.42 -0.36 -30.34
C TYR A 607 28.63 -0.04 -31.20
N GLY A 608 29.77 -0.65 -30.86
CA GLY A 608 31.07 -0.21 -31.35
C GLY A 608 31.65 0.74 -30.33
N CYS A 609 32.73 1.40 -30.70
CA CYS A 609 33.44 2.32 -29.82
C CYS A 609 34.12 3.41 -30.63
N SER A 610 34.01 4.66 -30.19
CA SER A 610 34.62 5.80 -30.89
C SER A 610 36.16 5.78 -30.93
N ASP A 611 36.79 4.86 -30.19
CA ASP A 611 38.21 4.54 -30.33
C ASP A 611 38.63 4.09 -31.74
N LYS A 612 37.71 3.46 -32.48
CA LYS A 612 37.99 2.96 -33.83
C LYS A 612 37.20 3.77 -34.86
N GLU A 613 37.85 4.07 -36.00
CA GLU A 613 37.33 5.05 -36.96
C GLU A 613 36.08 4.58 -37.72
N GLU A 614 36.07 3.31 -38.15
CA GLU A 614 34.87 2.72 -38.78
C GLU A 614 33.63 2.81 -37.89
N GLU A 615 33.84 2.60 -36.59
CA GLU A 615 32.76 2.49 -35.62
C GLU A 615 32.26 3.88 -35.24
N PHE A 616 33.19 4.82 -35.06
CA PHE A 616 32.86 6.25 -34.93
C PHE A 616 31.93 6.72 -36.06
N LYS A 617 32.24 6.32 -37.29
CA LYS A 617 31.47 6.76 -38.46
C LYS A 617 30.00 6.35 -38.45
N TRP A 618 29.68 5.18 -37.92
CA TRP A 618 28.27 4.80 -37.74
C TRP A 618 27.66 5.34 -36.44
N LEU A 619 28.48 5.52 -35.40
CA LEU A 619 28.00 6.06 -34.10
C LEU A 619 27.59 7.52 -34.19
N ILE A 620 28.45 8.35 -34.81
CA ILE A 620 28.17 9.78 -35.02
C ILE A 620 26.84 10.04 -35.76
N LYS A 621 26.46 9.13 -36.66
CA LYS A 621 25.23 9.29 -37.44
C LYS A 621 23.95 9.18 -36.64
N TYR A 622 23.92 8.35 -35.58
CA TYR A 622 22.72 8.25 -34.73
C TYR A 622 22.84 8.73 -33.28
N SER A 623 24.06 8.98 -32.78
CA SER A 623 24.27 9.44 -31.38
C SER A 623 23.31 10.58 -31.00
N PRO A 624 22.31 10.31 -30.12
CA PRO A 624 21.22 11.25 -29.84
C PRO A 624 21.62 12.71 -29.59
N ILE A 625 22.62 12.91 -28.73
CA ILE A 625 23.10 14.27 -28.39
C ILE A 625 23.79 14.99 -29.55
N HIS A 626 24.30 14.23 -30.52
CA HIS A 626 24.95 14.80 -31.70
C HIS A 626 24.06 14.89 -32.95
N ASN A 627 22.76 14.63 -32.83
CA ASN A 627 21.83 14.67 -33.97
C ASN A 627 20.49 15.38 -33.66
N VAL A 628 20.52 16.29 -32.69
CA VAL A 628 19.37 17.16 -32.40
C VAL A 628 19.40 18.32 -33.40
N ARG A 629 18.41 18.36 -34.29
CA ARG A 629 18.32 19.33 -35.37
C ARG A 629 16.91 19.91 -35.42
N ARG A 630 16.80 21.20 -35.71
CA ARG A 630 15.51 21.87 -35.81
C ARG A 630 14.72 21.35 -37.03
N PRO A 631 13.65 20.55 -36.80
CA PRO A 631 12.97 19.96 -37.95
C PRO A 631 12.32 20.99 -38.90
N TRP A 632 11.82 22.09 -38.34
CA TRP A 632 11.22 23.19 -39.12
C TRP A 632 12.17 23.85 -40.13
N GLU A 633 13.48 23.85 -39.85
CA GLU A 633 14.47 24.41 -40.80
C GLU A 633 14.68 23.57 -42.07
N GLN A 634 14.18 22.33 -42.10
CA GLN A 634 14.25 21.50 -43.31
C GLN A 634 13.15 21.94 -44.27
N PRO A 635 13.49 22.22 -45.56
CA PRO A 635 12.43 22.72 -46.46
C PRO A 635 11.28 21.72 -46.71
N GLY A 636 10.05 22.18 -46.57
CA GLY A 636 8.90 21.28 -46.63
C GLY A 636 8.56 20.55 -45.35
N ASN A 637 9.28 20.85 -44.27
CA ASN A 637 9.04 20.31 -42.94
C ASN A 637 8.74 21.44 -41.92
N GLU A 638 8.21 22.58 -42.41
CA GLU A 638 8.08 23.81 -41.60
C GLU A 638 7.19 23.70 -40.34
N GLU A 639 6.05 23.02 -40.47
CA GLU A 639 5.13 22.84 -39.34
C GLU A 639 5.52 21.75 -38.33
N THR A 640 6.57 20.99 -38.62
CA THR A 640 7.03 19.95 -37.70
C THR A 640 7.89 20.52 -36.57
N GLN A 641 7.61 20.04 -35.36
CA GLN A 641 8.42 20.29 -34.18
C GLN A 641 8.66 18.95 -33.46
N TYR A 642 9.61 18.94 -32.54
CA TYR A 642 9.83 17.73 -31.72
C TYR A 642 8.58 17.49 -30.86
N PRO A 643 8.25 16.21 -30.62
CA PRO A 643 7.11 15.91 -29.74
C PRO A 643 7.37 16.35 -28.30
N ALA A 644 6.29 16.43 -27.52
CA ALA A 644 6.41 16.60 -26.07
C ALA A 644 7.31 15.50 -25.53
N THR A 645 8.35 15.89 -24.80
CA THR A 645 9.40 14.95 -24.43
C THR A 645 9.68 14.98 -22.92
N MET A 646 9.66 13.79 -22.31
CA MET A 646 10.02 13.60 -20.92
C MET A 646 11.23 12.67 -20.88
N ILE A 647 12.36 13.17 -20.39
CA ILE A 647 13.57 12.36 -20.26
C ILE A 647 13.64 11.86 -18.81
N LEU A 648 13.37 10.58 -18.60
CA LEU A 648 13.37 10.01 -17.25
C LEU A 648 14.76 9.51 -16.89
N THR A 649 15.14 9.70 -15.63
CA THR A 649 16.42 9.19 -15.10
C THR A 649 16.40 9.25 -13.58
N ALA A 650 17.30 8.51 -12.94
CA ALA A 650 17.56 8.66 -11.50
C ALA A 650 18.86 9.43 -11.31
N ASP A 651 18.97 10.16 -10.20
CA ASP A 651 20.21 10.90 -9.90
C ASP A 651 21.41 10.00 -9.56
N HIS A 652 21.13 8.79 -9.06
CA HIS A 652 22.15 7.80 -8.67
C HIS A 652 22.07 6.47 -9.47
N ASP A 653 21.70 6.54 -10.74
CA ASP A 653 21.80 5.41 -11.63
C ASP A 653 23.27 5.23 -12.03
N ASP A 654 23.88 4.12 -11.59
CA ASP A 654 25.26 3.77 -11.96
C ASP A 654 25.33 2.88 -13.20
N ARG A 655 24.20 2.30 -13.60
CA ARG A 655 24.10 1.43 -14.76
C ARG A 655 24.23 2.27 -16.02
N VAL A 656 23.20 3.05 -16.35
CA VAL A 656 23.30 4.07 -17.40
C VAL A 656 23.40 5.40 -16.67
N VAL A 657 24.62 5.94 -16.61
CA VAL A 657 24.88 7.17 -15.85
C VAL A 657 24.00 8.34 -16.33
N PRO A 658 23.53 9.20 -15.39
CA PRO A 658 22.53 10.20 -15.75
C PRO A 658 23.03 11.35 -16.64
N LEU A 659 24.36 11.52 -16.78
CA LEU A 659 24.93 12.51 -17.69
C LEU A 659 24.40 12.39 -19.11
N HIS A 660 24.16 11.15 -19.54
CA HIS A 660 23.54 10.85 -20.83
C HIS A 660 22.23 11.63 -20.98
N SER A 661 21.33 11.43 -20.02
CA SER A 661 20.03 12.12 -20.00
C SER A 661 20.15 13.63 -19.83
N PHE A 662 21.08 14.05 -18.97
CA PHE A 662 21.30 15.47 -18.69
C PHE A 662 21.84 16.19 -19.91
N LYS A 663 22.86 15.60 -20.54
CA LYS A 663 23.47 16.19 -21.74
C LYS A 663 22.53 16.27 -22.95
N LEU A 664 21.66 15.27 -23.10
CA LEU A 664 20.63 15.31 -24.15
C LEU A 664 19.64 16.44 -23.88
N LEU A 665 19.18 16.52 -22.63
CA LEU A 665 18.18 17.49 -22.21
C LEU A 665 18.70 18.91 -22.42
N ALA A 666 19.93 19.15 -21.97
CA ALA A 666 20.61 20.43 -22.18
C ALA A 666 20.70 20.80 -23.67
N THR A 667 21.13 19.82 -24.48
CA THR A 667 21.32 20.03 -25.91
C THR A 667 20.01 20.32 -26.64
N MET A 668 18.97 19.55 -26.33
CA MET A 668 17.64 19.76 -26.92
C MET A 668 17.07 21.13 -26.56
N GLN A 669 17.06 21.45 -25.27
CA GLN A 669 16.58 22.76 -24.75
C GLN A 669 17.33 23.95 -25.37
N HIS A 670 18.62 23.77 -25.67
CA HIS A 670 19.39 24.79 -26.39
C HIS A 670 18.95 24.90 -27.85
N VAL A 671 19.19 23.82 -28.60
CA VAL A 671 19.01 23.80 -30.05
C VAL A 671 17.59 24.18 -30.47
N LEU A 672 16.60 23.67 -29.74
CA LEU A 672 15.20 23.82 -30.11
C LEU A 672 14.52 25.05 -29.50
N CYS A 673 14.89 25.42 -28.27
CA CYS A 673 14.16 26.44 -27.52
C CYS A 673 14.95 27.71 -27.23
N THR A 674 15.98 27.62 -26.38
CA THR A 674 16.68 28.81 -25.88
C THR A 674 17.65 29.50 -26.85
N SER A 675 18.03 28.80 -27.93
CA SER A 675 19.00 29.36 -28.91
C SER A 675 18.40 30.36 -29.91
N LEU A 676 17.07 30.53 -29.92
CA LEU A 676 16.41 31.46 -30.84
C LEU A 676 15.26 32.22 -30.16
N GLU A 677 14.94 33.39 -30.72
CA GLU A 677 14.05 34.38 -30.10
C GLU A 677 12.67 33.85 -29.71
N ASP A 678 11.99 33.27 -30.69
CA ASP A 678 10.61 32.79 -30.52
C ASP A 678 10.46 31.50 -31.31
N SER A 679 10.80 30.39 -30.68
CA SER A 679 10.86 29.09 -31.38
C SER A 679 9.48 28.56 -31.78
N PRO A 680 9.41 27.89 -32.95
CA PRO A 680 8.25 27.05 -33.27
C PRO A 680 8.06 25.91 -32.27
N GLN A 681 9.12 25.51 -31.56
CA GLN A 681 9.03 24.50 -30.50
C GLN A 681 8.16 24.96 -29.34
N LYS A 682 6.91 24.52 -29.35
CA LYS A 682 5.96 24.73 -28.26
C LYS A 682 5.91 23.54 -27.29
N ASN A 683 6.02 22.33 -27.82
CA ASN A 683 5.90 21.11 -27.01
C ASN A 683 7.01 21.04 -25.95
N PRO A 684 6.65 20.81 -24.67
CA PRO A 684 7.61 20.84 -23.57
C PRO A 684 8.71 19.76 -23.66
N ILE A 685 9.93 20.13 -23.25
CA ILE A 685 11.07 19.23 -23.22
C ILE A 685 11.63 19.28 -21.80
N ILE A 686 11.29 18.26 -21.01
CA ILE A 686 11.60 18.20 -19.59
C ILE A 686 12.29 16.90 -19.21
N ALA A 687 12.80 16.89 -17.98
CA ALA A 687 13.34 15.68 -17.37
C ALA A 687 12.64 15.42 -16.05
N ARG A 688 12.18 14.19 -15.86
CA ARG A 688 11.75 13.75 -14.53
C ARG A 688 12.94 13.06 -13.89
N ILE A 689 13.54 13.72 -12.91
CA ILE A 689 14.70 13.15 -12.20
C ILE A 689 14.25 12.63 -10.84
N GLN A 690 14.32 11.32 -10.65
CA GLN A 690 13.95 10.67 -9.39
C GLN A 690 15.14 10.76 -8.46
N ARG A 691 14.88 11.23 -7.24
CA ARG A 691 15.89 11.41 -6.21
C ARG A 691 16.05 10.16 -5.36
N LYS A 692 17.30 9.85 -4.99
CA LYS A 692 17.65 8.70 -4.13
C LYS A 692 17.08 7.38 -4.64
N ALA A 693 17.31 7.15 -5.92
CA ALA A 693 16.92 5.93 -6.60
C ALA A 693 18.10 5.47 -7.45
N ALA A 694 18.09 4.20 -7.84
CA ALA A 694 19.00 3.67 -8.88
C ALA A 694 18.19 3.30 -10.15
N HIS A 695 18.82 2.55 -11.07
CA HIS A 695 18.18 2.06 -12.30
C HIS A 695 16.90 1.24 -12.07
N TYR A 696 17.01 0.13 -11.33
CA TYR A 696 15.87 -0.72 -10.95
C TYR A 696 15.82 -0.83 -9.42
N GLY A 697 14.85 -1.60 -8.92
CA GLY A 697 14.78 -1.94 -7.49
C GLY A 697 14.18 -0.88 -6.59
N ARG A 698 13.34 -0.03 -7.16
CA ARG A 698 12.73 1.09 -6.43
C ARG A 698 11.44 0.64 -5.76
N ALA A 699 11.04 1.32 -4.69
CA ALA A 699 9.81 1.03 -3.96
C ALA A 699 8.52 1.13 -4.80
N THR A 700 7.52 0.34 -4.44
CA THR A 700 6.25 0.26 -5.17
C THR A 700 5.62 1.62 -5.47
N MET A 701 5.58 2.50 -4.48
CA MET A 701 5.00 3.84 -4.67
C MET A 701 5.87 4.78 -5.51
N THR A 702 7.20 4.69 -5.34
CA THR A 702 8.16 5.43 -6.17
C THR A 702 7.94 5.09 -7.64
N GLN A 703 7.70 3.81 -7.92
CA GLN A 703 7.45 3.35 -9.27
C GLN A 703 6.11 3.86 -9.76
N ILE A 704 5.06 3.67 -8.95
CA ILE A 704 3.71 4.12 -9.30
C ILE A 704 3.66 5.64 -9.55
N ALA A 705 4.36 6.42 -8.74
CA ALA A 705 4.46 7.87 -8.94
C ALA A 705 5.09 8.20 -10.30
N GLU A 706 6.13 7.47 -10.69
CA GLU A 706 6.80 7.69 -11.96
C GLU A 706 5.90 7.36 -13.16
N VAL A 707 5.19 6.24 -13.09
CA VAL A 707 4.32 5.82 -14.19
C VAL A 707 3.08 6.72 -14.26
N ALA A 708 2.61 7.19 -13.11
CA ALA A 708 1.53 8.18 -13.04
C ALA A 708 1.89 9.46 -13.78
N ASP A 709 3.09 9.99 -13.51
CA ASP A 709 3.62 11.15 -14.26
C ASP A 709 3.81 10.87 -15.75
N ARG A 710 4.34 9.69 -16.10
CA ARG A 710 4.50 9.29 -17.50
C ARG A 710 3.21 9.44 -18.29
N TYR A 711 2.18 8.74 -17.83
CA TYR A 711 0.89 8.67 -18.52
C TYR A 711 0.07 9.96 -18.43
N GLY A 712 0.27 10.74 -17.37
CA GLY A 712 -0.37 12.05 -17.24
C GLY A 712 0.16 13.05 -18.24
N PHE A 713 1.49 13.12 -18.34
CA PHE A 713 2.18 13.88 -19.39
C PHE A 713 1.77 13.45 -20.79
N MET A 714 1.65 12.14 -20.98
CA MET A 714 1.25 11.54 -22.26
C MET A 714 -0.16 11.93 -22.66
N ALA A 715 -1.11 11.78 -21.74
CA ALA A 715 -2.51 12.17 -21.98
C ALA A 715 -2.66 13.66 -22.32
N LYS A 716 -1.78 14.48 -21.75
CA LYS A 716 -1.73 15.92 -22.05
C LYS A 716 -1.13 16.19 -23.43
N ALA A 717 -0.05 15.48 -23.76
CA ALA A 717 0.63 15.64 -25.05
C ALA A 717 -0.21 15.15 -26.23
N LEU A 718 -0.81 13.98 -26.08
CA LEU A 718 -1.65 13.37 -27.11
C LEU A 718 -3.10 13.93 -27.16
N GLU A 719 -3.43 14.89 -26.27
CA GLU A 719 -4.77 15.46 -26.14
C GLU A 719 -5.86 14.39 -25.94
N ALA A 720 -5.53 13.38 -25.13
CA ALA A 720 -6.41 12.24 -24.88
C ALA A 720 -7.26 12.51 -23.66
N PRO A 721 -8.60 12.46 -23.79
CA PRO A 721 -9.45 12.63 -22.63
C PRO A 721 -9.57 11.35 -21.78
N TRP A 722 -9.93 11.56 -20.51
CA TRP A 722 -10.20 10.47 -19.58
C TRP A 722 -11.58 9.88 -19.85
N ILE A 723 -11.71 8.57 -19.64
CA ILE A 723 -13.00 7.86 -19.67
C ILE A 723 -13.18 7.16 -18.33
N ASP A 724 -14.37 7.34 -17.73
CA ASP A 724 -14.65 6.84 -16.38
C ASP A 724 -14.82 5.33 -16.34
N GLY B 5 -7.48 32.87 2.35
CA GLY B 5 -7.05 31.50 1.98
C GLY B 5 -7.33 31.16 0.53
N PHE B 6 -8.61 31.27 0.14
CA PHE B 6 -9.13 30.84 -1.16
C PHE B 6 -9.44 32.05 -2.06
N SER B 7 -8.64 32.25 -3.12
CA SER B 7 -8.75 33.48 -3.94
C SER B 7 -9.85 33.46 -5.01
N LYS B 8 -10.00 32.35 -5.74
CA LYS B 8 -10.93 32.29 -6.89
C LYS B 8 -12.41 32.33 -6.42
N PRO B 9 -13.27 33.13 -7.10
CA PRO B 9 -14.67 33.25 -6.62
C PRO B 9 -15.50 31.98 -6.79
N LEU B 10 -16.40 31.73 -5.84
CA LEU B 10 -17.25 30.56 -5.85
C LEU B 10 -18.61 30.88 -6.47
N HIS B 11 -19.20 29.87 -7.10
CA HIS B 11 -20.55 29.96 -7.61
C HIS B 11 -21.41 28.99 -6.80
N TYR B 12 -22.02 29.53 -5.74
CA TYR B 12 -22.95 28.76 -4.90
C TYR B 12 -24.20 28.39 -5.71
N PRO B 13 -24.56 27.09 -5.73
CA PRO B 13 -25.66 26.66 -6.59
C PRO B 13 -27.03 27.03 -6.00
N PRO B 14 -28.03 27.31 -6.85
CA PRO B 14 -29.40 27.53 -6.35
C PRO B 14 -29.94 26.35 -5.52
N VAL B 15 -30.54 26.68 -4.37
CA VAL B 15 -31.19 25.70 -3.51
C VAL B 15 -32.56 26.28 -3.16
N ARG B 16 -33.61 25.63 -3.64
CA ARG B 16 -35.00 26.10 -3.45
C ARG B 16 -35.37 26.18 -1.97
N ARG B 17 -36.07 27.26 -1.61
CA ARG B 17 -36.62 27.47 -0.27
C ARG B 17 -38.15 27.29 -0.30
N ASP B 18 -38.68 26.65 0.74
CA ASP B 18 -40.11 26.34 0.85
C ASP B 18 -40.69 27.05 2.08
N GLU B 19 -41.31 28.21 1.88
CA GLU B 19 -41.86 29.00 2.99
C GLU B 19 -43.21 28.50 3.52
N THR B 20 -43.75 27.41 2.94
CA THR B 20 -44.87 26.69 3.53
C THR B 20 -44.53 26.15 4.91
N VAL B 21 -43.31 25.61 5.04
CA VAL B 21 -42.93 24.82 6.21
C VAL B 21 -42.65 25.72 7.41
N VAL B 22 -43.67 25.82 8.28
CA VAL B 22 -43.55 26.43 9.60
C VAL B 22 -44.08 25.40 10.59
N ASP B 23 -43.44 25.34 11.75
CA ASP B 23 -43.81 24.40 12.81
C ASP B 23 -43.89 25.13 14.15
N ASP B 24 -44.90 24.77 14.95
CA ASP B 24 -45.19 25.42 16.22
C ASP B 24 -44.64 24.58 17.38
N TYR B 25 -43.49 24.98 17.91
CA TYR B 25 -42.91 24.35 19.10
C TYR B 25 -43.31 25.13 20.35
N PHE B 26 -44.48 24.80 20.90
CA PHE B 26 -45.02 25.41 22.13
C PHE B 26 -45.20 26.93 22.06
N GLY B 27 -45.71 27.41 20.92
CA GLY B 27 -45.90 28.84 20.67
C GLY B 27 -44.80 29.48 19.84
N VAL B 28 -43.56 29.02 20.01
CA VAL B 28 -42.43 29.52 19.25
C VAL B 28 -42.48 28.96 17.82
N LYS B 29 -42.73 29.85 16.86
CA LYS B 29 -42.77 29.50 15.44
C LYS B 29 -41.36 29.26 14.93
N VAL B 30 -41.16 28.16 14.19
CA VAL B 30 -39.85 27.80 13.64
C VAL B 30 -40.03 27.39 12.19
N ALA B 31 -39.44 28.17 11.28
CA ALA B 31 -39.49 27.90 9.83
C ALA B 31 -38.38 26.91 9.45
N ASP B 32 -38.73 25.91 8.63
CA ASP B 32 -37.78 24.89 8.17
C ASP B 32 -37.83 24.78 6.64
N PRO B 33 -37.28 25.79 5.93
CA PRO B 33 -37.44 25.90 4.46
C PRO B 33 -36.74 24.82 3.61
N TYR B 34 -35.83 24.04 4.20
CA TYR B 34 -35.19 22.92 3.49
C TYR B 34 -35.70 21.56 3.98
N ARG B 35 -36.96 21.51 4.36
CA ARG B 35 -37.66 20.28 4.75
C ARG B 35 -37.54 19.21 3.67
N TRP B 36 -37.69 19.63 2.41
CA TRP B 36 -37.57 18.73 1.24
C TRP B 36 -36.27 17.91 1.15
N LEU B 37 -35.18 18.44 1.69
CA LEU B 37 -33.89 17.72 1.73
C LEU B 37 -33.89 16.49 2.65
N GLU B 38 -34.91 16.34 3.49
CA GLU B 38 -35.07 15.13 4.31
C GLU B 38 -35.33 13.88 3.48
N ASP B 39 -35.96 14.05 2.32
CA ASP B 39 -36.10 12.97 1.34
C ASP B 39 -34.76 12.75 0.62
N PRO B 40 -34.08 11.62 0.92
CA PRO B 40 -32.79 11.40 0.28
C PRO B 40 -32.89 11.00 -1.21
N ASN B 41 -34.01 10.38 -1.60
CA ASN B 41 -34.15 9.75 -2.92
C ASN B 41 -35.03 10.54 -3.91
N SER B 42 -34.97 11.87 -3.86
CA SER B 42 -35.77 12.73 -4.77
C SER B 42 -34.93 13.30 -5.90
N GLU B 43 -35.60 13.78 -6.96
CA GLU B 43 -34.95 14.48 -8.07
C GLU B 43 -34.14 15.67 -7.56
N GLU B 44 -34.76 16.47 -6.70
CA GLU B 44 -34.17 17.73 -6.21
C GLU B 44 -33.00 17.52 -5.23
N THR B 45 -33.16 16.55 -4.33
CA THR B 45 -32.13 16.22 -3.34
C THR B 45 -30.89 15.59 -3.99
N LYS B 46 -31.10 14.75 -5.01
CA LYS B 46 -29.97 14.20 -5.80
C LYS B 46 -29.25 15.27 -6.62
N GLU B 47 -30.00 16.24 -7.14
CA GLU B 47 -29.41 17.38 -7.87
C GLU B 47 -28.65 18.33 -6.92
N PHE B 48 -29.17 18.51 -5.71
CA PHE B 48 -28.46 19.22 -4.63
C PHE B 48 -27.11 18.55 -4.34
N VAL B 49 -27.11 17.23 -4.18
CA VAL B 49 -25.87 16.46 -3.93
C VAL B 49 -24.88 16.65 -5.08
N ASP B 50 -25.39 16.59 -6.32
CA ASP B 50 -24.58 16.79 -7.53
C ASP B 50 -23.97 18.19 -7.58
N ASN B 51 -24.78 19.21 -7.28
CA ASN B 51 -24.33 20.61 -7.30
C ASN B 51 -23.26 20.90 -6.24
N GLN B 52 -23.47 20.42 -5.02
CA GLN B 52 -22.51 20.63 -3.94
C GLN B 52 -21.20 19.85 -4.15
N GLU B 53 -21.30 18.72 -4.85
CA GLU B 53 -20.11 17.97 -5.31
C GLU B 53 -19.29 18.76 -6.33
N LYS B 54 -19.96 19.46 -7.25
CA LYS B 54 -19.28 20.35 -8.21
C LYS B 54 -18.57 21.49 -7.49
N LEU B 55 -19.32 22.19 -6.64
CA LEU B 55 -18.76 23.26 -5.79
C LEU B 55 -17.55 22.78 -4.99
N ALA B 56 -17.70 21.61 -4.36
CA ALA B 56 -16.62 21.01 -3.58
C ALA B 56 -15.37 20.73 -4.39
N ASN B 57 -15.54 20.03 -5.52
CA ASN B 57 -14.45 19.71 -6.43
C ASN B 57 -13.74 20.96 -6.98
N SER B 58 -14.52 22.02 -7.18
CA SER B 58 -13.96 23.29 -7.65
C SER B 58 -13.08 23.96 -6.60
N VAL B 59 -13.50 23.91 -5.34
CA VAL B 59 -12.73 24.50 -4.24
C VAL B 59 -11.52 23.62 -3.92
N LEU B 60 -11.72 22.31 -3.88
CA LEU B 60 -10.63 21.36 -3.60
C LEU B 60 -9.52 21.35 -4.65
N GLU B 61 -9.85 21.59 -5.92
CA GLU B 61 -8.83 21.74 -6.98
C GLU B 61 -7.84 22.87 -6.68
N GLU B 62 -8.31 23.94 -6.03
CA GLU B 62 -7.46 25.06 -5.63
C GLU B 62 -6.55 24.74 -4.41
N CYS B 63 -6.91 23.73 -3.64
CA CYS B 63 -6.08 23.25 -2.52
C CYS B 63 -4.94 22.37 -3.02
N GLU B 64 -3.86 23.04 -3.45
CA GLU B 64 -2.68 22.39 -4.03
C GLU B 64 -2.02 21.30 -3.18
N LEU B 65 -2.03 21.44 -1.86
CA LEU B 65 -1.34 20.51 -0.96
C LEU B 65 -2.01 19.14 -0.75
N ILE B 66 -3.25 18.95 -1.22
CA ILE B 66 -3.96 17.66 -1.08
C ILE B 66 -3.10 16.48 -1.54
N ASP B 67 -2.44 16.64 -2.69
CA ASP B 67 -1.66 15.56 -3.30
C ASP B 67 -0.42 15.20 -2.50
N LYS B 68 0.25 16.20 -1.94
CA LYS B 68 1.42 15.99 -1.08
C LYS B 68 1.03 15.33 0.24
N PHE B 69 -0.10 15.74 0.80
CA PHE B 69 -0.66 15.08 1.99
C PHE B 69 -0.96 13.61 1.73
N LYS B 70 -1.64 13.35 0.61
CA LYS B 70 -2.07 12.01 0.26
C LYS B 70 -0.90 11.05 0.11
N GLN B 71 0.13 11.48 -0.62
CA GLN B 71 1.33 10.65 -0.80
C GLN B 71 2.09 10.45 0.51
N LYS B 72 2.14 11.47 1.36
CA LYS B 72 2.83 11.38 2.64
C LYS B 72 2.05 10.54 3.65
N ILE B 73 0.72 10.58 3.61
CA ILE B 73 -0.09 9.70 4.45
C ILE B 73 0.12 8.25 4.02
N ILE B 74 0.01 7.99 2.72
CA ILE B 74 0.19 6.65 2.16
C ILE B 74 1.52 6.02 2.60
N ASP B 75 2.60 6.81 2.49
CA ASP B 75 3.92 6.37 2.94
C ASP B 75 3.98 6.11 4.45
N PHE B 76 3.50 7.07 5.24
CA PHE B 76 3.52 6.98 6.71
C PHE B 76 2.63 5.85 7.26
N VAL B 77 1.60 5.46 6.51
CA VAL B 77 0.66 4.41 6.93
C VAL B 77 1.07 3.01 6.41
N ASN B 78 2.04 2.92 5.50
CA ASN B 78 2.40 1.64 4.87
C ASN B 78 3.43 0.89 5.73
N PHE B 79 2.95 0.40 6.87
CA PHE B 79 3.72 -0.42 7.81
C PHE B 79 2.75 -1.50 8.32
N PRO B 80 3.27 -2.67 8.72
CA PRO B 80 2.34 -3.65 9.29
C PRO B 80 1.69 -3.20 10.61
N ARG B 81 0.39 -3.46 10.74
CA ARG B 81 -0.36 -3.26 11.97
C ARG B 81 -0.93 -4.60 12.42
N CYS B 82 -0.78 -4.89 13.72
CA CYS B 82 -1.25 -6.11 14.34
C CYS B 82 -2.32 -5.80 15.38
N GLY B 83 -3.41 -6.55 15.34
CA GLY B 83 -4.43 -6.50 16.38
C GLY B 83 -4.05 -7.37 17.57
N VAL B 84 -4.82 -7.24 18.64
CA VAL B 84 -4.59 -7.95 19.89
C VAL B 84 -5.07 -9.39 19.71
N PRO B 85 -4.17 -10.37 19.88
CA PRO B 85 -4.63 -11.76 19.74
C PRO B 85 -5.50 -12.23 20.90
N PHE B 86 -6.36 -13.21 20.61
CA PHE B 86 -7.14 -13.90 21.63
C PHE B 86 -7.09 -15.39 21.41
N ARG B 87 -7.27 -16.17 22.47
CA ARG B 87 -7.08 -17.61 22.44
C ARG B 87 -8.39 -18.40 22.50
N ARG B 88 -8.45 -19.45 21.71
CA ARG B 88 -9.50 -20.46 21.82
C ARG B 88 -8.78 -21.78 21.65
N ALA B 89 -8.95 -22.69 22.59
CA ALA B 89 -8.16 -23.93 22.66
C ALA B 89 -6.65 -23.58 22.63
N ASN B 90 -5.86 -24.15 21.72
CA ASN B 90 -4.43 -23.81 21.59
C ASN B 90 -4.15 -22.83 20.45
N LYS B 91 -5.21 -22.27 19.87
CA LYS B 91 -5.09 -21.39 18.72
C LYS B 91 -5.14 -19.95 19.20
N TYR B 92 -4.31 -19.10 18.59
CA TYR B 92 -4.42 -17.66 18.76
C TYR B 92 -4.89 -17.04 17.46
N PHE B 93 -5.84 -16.11 17.57
CA PHE B 93 -6.42 -15.39 16.43
C PHE B 93 -6.23 -13.89 16.57
N HIS B 94 -5.86 -13.22 15.47
CA HIS B 94 -5.72 -11.76 15.48
C HIS B 94 -5.97 -11.14 14.12
N PHE B 95 -6.32 -9.85 14.11
CA PHE B 95 -6.38 -9.08 12.87
C PHE B 95 -4.99 -8.60 12.49
N TYR B 96 -4.68 -8.63 11.19
CA TYR B 96 -3.42 -8.15 10.63
C TYR B 96 -3.67 -7.30 9.37
N ASN B 97 -2.74 -6.39 9.07
CA ASN B 97 -2.76 -5.62 7.84
C ASN B 97 -1.32 -5.27 7.48
N SER B 98 -0.86 -5.67 6.29
CA SER B 98 0.49 -5.37 5.86
C SER B 98 0.77 -3.87 5.73
N GLY B 99 -0.29 -3.05 5.59
CA GLY B 99 -0.17 -1.60 5.65
C GLY B 99 -1.21 -0.84 4.84
N LEU B 100 -1.40 -1.23 3.58
CA LEU B 100 -2.37 -0.59 2.69
C LEU B 100 -3.32 -1.61 2.07
N GLN B 101 -3.67 -2.65 2.82
CA GLN B 101 -4.70 -3.58 2.40
C GLN B 101 -6.03 -2.89 2.69
N ALA B 102 -6.99 -3.02 1.78
CA ALA B 102 -8.26 -2.32 1.91
C ALA B 102 -8.96 -2.67 3.22
N GLN B 103 -8.88 -3.94 3.61
CA GLN B 103 -9.44 -4.41 4.87
C GLN B 103 -8.44 -5.31 5.61
N ASN B 104 -8.56 -5.33 6.94
CA ASN B 104 -7.69 -6.15 7.80
C ASN B 104 -8.00 -7.61 7.61
N VAL B 105 -6.96 -8.44 7.64
CA VAL B 105 -7.07 -9.88 7.43
C VAL B 105 -7.12 -10.56 8.80
N PHE B 106 -8.05 -11.50 8.98
CA PHE B 106 -8.12 -12.29 10.21
C PHE B 106 -7.17 -13.48 10.15
N GLN B 107 -6.25 -13.58 11.10
CA GLN B 107 -5.22 -14.62 11.12
C GLN B 107 -5.40 -15.61 12.26
N MET B 108 -4.68 -16.71 12.16
CA MET B 108 -4.78 -17.84 13.08
C MET B 108 -3.39 -18.45 13.25
N GLN B 109 -3.11 -18.99 14.43
CA GLN B 109 -1.85 -19.72 14.66
C GLN B 109 -1.95 -20.73 15.79
N ASP B 110 -1.12 -21.76 15.72
CA ASP B 110 -1.02 -22.78 16.76
C ASP B 110 -0.06 -22.29 17.84
N ASP B 111 -0.64 -21.93 18.99
CA ASP B 111 0.11 -21.42 20.15
C ASP B 111 0.87 -20.10 19.86
N LEU B 112 1.54 -19.57 20.87
CA LEU B 112 2.22 -18.27 20.77
C LEU B 112 3.39 -18.26 19.79
N ASP B 113 4.27 -19.25 19.92
CA ASP B 113 5.40 -19.46 19.00
C ASP B 113 5.00 -19.64 17.52
N GLY B 114 3.80 -20.19 17.29
CA GLY B 114 3.34 -20.56 15.94
C GLY B 114 3.33 -19.46 14.91
N LYS B 115 3.40 -19.89 13.65
CA LYS B 115 3.53 -18.98 12.51
C LYS B 115 2.11 -18.64 12.05
N PRO B 116 1.82 -17.35 11.78
CA PRO B 116 0.45 -17.02 11.35
C PRO B 116 0.04 -17.61 10.00
N GLU B 117 -1.24 -17.92 9.87
CA GLU B 117 -1.87 -18.23 8.58
C GLU B 117 -3.19 -17.47 8.45
N VAL B 118 -3.64 -17.25 7.23
CA VAL B 118 -4.90 -16.53 6.99
C VAL B 118 -6.10 -17.44 7.21
N LEU B 119 -7.03 -17.00 8.05
CA LEU B 119 -8.33 -17.65 8.22
C LEU B 119 -9.43 -17.01 7.36
N TYR B 120 -9.43 -15.68 7.24
CA TYR B 120 -10.38 -14.99 6.35
C TYR B 120 -9.79 -13.68 5.82
N ASP B 121 -9.69 -13.56 4.49
CA ASP B 121 -9.18 -12.35 3.87
C ASP B 121 -10.31 -11.62 3.13
N PRO B 122 -10.85 -10.53 3.73
CA PRO B 122 -11.90 -9.74 3.06
C PRO B 122 -11.51 -9.10 1.74
N ASN B 123 -10.21 -8.91 1.50
CA ASN B 123 -9.72 -8.28 0.27
C ASN B 123 -9.95 -9.15 -0.98
N LEU B 124 -10.15 -10.45 -0.78
CA LEU B 124 -10.42 -11.38 -1.87
C LEU B 124 -11.92 -11.52 -2.20
N ARG B 125 -12.78 -11.06 -1.28
CA ARG B 125 -14.22 -10.94 -1.51
C ARG B 125 -14.55 -9.47 -1.84
N GLU B 126 -15.63 -9.26 -2.60
CA GLU B 126 -16.08 -7.92 -3.07
C GLU B 126 -15.01 -6.80 -3.26
N GLY B 127 -13.79 -7.18 -3.68
CA GLY B 127 -12.66 -6.25 -3.80
C GLY B 127 -12.23 -5.50 -2.53
N GLY B 128 -12.61 -6.00 -1.36
CA GLY B 128 -12.30 -5.35 -0.09
C GLY B 128 -13.04 -4.05 0.22
N ARG B 129 -14.30 -3.95 -0.20
CA ARG B 129 -15.16 -2.80 0.16
C ARG B 129 -15.61 -2.88 1.62
N SER B 130 -15.95 -4.10 2.05
CA SER B 130 -16.43 -4.38 3.39
C SER B 130 -15.41 -5.24 4.13
N GLY B 131 -15.15 -4.89 5.39
CA GLY B 131 -14.36 -5.71 6.29
C GLY B 131 -15.28 -6.53 7.18
N LEU B 132 -14.71 -7.16 8.19
CA LEU B 132 -15.47 -7.96 9.17
C LEU B 132 -16.01 -7.09 10.31
N SER B 133 -17.28 -7.31 10.67
CA SER B 133 -17.92 -6.67 11.81
C SER B 133 -17.96 -7.59 13.02
N LEU B 134 -18.44 -8.80 12.82
CA LEU B 134 -18.47 -9.86 13.83
C LEU B 134 -17.31 -10.83 13.54
N TYR B 135 -16.71 -11.36 14.60
CA TYR B 135 -15.65 -12.37 14.47
C TYR B 135 -15.56 -13.23 15.73
N SER B 136 -16.37 -14.27 15.77
CA SER B 136 -16.47 -15.13 16.93
C SER B 136 -15.99 -16.53 16.62
N VAL B 137 -14.88 -16.91 17.24
CA VAL B 137 -14.37 -18.28 17.16
C VAL B 137 -14.98 -19.11 18.28
N SER B 138 -15.40 -20.33 17.94
CA SER B 138 -15.96 -21.26 18.93
C SER B 138 -14.95 -21.71 19.98
N GLU B 139 -15.46 -22.32 21.05
CA GLU B 139 -14.66 -22.78 22.20
C GLU B 139 -13.60 -23.82 21.83
N ASP B 140 -13.98 -24.80 21.00
CA ASP B 140 -13.03 -25.80 20.45
C ASP B 140 -12.13 -25.31 19.29
N ALA B 141 -12.34 -24.06 18.84
CA ALA B 141 -11.58 -23.41 17.75
C ALA B 141 -11.84 -24.00 16.36
N LYS B 142 -12.94 -24.75 16.21
CA LYS B 142 -13.27 -25.42 14.94
C LYS B 142 -14.14 -24.55 14.03
N TYR B 143 -14.89 -23.62 14.60
CA TYR B 143 -15.85 -22.82 13.86
C TYR B 143 -15.57 -21.32 14.02
N PHE B 144 -15.66 -20.60 12.91
CA PHE B 144 -15.49 -19.15 12.88
C PHE B 144 -16.75 -18.51 12.30
N ALA B 145 -17.56 -17.93 13.18
CA ALA B 145 -18.71 -17.14 12.79
C ALA B 145 -18.24 -15.72 12.46
N PHE B 146 -18.63 -15.20 11.30
CA PHE B 146 -18.20 -13.86 10.90
C PHE B 146 -19.28 -13.04 10.20
N GLY B 147 -19.23 -11.74 10.41
CA GLY B 147 -20.25 -10.81 9.95
C GLY B 147 -19.73 -9.98 8.80
N ILE B 148 -20.51 -9.90 7.73
CA ILE B 148 -20.20 -8.99 6.61
C ILE B 148 -21.39 -8.08 6.36
N HIS B 149 -21.12 -6.91 5.79
CA HIS B 149 -22.18 -6.02 5.32
C HIS B 149 -22.44 -6.35 3.86
N SER B 150 -23.48 -7.15 3.61
CA SER B 150 -23.89 -7.53 2.26
C SER B 150 -24.71 -6.39 1.68
N GLY B 151 -24.03 -5.39 1.12
CA GLY B 151 -24.65 -4.16 0.64
C GLY B 151 -24.18 -2.95 1.42
N LEU B 152 -24.65 -1.78 1.02
CA LEU B 152 -24.19 -0.50 1.58
C LEU B 152 -24.73 -0.17 2.99
N THR B 153 -25.79 -0.85 3.40
CA THR B 153 -26.38 -0.66 4.72
C THR B 153 -25.51 -1.26 5.83
N GLU B 154 -25.78 -0.85 7.07
CA GLU B 154 -25.02 -1.35 8.23
C GLU B 154 -25.50 -2.71 8.76
N TRP B 155 -26.57 -3.29 8.17
CA TRP B 155 -27.03 -4.62 8.57
C TRP B 155 -25.98 -5.66 8.24
N VAL B 156 -25.79 -6.61 9.16
CA VAL B 156 -24.76 -7.63 9.07
C VAL B 156 -25.40 -8.98 8.77
N THR B 157 -24.73 -9.78 7.95
CA THR B 157 -25.08 -11.18 7.76
C THR B 157 -24.03 -12.11 8.42
N ILE B 158 -24.47 -12.92 9.39
CA ILE B 158 -23.58 -13.89 10.02
C ILE B 158 -23.45 -15.06 9.09
N LYS B 159 -22.22 -15.52 8.91
CA LYS B 159 -21.88 -16.69 8.13
C LYS B 159 -20.91 -17.49 8.99
N ILE B 160 -20.77 -18.79 8.75
CA ILE B 160 -19.90 -19.65 9.58
C ILE B 160 -18.96 -20.47 8.72
N LEU B 161 -17.72 -20.58 9.18
CA LEU B 161 -16.61 -21.19 8.46
C LEU B 161 -16.01 -22.30 9.32
N LYS B 162 -15.54 -23.38 8.69
CA LYS B 162 -14.73 -24.39 9.38
C LYS B 162 -13.28 -23.99 9.31
N THR B 163 -12.65 -23.82 10.47
CA THR B 163 -11.25 -23.39 10.53
C THR B 163 -10.26 -24.45 10.09
N GLU B 164 -10.69 -25.72 10.07
CA GLU B 164 -9.83 -26.80 9.59
C GLU B 164 -9.46 -26.65 8.12
N ASP B 165 -10.43 -26.28 7.28
CA ASP B 165 -10.21 -26.19 5.82
C ASP B 165 -10.87 -25.00 5.08
N ARG B 166 -11.29 -23.97 5.80
CA ARG B 166 -11.93 -22.76 5.21
C ARG B 166 -13.31 -22.98 4.55
N SER B 167 -13.91 -24.16 4.70
CA SER B 167 -15.19 -24.44 4.06
C SER B 167 -16.31 -23.74 4.81
N TYR B 168 -17.28 -23.23 4.05
CA TYR B 168 -18.41 -22.50 4.60
C TYR B 168 -19.46 -23.50 5.04
N LEU B 169 -20.11 -23.21 6.15
CA LEU B 169 -21.36 -23.88 6.51
C LEU B 169 -22.50 -23.23 5.72
N PRO B 170 -23.63 -23.94 5.56
CA PRO B 170 -24.77 -23.36 4.86
C PRO B 170 -25.51 -22.28 5.67
N ASP B 171 -25.33 -22.29 6.98
CA ASP B 171 -26.02 -21.39 7.90
C ASP B 171 -25.81 -19.94 7.49
N THR B 172 -26.90 -19.16 7.47
CA THR B 172 -26.88 -17.75 7.11
C THR B 172 -27.91 -17.02 7.97
N LEU B 173 -27.44 -16.08 8.78
CA LEU B 173 -28.28 -15.38 9.77
C LEU B 173 -28.38 -13.88 9.48
N GLU B 174 -29.54 -13.45 8.98
CA GLU B 174 -29.77 -12.05 8.63
C GLU B 174 -30.24 -11.22 9.81
N TRP B 175 -30.22 -9.91 9.60
CA TRP B 175 -30.85 -8.93 10.49
C TRP B 175 -30.13 -8.72 11.82
N VAL B 176 -28.81 -8.76 11.77
CA VAL B 176 -27.94 -8.46 12.91
C VAL B 176 -27.37 -7.05 12.74
N LYS B 177 -27.18 -6.33 13.84
CA LYS B 177 -26.48 -5.04 13.82
C LYS B 177 -25.17 -5.12 14.60
N PHE B 178 -25.22 -4.99 15.92
CA PHE B 178 -24.00 -4.97 16.74
C PHE B 178 -23.85 -6.24 17.56
N SER B 179 -24.76 -7.19 17.39
CA SER B 179 -24.77 -8.39 18.20
C SER B 179 -23.52 -9.20 17.98
N PRO B 180 -22.93 -9.74 19.06
CA PRO B 180 -21.87 -10.71 18.93
C PRO B 180 -22.49 -12.10 18.86
N ALA B 181 -21.67 -13.12 18.60
CA ALA B 181 -22.09 -14.51 18.57
C ALA B 181 -21.44 -15.19 19.77
N ILE B 182 -22.25 -15.58 20.74
CA ILE B 182 -21.77 -16.08 22.01
C ILE B 182 -21.96 -17.61 22.02
N TRP B 183 -20.85 -18.36 21.89
CA TRP B 183 -20.93 -19.82 21.75
C TRP B 183 -21.13 -20.49 23.08
N THR B 184 -21.99 -21.51 23.11
CA THR B 184 -22.06 -22.43 24.24
C THR B 184 -20.84 -23.37 24.23
N HIS B 185 -20.45 -23.85 25.41
CA HIS B 185 -19.29 -24.74 25.54
C HIS B 185 -19.44 -26.11 24.90
N ASP B 186 -20.67 -26.51 24.54
CA ASP B 186 -20.89 -27.76 23.77
C ASP B 186 -20.54 -27.66 22.26
N ASN B 187 -20.15 -26.47 21.80
CA ASN B 187 -19.81 -26.21 20.40
C ASN B 187 -20.97 -26.44 19.40
N LYS B 188 -22.19 -26.50 19.92
CA LYS B 188 -23.37 -26.84 19.11
C LYS B 188 -24.01 -25.63 18.45
N GLY B 189 -23.74 -24.44 18.97
CA GLY B 189 -24.36 -23.24 18.47
C GLY B 189 -24.02 -22.01 19.28
N PHE B 190 -24.83 -20.96 19.12
CA PHE B 190 -24.54 -19.70 19.78
C PHE B 190 -25.72 -18.76 19.94
N PHE B 191 -25.68 -17.96 21.00
CA PHE B 191 -26.65 -16.91 21.25
C PHE B 191 -26.28 -15.68 20.43
N TYR B 192 -27.28 -15.06 19.81
CA TYR B 192 -27.10 -13.77 19.12
C TYR B 192 -28.43 -13.01 19.21
N CYS B 193 -28.38 -11.71 18.94
CA CYS B 193 -29.54 -10.84 19.16
C CYS B 193 -29.97 -10.10 17.88
N PRO B 194 -30.80 -10.75 17.05
CA PRO B 194 -31.23 -10.14 15.80
C PRO B 194 -32.51 -9.32 15.92
N TYR B 195 -32.75 -8.51 14.92
CA TYR B 195 -34.02 -7.81 14.75
C TYR B 195 -34.95 -8.68 13.89
N PRO B 196 -36.27 -8.46 13.98
CA PRO B 196 -37.17 -9.42 13.33
C PRO B 196 -37.09 -9.37 11.80
N PRO B 197 -37.63 -10.41 11.13
CA PRO B 197 -37.70 -10.38 9.67
C PRO B 197 -38.73 -9.39 9.15
N SER B 208 -36.95 1.74 10.78
CA SER B 208 -37.70 0.68 11.46
C SER B 208 -36.98 0.18 12.72
N ALA B 209 -35.99 -0.70 12.54
CA ALA B 209 -35.25 -1.42 13.62
C ALA B 209 -35.73 -1.38 15.09
N VAL B 210 -36.82 -2.08 15.38
CA VAL B 210 -37.35 -2.25 16.75
C VAL B 210 -37.62 -3.74 17.01
N ASN B 211 -38.04 -4.06 18.24
CA ASN B 211 -38.42 -5.42 18.65
C ASN B 211 -37.28 -6.41 18.51
N GLN B 212 -36.11 -6.05 19.04
CA GLN B 212 -34.94 -6.92 19.01
C GLN B 212 -35.21 -8.18 19.83
N GLU B 213 -34.66 -9.29 19.37
CA GLU B 213 -34.92 -10.62 19.96
C GLU B 213 -33.60 -11.20 20.46
N ALA B 214 -33.69 -12.12 21.40
CA ALA B 214 -32.54 -12.91 21.82
C ALA B 214 -32.75 -14.33 21.31
N ARG B 215 -31.88 -14.76 20.41
CA ARG B 215 -32.01 -16.05 19.72
C ARG B 215 -30.85 -16.99 20.07
N TYR B 216 -31.12 -18.29 20.02
CA TYR B 216 -30.07 -19.31 19.98
C TYR B 216 -30.16 -20.02 18.64
N HIS B 217 -29.01 -20.13 17.98
CA HIS B 217 -28.90 -20.79 16.68
C HIS B 217 -28.09 -22.08 16.81
N PHE B 218 -28.65 -23.20 16.36
CA PHE B 218 -27.89 -24.45 16.27
C PHE B 218 -27.16 -24.50 14.92
N LEU B 219 -25.92 -25.00 14.93
CA LEU B 219 -25.17 -25.21 13.69
C LEU B 219 -25.88 -26.24 12.81
N GLY B 220 -25.84 -26.00 11.50
CA GLY B 220 -26.54 -26.82 10.52
C GLY B 220 -28.06 -26.66 10.45
N THR B 221 -28.57 -25.47 10.79
CA THR B 221 -30.01 -25.19 10.65
C THR B 221 -30.26 -23.86 9.97
N ASP B 222 -31.46 -23.68 9.44
CA ASP B 222 -31.89 -22.40 8.88
C ASP B 222 -32.20 -21.46 10.04
N GLN B 223 -32.06 -20.15 9.80
CA GLN B 223 -32.38 -19.13 10.81
C GLN B 223 -33.80 -19.23 11.37
N SER B 224 -34.76 -19.66 10.55
CA SER B 224 -36.16 -19.83 11.01
C SER B 224 -36.35 -20.88 12.12
N GLU B 225 -35.39 -21.78 12.27
CA GLU B 225 -35.40 -22.78 13.35
C GLU B 225 -34.79 -22.30 14.68
N ASP B 226 -34.21 -21.09 14.70
CA ASP B 226 -33.55 -20.54 15.89
C ASP B 226 -34.52 -20.36 17.06
N ILE B 227 -34.06 -20.72 18.26
CA ILE B 227 -34.89 -20.71 19.45
C ILE B 227 -34.98 -19.27 19.99
N LEU B 228 -36.20 -18.78 20.18
CA LEU B 228 -36.43 -17.48 20.80
C LEU B 228 -36.28 -17.57 22.32
N LEU B 229 -35.39 -16.73 22.89
CA LEU B 229 -35.21 -16.67 24.34
C LEU B 229 -35.95 -15.49 24.96
N TRP B 230 -35.85 -14.32 24.34
CA TRP B 230 -36.48 -13.11 24.87
C TRP B 230 -36.90 -12.16 23.77
N ARG B 231 -38.04 -11.51 23.98
CA ARG B 231 -38.40 -10.26 23.30
C ARG B 231 -39.53 -9.56 24.05
N ASP B 232 -39.66 -8.25 23.82
CA ASP B 232 -40.63 -7.41 24.53
C ASP B 232 -41.34 -6.49 23.55
N LEU B 233 -42.46 -6.98 23.02
CA LEU B 233 -43.29 -6.21 22.10
C LEU B 233 -43.97 -5.01 22.79
N GLU B 234 -44.14 -5.06 24.12
CA GLU B 234 -44.65 -3.93 24.91
C GLU B 234 -43.64 -2.78 25.11
N ASN B 235 -42.36 -3.04 24.85
CA ASN B 235 -41.29 -2.02 24.91
C ASN B 235 -40.38 -2.13 23.67
N PRO B 236 -40.90 -1.78 22.47
CA PRO B 236 -40.18 -2.01 21.21
C PRO B 236 -38.79 -1.33 21.10
N ALA B 237 -38.58 -0.25 21.82
CA ALA B 237 -37.32 0.52 21.79
C ALA B 237 -36.19 -0.10 22.63
N HIS B 238 -36.51 -0.99 23.56
CA HIS B 238 -35.50 -1.66 24.39
C HIS B 238 -34.59 -2.53 23.53
N HIS B 239 -33.28 -2.43 23.75
CA HIS B 239 -32.28 -3.15 22.93
C HIS B 239 -31.38 -4.03 23.81
N LEU B 240 -30.62 -4.90 23.17
CA LEU B 240 -30.03 -6.07 23.82
C LEU B 240 -28.53 -6.22 23.63
N LYS B 241 -27.87 -6.65 24.70
CA LYS B 241 -26.53 -7.23 24.63
C LYS B 241 -26.57 -8.50 25.45
N CYS B 242 -25.67 -9.43 25.17
CA CYS B 242 -25.65 -10.69 25.89
C CYS B 242 -24.26 -11.24 26.02
N GLN B 243 -24.14 -12.24 26.89
CA GLN B 243 -22.86 -12.73 27.34
C GLN B 243 -23.06 -14.13 27.90
N ILE B 244 -21.98 -14.90 27.94
CA ILE B 244 -21.97 -16.19 28.62
C ILE B 244 -20.78 -16.21 29.58
N THR B 245 -20.97 -16.81 30.75
CA THR B 245 -19.93 -16.87 31.77
C THR B 245 -18.82 -17.81 31.31
N ASP B 246 -17.61 -17.60 31.82
CA ASP B 246 -16.45 -18.38 31.36
C ASP B 246 -16.59 -19.90 31.63
N ASP B 247 -17.25 -20.27 32.73
CA ASP B 247 -17.56 -21.68 33.02
C ASP B 247 -18.64 -22.30 32.12
N GLY B 248 -19.31 -21.46 31.32
CA GLY B 248 -20.27 -21.92 30.31
C GLY B 248 -21.69 -22.16 30.83
N LYS B 249 -21.92 -21.90 32.12
CA LYS B 249 -23.15 -22.32 32.80
C LYS B 249 -24.29 -21.31 32.73
N TYR B 250 -23.98 -20.03 32.51
CA TYR B 250 -24.97 -18.96 32.60
C TYR B 250 -25.01 -18.12 31.35
N PHE B 251 -26.19 -18.00 30.77
CA PHE B 251 -26.44 -17.03 29.70
C PHE B 251 -26.98 -15.76 30.34
N LEU B 252 -26.32 -14.63 30.08
CA LEU B 252 -26.72 -13.34 30.66
C LEU B 252 -27.26 -12.41 29.56
N LEU B 253 -28.45 -11.85 29.80
CA LEU B 253 -29.10 -10.94 28.86
C LEU B 253 -29.19 -9.55 29.48
N TYR B 254 -28.51 -8.58 28.85
CA TYR B 254 -28.57 -7.18 29.26
C TYR B 254 -29.60 -6.44 28.43
N ILE B 255 -30.52 -5.73 29.08
CA ILE B 255 -31.55 -4.96 28.38
C ILE B 255 -31.30 -3.49 28.64
N LEU B 256 -31.38 -2.67 27.59
CA LEU B 256 -31.04 -1.24 27.67
C LEU B 256 -32.18 -0.35 27.21
N ASP B 257 -32.30 0.82 27.84
CA ASP B 257 -33.42 1.72 27.64
C ASP B 257 -33.19 2.55 26.40
N GLY B 258 -32.02 3.18 26.32
CA GLY B 258 -31.62 3.94 25.15
C GLY B 258 -30.11 3.94 25.05
N CYS B 259 -29.54 5.15 24.95
CA CYS B 259 -28.10 5.34 24.88
C CYS B 259 -27.47 5.46 26.28
N ASP B 260 -28.30 5.48 27.33
CA ASP B 260 -27.84 5.75 28.70
C ASP B 260 -27.06 4.57 29.30
N ASP B 261 -26.06 4.87 30.12
CA ASP B 261 -25.20 3.87 30.76
C ASP B 261 -25.96 3.24 31.95
N ALA B 262 -26.86 2.32 31.60
CA ALA B 262 -27.69 1.60 32.57
C ALA B 262 -28.30 0.39 31.88
N ASN B 263 -28.59 -0.65 32.64
CA ASN B 263 -29.15 -1.87 32.07
C ASN B 263 -29.74 -2.80 33.11
N LYS B 264 -30.66 -3.64 32.65
CA LYS B 264 -31.16 -4.77 33.41
C LYS B 264 -30.18 -5.94 33.28
N VAL B 265 -30.33 -6.94 34.15
CA VAL B 265 -29.48 -8.14 34.15
C VAL B 265 -30.37 -9.36 34.38
N TYR B 266 -30.54 -10.16 33.34
CA TYR B 266 -31.35 -11.38 33.36
C TYR B 266 -30.39 -12.56 33.21
N CYS B 267 -30.47 -13.53 34.11
CA CYS B 267 -29.59 -14.71 34.11
C CYS B 267 -30.38 -16.00 33.86
N LEU B 268 -29.92 -16.80 32.90
CA LEU B 268 -30.52 -18.11 32.61
C LEU B 268 -29.50 -19.17 32.94
N ASP B 269 -29.86 -20.11 33.82
CA ASP B 269 -28.99 -21.25 34.14
C ASP B 269 -29.11 -22.32 33.04
N LEU B 270 -28.02 -22.51 32.31
CA LEU B 270 -28.00 -23.49 31.22
C LEU B 270 -27.90 -24.94 31.72
N THR B 271 -27.34 -25.16 32.91
CA THR B 271 -27.26 -26.53 33.47
C THR B 271 -28.63 -27.07 33.91
N LYS B 272 -29.56 -26.17 34.25
CA LYS B 272 -30.89 -26.57 34.76
C LYS B 272 -31.94 -26.95 33.70
N LEU B 273 -31.62 -26.81 32.41
CA LEU B 273 -32.56 -27.20 31.34
C LEU B 273 -32.52 -28.70 31.07
N PRO B 274 -33.67 -29.40 31.22
CA PRO B 274 -33.72 -30.77 30.69
C PRO B 274 -33.76 -30.71 29.16
N ASN B 275 -33.12 -31.68 28.50
CA ASN B 275 -32.62 -31.51 27.13
C ASN B 275 -31.68 -30.29 27.11
N GLY B 276 -31.21 -29.88 25.94
CA GLY B 276 -30.41 -28.65 25.83
C GLY B 276 -31.32 -27.44 25.81
N LEU B 277 -30.93 -26.46 24.98
CA LEU B 277 -31.78 -25.31 24.66
C LEU B 277 -33.00 -25.68 23.79
N GLU B 278 -33.06 -26.91 23.28
CA GLU B 278 -34.31 -27.51 22.79
C GLU B 278 -35.45 -27.51 23.82
N SER B 279 -35.13 -27.39 25.11
CA SER B 279 -36.09 -27.10 26.19
C SER B 279 -37.18 -26.09 25.82
N PHE B 280 -36.79 -25.04 25.09
CA PHE B 280 -37.72 -23.99 24.67
C PHE B 280 -38.18 -24.14 23.21
N ARG B 281 -38.13 -25.36 22.66
CA ARG B 281 -38.35 -25.63 21.23
C ARG B 281 -39.55 -24.88 20.70
N GLY B 282 -40.73 -25.19 21.23
CA GLY B 282 -41.97 -24.51 20.88
C GLY B 282 -42.07 -23.22 21.66
N ARG B 283 -42.83 -22.27 21.10
CA ARG B 283 -43.09 -20.94 21.68
C ARG B 283 -42.53 -20.73 23.09
N GLU B 284 -43.33 -21.03 24.14
CA GLU B 284 -43.09 -20.57 25.53
C GLU B 284 -42.31 -19.24 25.55
N ASP B 285 -42.96 -18.17 25.05
CA ASP B 285 -42.23 -16.95 24.69
C ASP B 285 -41.67 -16.25 25.93
N SER B 286 -40.38 -15.95 25.87
CA SER B 286 -39.52 -15.68 27.03
C SER B 286 -39.23 -16.95 27.86
N ALA B 287 -37.95 -17.08 28.24
CA ALA B 287 -37.42 -18.26 28.95
C ALA B 287 -37.38 -17.90 30.44
N PRO B 288 -37.18 -18.88 31.36
CA PRO B 288 -37.25 -18.58 32.79
C PRO B 288 -35.97 -17.91 33.31
N PHE B 289 -35.80 -16.63 32.98
CA PHE B 289 -34.67 -15.85 33.44
C PHE B 289 -34.85 -15.49 34.92
N MET B 290 -33.75 -15.50 35.67
CA MET B 290 -33.69 -14.89 37.00
C MET B 290 -33.37 -13.42 36.74
N LYS B 291 -34.34 -12.54 37.00
CA LYS B 291 -34.22 -11.11 36.74
C LYS B 291 -33.56 -10.43 37.94
N LEU B 292 -32.23 -10.53 37.99
CA LEU B 292 -31.42 -9.98 39.08
C LEU B 292 -31.53 -8.45 39.18
N ILE B 293 -31.64 -7.79 38.04
CA ILE B 293 -31.93 -6.37 37.96
C ILE B 293 -33.03 -6.17 36.92
N ASP B 294 -34.17 -5.63 37.35
CA ASP B 294 -35.33 -5.39 36.46
C ASP B 294 -35.67 -3.90 36.32
N SER B 295 -34.66 -3.04 36.43
CA SER B 295 -34.84 -1.60 36.29
C SER B 295 -33.59 -0.96 35.66
N PHE B 296 -33.76 0.28 35.21
CA PHE B 296 -32.68 1.02 34.52
C PHE B 296 -31.95 2.01 35.43
N ASP B 297 -31.79 1.68 36.72
CA ASP B 297 -31.15 2.58 37.69
C ASP B 297 -29.64 2.70 37.49
N ALA B 298 -28.97 1.58 37.23
CA ALA B 298 -27.52 1.56 37.10
C ALA B 298 -27.05 0.62 36.01
N SER B 299 -25.78 0.77 35.61
CA SER B 299 -25.12 -0.15 34.70
C SER B 299 -24.59 -1.36 35.48
N TYR B 300 -24.58 -2.53 34.85
CA TYR B 300 -24.07 -3.77 35.45
C TYR B 300 -23.46 -4.62 34.35
N THR B 301 -22.22 -5.07 34.55
CA THR B 301 -21.53 -5.95 33.61
C THR B 301 -20.86 -7.07 34.41
N ALA B 302 -21.29 -8.32 34.20
CA ALA B 302 -20.68 -9.47 34.89
C ALA B 302 -19.21 -9.62 34.51
N ILE B 303 -18.35 -9.76 35.52
CA ILE B 303 -16.90 -9.90 35.34
C ILE B 303 -16.43 -11.35 35.61
N ALA B 304 -17.03 -12.02 36.58
CA ALA B 304 -16.72 -13.43 36.84
C ALA B 304 -17.79 -14.04 37.71
N ASN B 305 -17.78 -15.37 37.77
CA ASN B 305 -18.64 -16.07 38.73
C ASN B 305 -18.00 -17.35 39.26
N ASP B 306 -18.40 -17.71 40.47
CA ASP B 306 -18.07 -19.01 41.08
C ASP B 306 -19.38 -19.62 41.54
N GLY B 307 -19.91 -20.53 40.75
CA GLY B 307 -21.29 -20.97 40.90
C GLY B 307 -22.24 -19.79 40.72
N SER B 308 -23.14 -19.60 41.68
CA SER B 308 -24.10 -18.51 41.65
C SER B 308 -23.55 -17.20 42.26
N VAL B 309 -22.29 -17.17 42.66
CA VAL B 309 -21.66 -15.98 43.26
C VAL B 309 -20.99 -15.12 42.17
N PHE B 310 -21.64 -14.02 41.82
CA PHE B 310 -21.23 -13.15 40.70
C PHE B 310 -20.49 -11.89 41.13
N THR B 311 -19.42 -11.55 40.41
CA THR B 311 -18.74 -10.26 40.52
C THR B 311 -19.16 -9.35 39.36
N PHE B 312 -19.81 -8.22 39.66
CA PHE B 312 -20.24 -7.23 38.64
C PHE B 312 -19.45 -5.93 38.71
N GLN B 313 -19.22 -5.29 37.57
CA GLN B 313 -18.85 -3.87 37.51
C GLN B 313 -20.13 -3.05 37.47
N THR B 314 -20.21 -1.97 38.24
CA THR B 314 -21.44 -1.14 38.29
C THR B 314 -21.19 0.34 38.60
N ASN B 315 -22.20 1.18 38.32
CA ASN B 315 -22.21 2.59 38.77
C ASN B 315 -23.31 2.91 39.80
N LYS B 316 -23.82 1.87 40.46
CA LYS B 316 -24.89 2.01 41.46
C LYS B 316 -24.33 2.75 42.67
N ASP B 317 -24.84 3.96 42.90
CA ASP B 317 -24.31 4.89 43.92
C ASP B 317 -22.79 5.07 43.79
N ALA B 318 -22.30 5.18 42.56
CA ALA B 318 -20.87 5.18 42.28
C ALA B 318 -20.55 5.74 40.88
N PRO B 319 -20.55 7.08 40.74
CA PRO B 319 -20.20 7.76 39.48
C PRO B 319 -18.93 7.25 38.77
N ARG B 320 -17.87 6.94 39.52
CA ARG B 320 -16.59 6.46 38.96
C ARG B 320 -16.49 4.93 38.87
N LYS B 321 -17.61 4.26 39.11
CA LYS B 321 -17.74 2.81 39.03
C LYS B 321 -16.94 2.03 40.08
N LYS B 322 -17.36 0.79 40.28
CA LYS B 322 -16.80 -0.11 41.29
C LYS B 322 -17.15 -1.56 40.96
N LEU B 323 -16.51 -2.50 41.65
CA LEU B 323 -16.86 -3.91 41.56
C LEU B 323 -17.64 -4.34 42.81
N VAL B 324 -18.67 -5.16 42.60
CA VAL B 324 -19.54 -5.65 43.67
C VAL B 324 -19.81 -7.14 43.51
N ARG B 325 -20.24 -7.79 44.59
CA ARG B 325 -20.51 -9.24 44.59
C ARG B 325 -21.92 -9.54 45.08
N VAL B 326 -22.55 -10.55 44.48
CA VAL B 326 -23.92 -10.96 44.81
C VAL B 326 -24.13 -12.45 44.47
N ASP B 327 -24.90 -13.14 45.30
CA ASP B 327 -25.26 -14.53 45.08
C ASP B 327 -26.68 -14.52 44.52
N LEU B 328 -26.90 -15.18 43.39
CA LEU B 328 -28.25 -15.25 42.78
C LEU B 328 -29.31 -15.94 43.67
N ASN B 329 -28.86 -16.74 44.64
CA ASN B 329 -29.75 -17.33 45.67
C ASN B 329 -30.05 -16.41 46.88
N ASN B 330 -29.24 -15.37 47.04
CA ASN B 330 -29.44 -14.32 48.06
C ASN B 330 -29.18 -12.95 47.38
N PRO B 331 -30.08 -12.56 46.46
CA PRO B 331 -29.86 -11.41 45.55
C PRO B 331 -30.05 -10.01 46.15
N SER B 332 -30.76 -9.90 47.28
CA SER B 332 -30.88 -8.62 47.98
C SER B 332 -29.61 -8.15 48.69
N VAL B 333 -28.65 -9.05 48.88
CA VAL B 333 -27.39 -8.74 49.59
C VAL B 333 -26.25 -8.55 48.58
N TRP B 334 -25.89 -7.29 48.35
CA TRP B 334 -24.76 -6.89 47.49
C TRP B 334 -23.61 -6.37 48.35
N THR B 335 -22.37 -6.74 48.02
CA THR B 335 -21.18 -6.36 48.79
C THR B 335 -20.16 -5.70 47.87
N ASP B 336 -19.49 -4.65 48.34
CA ASP B 336 -18.42 -4.03 47.56
C ASP B 336 -17.16 -4.89 47.62
N LEU B 337 -16.68 -5.33 46.45
CA LEU B 337 -15.46 -6.11 46.33
C LEU B 337 -14.28 -5.16 46.19
N VAL B 338 -14.34 -4.33 45.15
CA VAL B 338 -13.39 -3.23 44.95
C VAL B 338 -14.22 -1.95 44.99
N PRO B 339 -14.16 -1.20 46.11
CA PRO B 339 -15.04 -0.03 46.25
C PRO B 339 -14.63 1.12 45.36
N GLU B 340 -15.57 2.03 45.10
CA GLU B 340 -15.35 3.19 44.24
C GLU B 340 -14.14 4.03 44.67
N SER B 341 -13.25 4.33 43.72
CA SER B 341 -12.15 5.26 43.95
C SER B 341 -12.69 6.67 44.07
N LYS B 342 -12.00 7.49 44.85
CA LYS B 342 -12.46 8.84 45.15
C LYS B 342 -12.07 9.80 44.02
N LYS B 343 -11.08 9.41 43.20
CA LYS B 343 -10.59 10.28 42.12
C LYS B 343 -10.57 9.69 40.71
N ASP B 344 -10.53 8.37 40.55
CA ASP B 344 -10.31 7.72 39.24
C ASP B 344 -11.45 6.77 38.81
N LEU B 345 -11.76 6.78 37.52
CA LEU B 345 -12.82 5.95 36.95
C LEU B 345 -12.34 4.53 36.77
N LEU B 346 -13.15 3.57 37.22
CA LEU B 346 -12.96 2.17 36.86
C LEU B 346 -13.62 1.94 35.48
N GLU B 347 -12.80 1.93 34.43
CA GLU B 347 -13.32 1.86 33.06
C GLU B 347 -13.72 0.43 32.66
N SER B 348 -12.82 -0.53 32.87
CA SER B 348 -13.13 -1.93 32.58
C SER B 348 -12.40 -2.86 33.53
N ALA B 349 -12.97 -4.04 33.75
CA ALA B 349 -12.37 -5.08 34.61
C ALA B 349 -12.48 -6.43 33.94
N HIS B 350 -11.43 -7.24 34.02
CA HIS B 350 -11.34 -8.54 33.34
C HIS B 350 -10.79 -9.62 34.28
N ALA B 351 -11.56 -10.68 34.47
CA ALA B 351 -11.10 -11.87 35.21
C ALA B 351 -10.08 -12.63 34.39
N VAL B 352 -8.94 -12.94 35.01
CA VAL B 352 -7.78 -13.54 34.34
C VAL B 352 -7.00 -14.50 35.21
N ASN B 353 -6.30 -15.45 34.58
CA ASN B 353 -5.38 -16.36 35.27
C ASN B 353 -6.06 -17.11 36.44
N GLU B 354 -7.27 -17.59 36.18
CA GLU B 354 -8.10 -18.35 37.14
C GLU B 354 -8.60 -17.57 38.37
N ASN B 355 -7.69 -16.93 39.11
CA ASN B 355 -7.99 -16.29 40.39
C ASN B 355 -7.52 -14.82 40.46
N GLN B 356 -7.22 -14.21 39.32
CA GLN B 356 -6.77 -12.82 39.25
C GLN B 356 -7.74 -11.97 38.43
N LEU B 357 -7.54 -10.67 38.51
CA LEU B 357 -8.51 -9.68 38.11
C LEU B 357 -7.76 -8.46 37.65
N ILE B 358 -7.83 -8.13 36.36
CA ILE B 358 -7.13 -6.94 35.83
C ILE B 358 -8.12 -5.81 35.65
N LEU B 359 -7.85 -4.69 36.31
CA LEU B 359 -8.69 -3.49 36.26
C LEU B 359 -7.99 -2.36 35.50
N ARG B 360 -8.71 -1.78 34.54
CA ARG B 360 -8.24 -0.59 33.81
C ARG B 360 -8.87 0.66 34.40
N TYR B 361 -8.02 1.50 35.00
CA TYR B 361 -8.45 2.76 35.59
C TYR B 361 -8.07 3.92 34.68
N LEU B 362 -8.95 4.89 34.56
CA LEU B 362 -8.67 6.16 33.87
C LEU B 362 -8.41 7.24 34.93
N SER B 363 -7.17 7.74 34.97
CA SER B 363 -6.71 8.69 35.98
C SER B 363 -6.14 9.92 35.29
N ASP B 364 -6.89 11.03 35.35
CA ASP B 364 -6.59 12.25 34.57
C ASP B 364 -6.27 11.89 33.11
N VAL B 365 -7.18 11.14 32.49
CA VAL B 365 -7.10 10.73 31.09
C VAL B 365 -5.81 9.95 30.72
N LYS B 366 -5.30 9.19 31.68
CA LYS B 366 -4.20 8.26 31.48
C LYS B 366 -4.59 6.95 32.12
N HIS B 367 -4.22 5.84 31.48
CA HIS B 367 -4.63 4.54 31.97
C HIS B 367 -3.70 4.03 33.06
N VAL B 368 -4.30 3.32 34.01
CA VAL B 368 -3.55 2.61 35.05
C VAL B 368 -4.14 1.21 35.13
N LEU B 369 -3.29 0.21 34.92
CA LEU B 369 -3.71 -1.20 34.96
C LEU B 369 -3.37 -1.77 36.30
N GLU B 370 -4.37 -2.30 37.01
CA GLU B 370 -4.17 -2.97 38.30
C GLU B 370 -4.49 -4.46 38.19
N ILE B 371 -3.62 -5.29 38.76
CA ILE B 371 -3.87 -6.72 38.92
C ILE B 371 -4.26 -6.94 40.39
N ARG B 372 -5.42 -7.55 40.60
CA ARG B 372 -5.94 -7.84 41.95
C ARG B 372 -6.34 -9.30 42.10
N ASP B 373 -6.39 -9.77 43.35
CA ASP B 373 -6.92 -11.09 43.66
C ASP B 373 -8.44 -11.06 43.49
N LEU B 374 -8.97 -12.03 42.76
CA LEU B 374 -10.40 -12.10 42.45
C LEU B 374 -11.30 -12.25 43.67
N GLU B 375 -10.94 -13.19 44.54
CA GLU B 375 -11.76 -13.56 45.70
C GLU B 375 -11.80 -12.44 46.75
N SER B 376 -10.63 -11.93 47.12
CA SER B 376 -10.52 -10.87 48.14
C SER B 376 -10.66 -9.44 47.60
N GLY B 377 -10.13 -9.19 46.41
CA GLY B 377 -10.05 -7.82 45.85
C GLY B 377 -8.77 -7.08 46.21
N ALA B 378 -7.80 -7.78 46.81
CA ALA B 378 -6.53 -7.18 47.22
C ALA B 378 -5.66 -6.75 46.03
N LEU B 379 -5.03 -5.59 46.14
CA LEU B 379 -4.11 -5.07 45.12
C LEU B 379 -2.78 -5.84 45.17
N GLN B 380 -2.25 -6.20 43.99
CA GLN B 380 -1.02 -6.99 43.86
C GLN B 380 0.05 -6.26 43.06
N HIS B 381 -0.26 -5.86 41.84
CA HIS B 381 0.60 -4.99 41.04
C HIS B 381 -0.21 -3.82 40.50
N ARG B 382 0.51 -2.79 40.08
CA ARG B 382 -0.08 -1.56 39.56
C ARG B 382 0.85 -0.94 38.54
N LEU B 383 0.51 -1.07 37.26
CA LEU B 383 1.29 -0.47 36.19
C LEU B 383 0.58 0.78 35.65
N PRO B 384 1.05 1.99 36.05
CA PRO B 384 0.63 3.20 35.34
C PRO B 384 1.22 3.24 33.92
N ILE B 385 0.48 3.85 33.01
CA ILE B 385 0.86 3.87 31.59
C ILE B 385 0.98 5.32 31.13
N ASP B 386 1.86 5.53 30.15
CA ASP B 386 2.15 6.87 29.62
C ASP B 386 0.97 7.49 28.90
N ILE B 387 1.14 8.77 28.57
CA ILE B 387 0.18 9.53 27.76
C ILE B 387 -0.14 8.65 26.55
N GLY B 388 -1.42 8.32 26.40
CA GLY B 388 -1.86 7.36 25.41
C GLY B 388 -3.07 6.57 25.88
N SER B 389 -3.29 5.42 25.23
CA SER B 389 -4.38 4.53 25.59
C SER B 389 -3.92 3.08 25.61
N VAL B 390 -4.55 2.30 26.48
CA VAL B 390 -4.49 0.85 26.50
C VAL B 390 -5.92 0.38 26.25
N ASP B 391 -6.07 -0.61 25.38
CA ASP B 391 -7.40 -1.03 24.89
C ASP B 391 -7.34 -2.49 24.39
N GLY B 392 -8.51 -3.08 24.21
CA GLY B 392 -8.63 -4.42 23.64
C GLY B 392 -8.16 -5.56 24.53
N ILE B 393 -8.49 -5.52 25.81
CA ILE B 393 -8.22 -6.65 26.71
C ILE B 393 -9.34 -7.67 26.52
N THR B 394 -9.01 -8.78 25.89
CA THR B 394 -9.95 -9.85 25.58
C THR B 394 -9.62 -11.17 26.30
N ALA B 395 -8.68 -11.15 27.24
CA ALA B 395 -8.29 -12.35 27.96
C ALA B 395 -9.45 -12.83 28.82
N ARG B 396 -9.69 -14.15 28.78
CA ARG B 396 -10.72 -14.78 29.59
C ARG B 396 -10.11 -15.26 30.91
N ARG B 397 -10.96 -15.74 31.81
CA ARG B 397 -10.52 -16.19 33.15
C ARG B 397 -9.53 -17.36 33.09
N ARG B 398 -9.76 -18.30 32.19
CA ARG B 398 -8.88 -19.46 32.03
C ARG B 398 -7.55 -19.15 31.34
N ASP B 399 -7.38 -17.95 30.80
CA ASP B 399 -6.12 -17.54 30.14
C ASP B 399 -5.11 -17.04 31.17
N SER B 400 -3.85 -17.46 31.01
CA SER B 400 -2.73 -17.01 31.85
C SER B 400 -1.86 -15.89 31.23
N VAL B 401 -1.92 -15.73 29.90
CA VAL B 401 -1.26 -14.61 29.23
C VAL B 401 -2.32 -13.58 28.85
N VAL B 402 -2.09 -12.33 29.25
CA VAL B 402 -2.96 -11.19 28.89
C VAL B 402 -2.31 -10.34 27.82
N PHE B 403 -3.08 -9.96 26.81
CA PHE B 403 -2.61 -9.03 25.79
C PHE B 403 -3.41 -7.74 25.83
N PHE B 404 -2.72 -6.62 25.53
CA PHE B 404 -3.40 -5.35 25.31
C PHE B 404 -2.65 -4.50 24.29
N LYS B 405 -3.39 -3.64 23.60
CA LYS B 405 -2.81 -2.73 22.62
C LYS B 405 -2.56 -1.40 23.28
N PHE B 406 -1.36 -0.86 23.09
CA PHE B 406 -1.03 0.50 23.52
C PHE B 406 -0.82 1.39 22.31
N THR B 407 -1.29 2.62 22.41
CA THR B 407 -1.04 3.65 21.41
C THR B 407 -1.05 5.05 22.03
N SER B 408 -0.39 5.98 21.37
CA SER B 408 -0.41 7.41 21.73
C SER B 408 -0.28 8.29 20.47
N ILE B 409 -0.17 9.60 20.65
CA ILE B 409 -0.01 10.56 19.54
C ILE B 409 1.25 10.24 18.72
N LEU B 410 2.33 9.86 19.40
CA LEU B 410 3.61 9.56 18.78
C LEU B 410 4.03 8.07 18.85
N THR B 411 3.11 7.18 19.23
CA THR B 411 3.38 5.74 19.35
C THR B 411 2.39 4.95 18.47
N PRO B 412 2.84 4.50 17.28
CA PRO B 412 2.00 3.82 16.28
C PRO B 412 1.08 2.72 16.81
N GLY B 413 1.60 1.85 17.69
CA GLY B 413 0.83 0.71 18.20
C GLY B 413 1.70 -0.45 18.68
N ILE B 414 1.67 -0.72 19.97
CA ILE B 414 2.41 -1.84 20.56
C ILE B 414 1.41 -2.83 21.16
N VAL B 415 1.44 -4.07 20.70
CA VAL B 415 0.70 -5.14 21.39
C VAL B 415 1.61 -5.69 22.48
N TYR B 416 1.22 -5.47 23.73
CA TYR B 416 1.99 -5.96 24.88
C TYR B 416 1.45 -7.31 25.34
N GLN B 417 2.30 -8.03 26.07
CA GLN B 417 2.02 -9.40 26.52
C GLN B 417 2.47 -9.52 27.96
N CYS B 418 1.56 -9.97 28.82
CA CYS B 418 1.82 -10.15 30.24
C CYS B 418 1.52 -11.59 30.66
N ASP B 419 2.57 -12.38 30.87
CA ASP B 419 2.43 -13.76 31.36
C ASP B 419 2.25 -13.69 32.87
N LEU B 420 1.01 -13.75 33.32
CA LEU B 420 0.70 -13.64 34.77
C LEU B 420 1.11 -14.85 35.61
N LYS B 421 1.25 -16.02 34.97
CA LYS B 421 1.63 -17.24 35.67
C LYS B 421 3.15 -17.26 35.93
N ASN B 422 3.92 -17.09 34.86
CA ASN B 422 5.40 -17.06 34.89
C ASN B 422 5.84 -15.62 34.57
N ASP B 423 6.69 -15.00 35.39
CA ASP B 423 7.18 -13.62 35.17
C ASP B 423 6.07 -12.55 35.13
N PRO B 424 5.22 -12.51 36.18
CA PRO B 424 3.98 -11.71 36.19
C PRO B 424 4.12 -10.21 36.06
N THR B 425 5.27 -9.66 36.44
CA THR B 425 5.45 -8.20 36.46
C THR B 425 5.97 -7.63 35.12
N GLN B 426 6.65 -8.45 34.33
CA GLN B 426 7.31 -7.98 33.09
C GLN B 426 6.38 -8.00 31.88
N LEU B 427 6.57 -7.05 30.97
CA LEU B 427 5.78 -6.92 29.74
C LEU B 427 6.68 -7.20 28.53
N LYS B 428 6.27 -8.14 27.69
CA LYS B 428 6.95 -8.42 26.42
C LYS B 428 6.17 -7.83 25.25
N ILE B 429 6.90 -7.40 24.23
CA ILE B 429 6.32 -6.86 23.02
C ILE B 429 5.98 -8.02 22.08
N PHE B 430 4.71 -8.35 21.99
CA PHE B 430 4.19 -9.31 21.00
C PHE B 430 4.46 -8.77 19.60
N ARG B 431 4.08 -7.52 19.35
CA ARG B 431 4.33 -6.83 18.07
C ARG B 431 4.43 -5.32 18.23
N GLU B 432 5.46 -4.72 17.62
CA GLU B 432 5.63 -3.26 17.61
C GLU B 432 5.66 -2.74 16.18
N SER B 433 4.65 -1.95 15.83
CA SER B 433 4.60 -1.27 14.54
C SER B 433 5.54 -0.06 14.55
N VAL B 434 6.42 0.02 13.56
CA VAL B 434 7.36 1.15 13.39
C VAL B 434 6.94 1.98 12.17
N VAL B 435 6.79 3.29 12.36
CA VAL B 435 6.41 4.21 11.27
C VAL B 435 7.68 4.70 10.55
N PRO B 436 7.70 4.62 9.20
CA PRO B 436 8.87 5.09 8.44
C PRO B 436 8.95 6.62 8.34
N ASP B 437 10.17 7.14 8.22
CA ASP B 437 10.45 8.55 7.98
C ASP B 437 9.80 9.47 9.04
N PHE B 438 9.97 9.10 10.31
CA PHE B 438 9.37 9.82 11.44
C PHE B 438 10.24 9.73 12.70
N ASP B 439 10.76 10.88 13.14
CA ASP B 439 11.57 10.99 14.35
C ASP B 439 10.71 11.46 15.53
N ARG B 440 10.33 10.51 16.38
CA ARG B 440 9.43 10.74 17.53
C ARG B 440 9.99 11.70 18.57
N SER B 441 11.31 11.64 18.77
CA SER B 441 11.97 12.45 19.78
C SER B 441 11.95 13.95 19.46
N GLU B 442 11.75 14.31 18.19
CA GLU B 442 11.60 15.71 17.79
C GLU B 442 10.31 16.38 18.29
N PHE B 443 9.31 15.57 18.66
CA PHE B 443 8.04 16.07 19.18
C PHE B 443 7.82 15.62 20.63
N GLU B 444 6.91 16.32 21.31
CA GLU B 444 6.50 16.00 22.68
C GLU B 444 4.98 16.18 22.85
N VAL B 445 4.42 15.57 23.90
CA VAL B 445 3.01 15.72 24.24
C VAL B 445 2.87 16.07 25.71
N LYS B 446 2.22 17.19 25.99
CA LYS B 446 2.03 17.72 27.33
C LYS B 446 0.54 17.68 27.65
N GLN B 447 0.22 17.53 28.94
CA GLN B 447 -1.15 17.70 29.43
C GLN B 447 -1.21 19.02 30.19
N VAL B 448 -2.29 19.75 30.00
CA VAL B 448 -2.52 21.04 30.65
C VAL B 448 -4.00 21.14 30.98
N PHE B 449 -4.30 21.77 32.11
CA PHE B 449 -5.69 21.96 32.55
C PHE B 449 -6.05 23.43 32.40
N VAL B 450 -7.21 23.71 31.80
CA VAL B 450 -7.58 25.06 31.38
C VAL B 450 -8.91 25.44 32.01
N PRO B 451 -9.01 26.64 32.62
CA PRO B 451 -10.31 27.04 33.16
C PRO B 451 -11.35 27.27 32.06
N SER B 452 -12.58 26.79 32.30
CA SER B 452 -13.69 26.99 31.39
C SER B 452 -14.48 28.21 31.84
N LYS B 453 -15.57 28.50 31.12
CA LYS B 453 -16.43 29.66 31.42
C LYS B 453 -16.97 29.68 32.86
N ASP B 454 -17.26 28.52 33.43
CA ASP B 454 -17.71 28.41 34.83
C ASP B 454 -16.60 28.02 35.83
N GLY B 455 -15.34 28.15 35.42
CA GLY B 455 -14.20 27.84 36.29
C GLY B 455 -13.72 26.39 36.32
N THR B 456 -14.47 25.46 35.72
CA THR B 456 -14.08 24.05 35.74
C THR B 456 -12.81 23.85 34.95
N LYS B 457 -11.89 23.04 35.51
CA LYS B 457 -10.62 22.77 34.88
C LYS B 457 -10.77 21.61 33.92
N ILE B 458 -10.49 21.88 32.64
CA ILE B 458 -10.69 20.93 31.55
C ILE B 458 -9.31 20.45 31.12
N PRO B 459 -9.05 19.11 31.16
CA PRO B 459 -7.77 18.60 30.67
C PRO B 459 -7.63 18.69 29.15
N ILE B 460 -6.43 19.03 28.71
CA ILE B 460 -6.12 19.28 27.32
C ILE B 460 -4.82 18.54 27.05
N PHE B 461 -4.75 17.80 25.95
CA PHE B 461 -3.47 17.31 25.45
C PHE B 461 -3.01 18.23 24.32
N ILE B 462 -1.75 18.65 24.36
CA ILE B 462 -1.15 19.47 23.28
C ILE B 462 0.11 18.77 22.77
N ALA B 463 0.11 18.45 21.48
CA ALA B 463 1.23 17.79 20.82
C ALA B 463 1.88 18.77 19.84
N ALA B 464 3.21 18.86 19.88
CA ALA B 464 3.95 19.78 19.01
C ALA B 464 5.45 19.47 18.97
N ARG B 465 6.14 20.15 18.06
CA ARG B 465 7.60 20.12 17.98
C ARG B 465 8.18 20.63 19.31
N LYS B 466 9.26 19.99 19.76
CA LYS B 466 9.94 20.40 20.98
C LYS B 466 10.64 21.74 20.73
N GLY B 467 10.42 22.69 21.63
CA GLY B 467 11.10 23.99 21.57
C GLY B 467 10.60 24.97 20.51
N ILE B 468 9.34 24.81 20.09
CA ILE B 468 8.68 25.87 19.30
C ILE B 468 8.61 27.14 20.12
N SER B 469 8.78 28.30 19.47
CA SER B 469 8.51 29.57 20.13
C SER B 469 6.99 29.75 20.19
N LEU B 470 6.50 30.20 21.34
CA LEU B 470 5.08 30.50 21.53
C LEU B 470 4.85 31.96 21.11
N ASP B 471 4.69 32.15 19.80
CA ASP B 471 4.50 33.47 19.20
C ASP B 471 3.27 33.54 18.28
N GLY B 472 2.34 32.59 18.43
CA GLY B 472 1.11 32.55 17.65
C GLY B 472 1.25 32.27 16.16
N SER B 473 2.40 31.77 15.74
CA SER B 473 2.69 31.55 14.32
C SER B 473 2.15 30.21 13.78
N HIS B 474 1.88 29.24 14.66
CA HIS B 474 1.71 27.86 14.22
C HIS B 474 0.26 27.51 13.89
N PRO B 475 0.04 26.71 12.81
CA PRO B 475 -1.30 26.16 12.64
C PRO B 475 -1.64 25.23 13.78
N CYS B 476 -2.90 25.27 14.20
CA CYS B 476 -3.36 24.49 15.32
C CYS B 476 -4.60 23.73 14.92
N GLU B 477 -4.60 22.42 15.16
CA GLU B 477 -5.74 21.57 14.90
C GLU B 477 -6.24 21.03 16.23
N MET B 478 -7.54 21.17 16.47
CA MET B 478 -8.14 20.80 17.74
C MET B 478 -9.29 19.82 17.55
N HIS B 479 -9.24 18.70 18.29
CA HIS B 479 -10.21 17.63 18.22
C HIS B 479 -10.98 17.51 19.54
N GLY B 480 -12.23 17.08 19.44
CA GLY B 480 -13.09 16.91 20.60
C GLY B 480 -14.39 16.22 20.23
N TYR B 481 -15.13 15.79 21.24
CA TYR B 481 -16.38 15.05 21.06
C TYR B 481 -17.46 15.58 22.02
N GLY B 482 -17.30 15.31 23.32
CA GLY B 482 -18.16 15.86 24.36
C GLY B 482 -19.56 15.29 24.42
N GLY B 483 -19.68 14.00 24.69
CA GLY B 483 -20.99 13.38 24.89
C GLY B 483 -20.94 11.89 25.15
N PHE B 484 -22.10 11.36 25.56
CA PHE B 484 -22.39 9.92 25.58
C PHE B 484 -21.45 9.04 26.44
N GLY B 485 -20.74 9.66 27.39
CA GLY B 485 -19.82 8.97 28.28
C GLY B 485 -18.54 8.53 27.60
N ILE B 486 -18.27 9.04 26.40
CA ILE B 486 -17.14 8.59 25.62
C ILE B 486 -15.87 9.26 26.15
N ASN B 487 -14.84 8.44 26.40
CA ASN B 487 -13.53 8.93 26.80
C ASN B 487 -12.68 9.13 25.55
N MET B 488 -12.10 10.33 25.42
CA MET B 488 -11.30 10.68 24.26
C MET B 488 -9.84 10.54 24.66
N MET B 489 -9.17 9.60 24.04
CA MET B 489 -7.80 9.25 24.39
C MET B 489 -6.87 9.71 23.27
N PRO B 490 -5.65 10.14 23.63
CA PRO B 490 -4.68 10.45 22.59
C PRO B 490 -4.18 9.17 21.94
N THR B 491 -4.57 8.93 20.69
CA THR B 491 -4.20 7.69 19.98
C THR B 491 -3.52 8.02 18.67
N PHE B 492 -2.87 7.05 18.06
CA PHE B 492 -2.08 7.32 16.87
C PHE B 492 -2.95 7.58 15.65
N SER B 493 -2.64 8.68 14.97
CA SER B 493 -3.12 8.98 13.62
C SER B 493 -1.90 9.39 12.81
N ALA B 494 -1.65 8.66 11.72
CA ALA B 494 -0.52 8.94 10.84
C ALA B 494 -0.69 10.30 10.17
N SER B 495 -1.91 10.59 9.73
CA SER B 495 -2.31 11.91 9.22
C SER B 495 -1.77 13.07 10.03
N ARG B 496 -2.02 12.96 11.32
CA ARG B 496 -1.62 13.96 12.31
C ARG B 496 -0.11 14.17 12.39
N ILE B 497 0.66 13.09 12.24
CA ILE B 497 2.12 13.22 12.17
C ILE B 497 2.50 14.05 10.93
N VAL B 498 1.79 13.87 9.83
CA VAL B 498 2.02 14.64 8.60
C VAL B 498 1.62 16.11 8.83
N PHE B 499 0.55 16.33 9.58
CA PHE B 499 0.16 17.68 9.98
C PHE B 499 1.25 18.34 10.84
N LEU B 500 1.73 17.63 11.84
CA LEU B 500 2.77 18.15 12.75
C LEU B 500 4.10 18.41 12.04
N LYS B 501 4.55 17.44 11.25
CA LYS B 501 5.87 17.48 10.62
C LYS B 501 5.93 18.33 9.36
N HIS B 502 5.01 18.09 8.43
CA HIS B 502 5.04 18.72 7.11
C HIS B 502 4.13 19.96 6.95
N LEU B 503 3.41 20.32 8.00
CA LEU B 503 2.71 21.59 8.05
C LEU B 503 3.05 22.39 9.33
N GLY B 504 4.10 21.99 10.06
CA GLY B 504 4.51 22.65 11.31
C GLY B 504 3.42 22.82 12.35
N GLY B 505 2.47 21.89 12.38
CA GLY B 505 1.24 22.05 13.16
C GLY B 505 1.37 21.80 14.65
N VAL B 506 0.31 22.19 15.37
CA VAL B 506 0.10 21.87 16.78
C VAL B 506 -1.26 21.16 16.86
N PHE B 507 -1.29 19.98 17.48
CA PHE B 507 -2.55 19.26 17.70
C PHE B 507 -3.01 19.43 19.14
N CYS B 508 -4.33 19.49 19.35
CA CYS B 508 -4.94 19.53 20.68
C CYS B 508 -6.16 18.63 20.81
N LEU B 509 -6.08 17.63 21.69
CA LEU B 509 -7.26 16.86 22.10
C LEU B 509 -7.79 17.44 23.40
N ALA B 510 -8.99 18.00 23.34
CA ALA B 510 -9.63 18.59 24.53
C ALA B 510 -10.63 17.61 25.14
N ASN B 511 -10.38 17.18 26.37
CA ASN B 511 -11.27 16.26 27.10
C ASN B 511 -12.43 17.01 27.77
N ILE B 512 -13.26 17.64 26.94
CA ILE B 512 -14.41 18.42 27.42
C ILE B 512 -15.44 17.56 28.16
N ARG B 513 -16.33 18.23 28.89
CA ARG B 513 -17.45 17.56 29.58
C ARG B 513 -18.45 16.97 28.57
N GLY B 514 -19.35 16.13 29.07
CA GLY B 514 -20.15 15.27 28.23
C GLY B 514 -19.52 13.90 28.10
N GLY B 515 -18.18 13.84 28.11
CA GLY B 515 -17.48 12.57 28.13
C GLY B 515 -17.62 11.87 29.48
N GLY B 516 -16.95 10.74 29.62
CA GLY B 516 -16.95 9.99 30.88
C GLY B 516 -15.61 9.99 31.59
N GLU B 517 -14.75 10.96 31.29
CA GLU B 517 -13.36 10.87 31.72
C GLU B 517 -13.18 10.94 33.24
N TYR B 518 -14.06 11.67 33.92
CA TYR B 518 -14.11 11.69 35.38
C TYR B 518 -15.43 11.11 35.89
N GLY B 519 -15.89 10.03 35.27
CA GLY B 519 -17.10 9.33 35.71
C GLY B 519 -18.38 10.05 35.32
N GLU B 520 -19.49 9.59 35.89
CA GLU B 520 -20.81 10.02 35.45
C GLU B 520 -21.13 11.50 35.80
N GLU B 521 -20.43 12.07 36.77
CA GLU B 521 -20.53 13.52 37.07
C GLU B 521 -20.02 14.39 35.88
N TRP B 522 -18.97 13.92 35.21
CA TRP B 522 -18.40 14.57 34.02
C TRP B 522 -19.37 14.52 32.82
N HIS B 523 -20.03 13.38 32.67
CA HIS B 523 -21.06 13.16 31.66
C HIS B 523 -22.24 14.10 31.84
N LYS B 524 -22.78 14.13 33.06
CA LYS B 524 -24.02 14.86 33.32
C LYS B 524 -23.82 16.39 33.38
N ALA B 525 -22.57 16.82 33.60
CA ALA B 525 -22.21 18.23 33.54
C ALA B 525 -22.22 18.79 32.12
N GLY B 526 -22.23 17.91 31.11
CA GLY B 526 -22.33 18.31 29.71
C GLY B 526 -23.41 17.57 28.93
N PHE B 527 -24.63 17.51 29.46
CA PHE B 527 -25.76 16.93 28.73
C PHE B 527 -27.09 17.58 29.12
N ARG B 528 -28.12 17.35 28.31
CA ARG B 528 -29.46 17.96 28.49
C ARG B 528 -29.34 19.50 28.63
N ASP B 529 -30.05 20.10 29.60
CA ASP B 529 -29.86 21.51 30.04
C ASP B 529 -28.42 22.03 30.15
N LYS B 530 -27.47 21.17 30.49
CA LYS B 530 -26.06 21.54 30.61
C LYS B 530 -25.22 21.19 29.37
N LYS B 531 -25.84 20.90 28.23
CA LYS B 531 -25.10 20.62 26.99
C LYS B 531 -24.26 21.83 26.52
N GLN B 532 -24.70 23.05 26.82
CA GLN B 532 -23.93 24.25 26.44
C GLN B 532 -22.51 24.23 27.03
N ASN B 533 -22.36 23.72 28.27
CA ASN B 533 -21.05 23.60 28.94
C ASN B 533 -19.98 22.92 28.07
N VAL B 534 -20.42 21.98 27.24
CA VAL B 534 -19.51 21.23 26.37
C VAL B 534 -18.86 22.15 25.34
N PHE B 535 -19.67 23.02 24.73
CA PHE B 535 -19.19 23.98 23.74
C PHE B 535 -18.35 25.06 24.40
N ASP B 536 -18.76 25.49 25.60
CA ASP B 536 -18.00 26.47 26.39
C ASP B 536 -16.60 25.96 26.71
N ASP B 537 -16.51 24.72 27.19
CA ASP B 537 -15.22 24.04 27.44
C ASP B 537 -14.29 24.04 26.22
N PHE B 538 -14.85 23.72 25.06
CA PHE B 538 -14.09 23.63 23.80
C PHE B 538 -13.60 25.03 23.35
N ILE B 539 -14.52 25.99 23.36
CA ILE B 539 -14.17 27.40 23.13
C ILE B 539 -13.06 27.86 24.11
N SER B 540 -13.17 27.50 25.38
CA SER B 540 -12.20 27.91 26.40
C SER B 540 -10.82 27.34 26.17
N ALA B 541 -10.77 26.12 25.62
CA ALA B 541 -9.51 25.48 25.30
C ALA B 541 -8.87 26.15 24.09
N ALA B 542 -9.69 26.50 23.10
CA ALA B 542 -9.24 27.29 21.94
C ALA B 542 -8.69 28.65 22.36
N GLU B 543 -9.38 29.33 23.28
CA GLU B 543 -8.89 30.59 23.83
C GLU B 543 -7.52 30.46 24.55
N TYR B 544 -7.29 29.32 25.22
CA TYR B 544 -6.01 29.06 25.91
C TYR B 544 -4.84 28.94 24.95
N LEU B 545 -5.05 28.22 23.85
CA LEU B 545 -4.01 28.00 22.84
C LEU B 545 -3.59 29.33 22.21
N ILE B 546 -4.56 30.21 22.01
CA ILE B 546 -4.29 31.56 21.53
C ILE B 546 -3.58 32.38 22.61
N SER B 547 -4.15 32.44 23.81
CA SER B 547 -3.61 33.31 24.88
C SER B 547 -2.24 32.87 25.41
N SER B 548 -1.97 31.56 25.44
CA SER B 548 -0.66 31.03 25.86
C SER B 548 0.40 31.14 24.75
N GLY B 549 -0.03 31.28 23.50
CA GLY B 549 0.84 31.63 22.38
C GLY B 549 1.21 30.55 21.38
N TYR B 550 0.51 29.42 21.39
CA TYR B 550 0.72 28.36 20.38
C TYR B 550 0.27 28.81 19.00
N THR B 551 -0.80 29.59 18.96
CA THR B 551 -1.53 29.83 17.71
C THR B 551 -2.27 31.17 17.81
N LYS B 552 -3.06 31.48 16.78
CA LYS B 552 -3.85 32.71 16.73
C LYS B 552 -5.25 32.41 16.21
N ALA B 553 -6.15 33.38 16.37
CA ALA B 553 -7.57 33.27 16.01
C ALA B 553 -7.84 32.51 14.71
N ARG B 554 -7.24 32.94 13.61
CA ARG B 554 -7.51 32.35 12.30
C ARG B 554 -6.55 31.25 11.87
N ARG B 555 -5.65 30.83 12.75
CA ARG B 555 -4.80 29.65 12.49
C ARG B 555 -5.27 28.40 13.27
N VAL B 556 -6.40 28.50 13.95
CA VAL B 556 -6.97 27.40 14.73
C VAL B 556 -7.98 26.67 13.88
N ALA B 557 -7.88 25.35 13.82
CA ALA B 557 -8.82 24.50 13.12
C ALA B 557 -9.48 23.54 14.11
N ILE B 558 -10.79 23.35 13.99
CA ILE B 558 -11.54 22.40 14.82
C ILE B 558 -12.15 21.31 13.95
N GLU B 559 -12.06 20.05 14.43
CA GLU B 559 -12.61 18.88 13.74
C GLU B 559 -13.34 17.94 14.70
N GLY B 560 -14.40 17.32 14.20
CA GLY B 560 -15.18 16.35 14.99
C GLY B 560 -16.18 15.57 14.14
N GLY B 561 -16.61 14.43 14.68
CA GLY B 561 -17.54 13.50 14.03
C GLY B 561 -18.78 13.17 14.87
N SER B 562 -19.93 13.06 14.20
CA SER B 562 -21.24 12.77 14.83
C SER B 562 -21.66 13.80 15.92
N ASN B 563 -21.63 13.44 17.21
CA ASN B 563 -21.81 14.42 18.30
C ASN B 563 -20.66 15.45 18.29
N GLY B 564 -19.49 15.03 17.83
CA GLY B 564 -18.36 15.93 17.60
C GLY B 564 -18.58 16.91 16.46
N GLY B 565 -19.38 16.51 15.47
CA GLY B 565 -19.80 17.39 14.39
C GLY B 565 -20.75 18.46 14.90
N LEU B 566 -21.68 18.05 15.76
CA LEU B 566 -22.55 18.97 16.49
C LEU B 566 -21.71 19.98 17.26
N LEU B 567 -20.70 19.48 17.97
CA LEU B 567 -19.76 20.33 18.73
C LEU B 567 -19.14 21.41 17.85
N VAL B 568 -18.67 21.02 16.67
CA VAL B 568 -18.00 21.95 15.75
C VAL B 568 -18.97 22.97 15.16
N ALA B 569 -20.15 22.51 14.73
CA ALA B 569 -21.16 23.40 14.17
C ALA B 569 -21.69 24.40 15.22
N ALA B 570 -21.92 23.90 16.44
CA ALA B 570 -22.36 24.77 17.54
C ALA B 570 -21.33 25.84 17.86
N CYS B 571 -20.06 25.44 17.95
CA CYS B 571 -18.99 26.36 18.32
C CYS B 571 -18.74 27.46 17.27
N ILE B 572 -18.82 27.13 15.98
CA ILE B 572 -18.61 28.13 14.91
C ILE B 572 -19.79 29.11 14.77
N ASN B 573 -21.00 28.68 15.15
CA ASN B 573 -22.15 29.58 15.22
C ASN B 573 -21.96 30.60 16.34
N GLN B 574 -21.56 30.10 17.50
CA GLN B 574 -21.41 30.92 18.69
C GLN B 574 -20.15 31.80 18.66
N ARG B 575 -19.02 31.24 18.22
CA ARG B 575 -17.73 31.96 18.18
C ARG B 575 -16.96 31.83 16.85
N PRO B 576 -17.55 32.31 15.75
CA PRO B 576 -16.89 32.24 14.44
C PRO B 576 -15.53 32.95 14.35
N ASP B 577 -15.33 34.02 15.13
CA ASP B 577 -14.04 34.72 15.22
C ASP B 577 -12.85 33.87 15.66
N LEU B 578 -13.12 32.84 16.47
CA LEU B 578 -12.05 32.04 17.09
C LEU B 578 -11.37 31.03 16.18
N PHE B 579 -11.95 30.71 15.03
CA PHE B 579 -11.49 29.60 14.20
C PHE B 579 -11.24 30.03 12.76
N GLY B 580 -10.29 29.38 12.11
CA GLY B 580 -10.01 29.56 10.69
C GLY B 580 -10.44 28.41 9.79
N CYS B 581 -10.74 27.24 10.37
CA CYS B 581 -11.25 26.10 9.62
C CYS B 581 -12.16 25.25 10.49
N ALA B 582 -13.26 24.78 9.91
CA ALA B 582 -14.25 23.99 10.63
C ALA B 582 -14.56 22.77 9.79
N GLU B 583 -14.41 21.59 10.38
CA GLU B 583 -14.61 20.33 9.67
C GLU B 583 -15.51 19.43 10.49
N ALA B 584 -16.77 19.33 10.09
CA ALA B 584 -17.78 18.60 10.85
C ALA B 584 -18.22 17.35 10.11
N ASN B 585 -17.83 16.19 10.65
CA ASN B 585 -18.07 14.87 10.06
C ASN B 585 -19.38 14.29 10.57
N CYS B 586 -20.35 14.07 9.68
CA CYS B 586 -21.61 13.40 10.03
C CYS B 586 -22.26 13.98 11.29
N GLY B 587 -22.28 15.30 11.39
CA GLY B 587 -22.77 15.98 12.58
C GLY B 587 -24.27 15.94 12.74
N VAL B 588 -24.73 16.04 13.99
CA VAL B 588 -26.16 16.09 14.32
C VAL B 588 -26.52 17.58 14.38
N MET B 589 -27.14 18.08 13.32
CA MET B 589 -27.31 19.53 13.10
C MET B 589 -28.73 20.06 13.28
N ASP B 590 -29.74 19.19 13.17
CA ASP B 590 -31.14 19.53 13.47
C ASP B 590 -31.52 18.87 14.78
N MET B 591 -31.35 19.61 15.87
CA MET B 591 -31.63 19.09 17.21
C MET B 591 -33.12 19.05 17.55
N LEU B 592 -33.93 19.78 16.78
CA LEU B 592 -35.38 19.73 16.90
C LEU B 592 -35.99 18.43 16.34
N ARG B 593 -35.35 17.85 15.32
CA ARG B 593 -35.93 16.70 14.59
C ARG B 593 -35.05 15.44 14.54
N PHE B 594 -33.90 15.42 15.22
CA PHE B 594 -32.97 14.26 15.15
C PHE B 594 -33.62 12.93 15.53
N HIS B 595 -34.50 12.98 16.54
CA HIS B 595 -35.19 11.79 17.05
C HIS B 595 -36.14 11.10 16.05
N LYS B 596 -36.60 11.84 15.03
CA LYS B 596 -37.48 11.28 14.00
C LYS B 596 -36.82 10.33 12.97
N PHE B 597 -35.48 10.25 12.94
CA PHE B 597 -34.78 9.55 11.84
C PHE B 597 -33.89 8.37 12.30
N THR B 598 -34.13 7.20 11.72
CA THR B 598 -33.36 5.96 11.96
C THR B 598 -33.25 5.61 13.47
N LEU B 599 -32.03 5.51 14.02
CA LEU B 599 -31.84 5.25 15.45
C LEU B 599 -31.56 6.55 16.24
N GLY B 600 -31.97 7.70 15.69
CA GLY B 600 -31.77 9.00 16.36
C GLY B 600 -32.54 9.18 17.66
N TYR B 601 -33.68 8.49 17.77
CA TYR B 601 -34.46 8.46 19.01
C TYR B 601 -33.66 8.00 20.24
N LEU B 602 -32.65 7.14 20.03
CA LEU B 602 -31.76 6.69 21.10
C LEU B 602 -31.00 7.81 21.83
N TRP B 603 -30.70 8.90 21.11
CA TRP B 603 -29.87 9.99 21.67
C TRP B 603 -30.63 10.99 22.54
N THR B 604 -31.95 10.80 22.73
CA THR B 604 -32.75 11.68 23.57
C THR B 604 -32.31 11.72 25.04
N GLY B 605 -31.72 10.62 25.52
CA GLY B 605 -31.09 10.56 26.85
C GLY B 605 -30.03 11.61 27.09
N ASP B 606 -29.26 11.94 26.05
CA ASP B 606 -28.20 12.96 26.13
C ASP B 606 -28.60 14.36 25.65
N TYR B 607 -29.55 14.46 24.73
CA TYR B 607 -29.91 15.75 24.13
C TYR B 607 -31.19 16.34 24.68
N GLY B 608 -32.13 15.47 25.06
CA GLY B 608 -33.52 15.84 25.26
C GLY B 608 -34.27 15.63 23.96
N CYS B 609 -35.49 16.15 23.90
CA CYS B 609 -36.36 15.95 22.75
C CYS B 609 -37.33 17.14 22.65
N SER B 610 -37.52 17.65 21.43
CA SER B 610 -38.43 18.80 21.21
C SER B 610 -39.92 18.49 21.48
N ASP B 611 -40.25 17.22 21.72
CA ASP B 611 -41.57 16.82 22.26
C ASP B 611 -41.92 17.48 23.59
N LYS B 612 -40.93 17.78 24.42
CA LYS B 612 -41.13 18.37 25.74
C LYS B 612 -40.62 19.81 25.77
N GLU B 613 -41.37 20.70 26.44
CA GLU B 613 -41.15 22.15 26.34
C GLU B 613 -39.87 22.64 27.00
N GLU B 614 -39.56 22.13 28.19
CA GLU B 614 -38.28 22.44 28.86
C GLU B 614 -37.06 22.08 28.01
N GLU B 615 -37.17 20.97 27.29
CA GLU B 615 -36.06 20.41 26.54
C GLU B 615 -35.89 21.15 25.22
N PHE B 616 -37.01 21.45 24.56
CA PHE B 616 -37.03 22.36 23.41
C PHE B 616 -36.30 23.68 23.71
N LYS B 617 -36.55 24.25 24.89
CA LYS B 617 -35.96 25.54 25.27
C LYS B 617 -34.43 25.55 25.32
N TRP B 618 -33.81 24.45 25.75
CA TRP B 618 -32.35 24.35 25.68
C TRP B 618 -31.83 23.90 24.30
N LEU B 619 -32.62 23.09 23.58
CA LEU B 619 -32.25 22.61 22.25
C LEU B 619 -32.22 23.73 21.19
N ILE B 620 -33.28 24.54 21.18
CA ILE B 620 -33.37 25.69 20.26
C ILE B 620 -32.19 26.68 20.38
N LYS B 621 -31.62 26.80 21.58
CA LYS B 621 -30.51 27.71 21.82
C LYS B 621 -29.20 27.32 21.12
N TYR B 622 -28.94 26.02 20.99
CA TYR B 622 -27.72 25.57 20.28
C TYR B 622 -27.91 24.82 18.95
N SER B 623 -29.13 24.38 18.61
CA SER B 623 -29.39 23.63 17.37
C SER B 623 -28.72 24.29 16.15
N PRO B 624 -27.66 23.67 15.59
CA PRO B 624 -26.84 24.30 14.54
C PRO B 624 -27.58 24.98 13.39
N ILE B 625 -28.57 24.29 12.82
CA ILE B 625 -29.42 24.80 11.72
C ILE B 625 -30.25 26.04 12.09
N HIS B 626 -30.57 26.18 13.38
CA HIS B 626 -31.41 27.27 13.88
C HIS B 626 -30.61 28.40 14.54
N ASN B 627 -29.28 28.38 14.44
CA ASN B 627 -28.44 29.42 15.04
C ASN B 627 -27.32 29.92 14.10
N VAL B 628 -27.53 29.82 12.80
CA VAL B 628 -26.63 30.41 11.81
C VAL B 628 -26.99 31.90 11.66
N ARG B 629 -26.08 32.77 12.09
CA ARG B 629 -26.28 34.21 12.11
C ARG B 629 -25.06 34.91 11.51
N ARG B 630 -25.29 36.00 10.77
CA ARG B 630 -24.20 36.78 10.19
C ARG B 630 -23.37 37.47 11.26
N PRO B 631 -22.13 36.99 11.50
CA PRO B 631 -21.37 37.57 12.62
C PRO B 631 -21.05 39.06 12.45
N TRP B 632 -20.80 39.49 11.21
CA TRP B 632 -20.52 40.92 10.90
C TRP B 632 -21.67 41.89 11.27
N GLU B 633 -22.91 41.42 11.26
CA GLU B 633 -24.05 42.25 11.69
C GLU B 633 -24.11 42.55 13.19
N GLN B 634 -23.33 41.85 14.00
CA GLN B 634 -23.28 42.08 15.45
C GLN B 634 -22.37 43.31 15.68
N PRO B 635 -22.83 44.30 16.47
CA PRO B 635 -22.12 45.57 16.53
C PRO B 635 -20.63 45.63 16.84
N GLY B 636 -20.02 44.76 17.63
CA GLY B 636 -18.58 44.86 17.84
C GLY B 636 -17.71 44.09 16.83
N ASN B 637 -18.37 43.44 15.86
CA ASN B 637 -17.90 42.18 15.28
C ASN B 637 -17.84 42.26 13.74
N GLU B 638 -17.61 43.46 13.21
CA GLU B 638 -17.78 43.75 11.76
C GLU B 638 -16.83 42.98 10.83
N GLU B 639 -15.57 42.83 11.23
CA GLU B 639 -14.55 42.14 10.42
C GLU B 639 -14.62 40.58 10.53
N THR B 640 -15.49 40.05 11.41
CA THR B 640 -15.62 38.61 11.58
C THR B 640 -16.52 38.00 10.51
N GLN B 641 -16.06 36.86 9.98
CA GLN B 641 -16.87 35.99 9.11
C GLN B 641 -16.76 34.55 9.62
N TYR B 642 -17.64 33.67 9.14
CA TYR B 642 -17.51 32.24 9.48
C TYR B 642 -16.22 31.70 8.88
N PRO B 643 -15.58 30.74 9.58
CA PRO B 643 -14.39 30.12 9.03
C PRO B 643 -14.68 29.30 7.77
N ALA B 644 -13.62 29.00 7.01
CA ALA B 644 -13.70 28.04 5.91
C ALA B 644 -14.26 26.75 6.47
N THR B 645 -15.33 26.24 5.85
CA THR B 645 -16.09 25.15 6.42
C THR B 645 -16.28 24.01 5.42
N MET B 646 -15.92 22.79 5.84
CA MET B 646 -16.15 21.58 5.06
C MET B 646 -17.07 20.69 5.88
N ILE B 647 -18.27 20.42 5.37
CA ILE B 647 -19.23 19.54 6.03
C ILE B 647 -19.10 18.15 5.43
N LEU B 648 -18.51 17.22 6.17
CA LEU B 648 -18.30 15.86 5.66
C LEU B 648 -19.51 14.97 5.97
N THR B 649 -19.87 14.13 5.01
CA THR B 649 -21.01 13.22 5.15
C THR B 649 -20.96 12.16 4.05
N ALA B 650 -21.65 11.04 4.27
CA ALA B 650 -21.88 10.05 3.22
C ALA B 650 -23.30 10.22 2.69
N ASP B 651 -23.49 9.88 1.41
CA ASP B 651 -24.81 10.05 0.76
C ASP B 651 -25.89 9.10 1.31
N HIS B 652 -25.50 7.94 1.85
CA HIS B 652 -26.46 7.07 2.55
C HIS B 652 -25.95 6.54 3.88
N ASP B 653 -25.53 7.48 4.71
CA ASP B 653 -25.27 7.22 6.15
C ASP B 653 -26.63 7.01 6.85
N ASP B 654 -26.84 5.81 7.38
CA ASP B 654 -28.06 5.48 8.16
C ASP B 654 -27.94 5.79 9.67
N ARG B 655 -26.71 5.97 10.13
CA ARG B 655 -26.43 6.24 11.53
C ARG B 655 -26.85 7.69 11.83
N VAL B 656 -26.09 8.66 11.35
CA VAL B 656 -26.47 10.07 11.42
C VAL B 656 -26.89 10.45 10.00
N VAL B 657 -28.21 10.53 9.78
CA VAL B 657 -28.74 10.75 8.43
C VAL B 657 -28.20 12.03 7.78
N PRO B 658 -27.93 12.00 6.45
CA PRO B 658 -27.22 13.12 5.84
C PRO B 658 -28.02 14.43 5.70
N LEU B 659 -29.34 14.37 5.90
CA LEU B 659 -30.18 15.58 5.90
C LEU B 659 -29.69 16.63 6.88
N HIS B 660 -29.17 16.17 8.02
CA HIS B 660 -28.54 17.04 9.01
C HIS B 660 -27.47 17.92 8.37
N SER B 661 -26.52 17.27 7.71
CA SER B 661 -25.41 17.96 7.02
C SER B 661 -25.90 18.80 5.82
N PHE B 662 -26.87 18.27 5.08
CA PHE B 662 -27.43 18.95 3.92
C PHE B 662 -28.18 20.22 4.33
N LYS B 663 -29.05 20.09 5.33
CA LYS B 663 -29.84 21.22 5.84
C LYS B 663 -28.98 22.33 6.47
N LEU B 664 -27.89 21.96 7.15
CA LEU B 664 -26.95 22.96 7.67
C LEU B 664 -26.25 23.69 6.54
N LEU B 665 -25.79 22.93 5.54
CA LEU B 665 -25.05 23.47 4.41
C LEU B 665 -25.91 24.45 3.63
N ALA B 666 -27.14 24.04 3.34
CA ALA B 666 -28.13 24.90 2.68
C ALA B 666 -28.36 26.20 3.45
N THR B 667 -28.55 26.07 4.76
CA THR B 667 -28.86 27.21 5.64
C THR B 667 -27.70 28.18 5.72
N MET B 668 -26.49 27.66 5.88
CA MET B 668 -25.28 28.49 5.95
C MET B 668 -25.07 29.25 4.63
N GLN B 669 -25.07 28.52 3.51
CA GLN B 669 -24.91 29.10 2.17
C GLN B 669 -25.95 30.19 1.85
N HIS B 670 -27.17 30.04 2.38
CA HIS B 670 -28.20 31.07 2.25
C HIS B 670 -27.86 32.29 3.11
N VAL B 671 -27.86 32.08 4.43
CA VAL B 671 -27.76 33.16 5.41
C VAL B 671 -26.49 34.00 5.21
N LEU B 672 -25.38 33.33 4.93
CA LEU B 672 -24.07 33.98 4.86
C LEU B 672 -23.71 34.49 3.47
N CYS B 673 -24.09 33.76 2.42
CA CYS B 673 -23.60 34.05 1.06
C CYS B 673 -24.68 34.51 0.08
N THR B 674 -25.60 33.61 -0.27
CA THR B 674 -26.55 33.88 -1.38
C THR B 674 -27.71 34.83 -1.04
N SER B 675 -27.97 35.09 0.24
CA SER B 675 -29.09 35.97 0.66
C SER B 675 -28.80 37.47 0.54
N LEU B 676 -27.57 37.86 0.23
CA LEU B 676 -27.21 39.27 0.10
C LEU B 676 -26.26 39.53 -1.07
N GLU B 677 -26.25 40.78 -1.54
CA GLU B 677 -25.62 41.19 -2.81
C GLU B 677 -24.14 40.81 -2.92
N ASP B 678 -23.36 41.26 -1.94
CA ASP B 678 -21.91 41.09 -1.95
C ASP B 678 -21.45 40.85 -0.52
N SER B 679 -21.48 39.58 -0.11
CA SER B 679 -21.25 39.23 1.29
C SER B 679 -19.81 39.45 1.74
N PRO B 680 -19.62 39.88 3.00
CA PRO B 680 -18.30 39.77 3.65
C PRO B 680 -17.79 38.33 3.74
N GLN B 681 -18.69 37.35 3.70
CA GLN B 681 -18.32 35.94 3.69
C GLN B 681 -17.55 35.56 2.42
N LYS B 682 -16.23 35.51 2.56
CA LYS B 682 -15.32 35.04 1.51
C LYS B 682 -14.94 33.57 1.70
N ASN B 683 -14.78 33.13 2.95
CA ASN B 683 -14.33 31.77 3.24
C ASN B 683 -15.33 30.73 2.73
N PRO B 684 -14.87 29.72 1.97
CA PRO B 684 -15.76 28.74 1.34
C PRO B 684 -16.55 27.89 2.35
N ILE B 685 -17.80 27.59 1.97
CA ILE B 685 -18.69 26.75 2.76
C ILE B 685 -19.16 25.62 1.86
N ILE B 686 -18.54 24.45 2.01
CA ILE B 686 -18.76 23.31 1.11
C ILE B 686 -19.09 22.04 1.88
N ALA B 687 -19.49 21.01 1.14
CA ALA B 687 -19.66 19.67 1.67
C ALA B 687 -18.84 18.69 0.87
N ARG B 688 -18.05 17.85 1.55
CA ARG B 688 -17.43 16.68 0.92
C ARG B 688 -18.38 15.53 1.12
N ILE B 689 -19.03 15.10 0.02
CA ILE B 689 -19.99 14.00 0.06
C ILE B 689 -19.33 12.75 -0.52
N GLN B 690 -19.13 11.75 0.33
CA GLN B 690 -18.60 10.45 -0.09
C GLN B 690 -19.76 9.64 -0.65
N ARG B 691 -19.56 9.09 -1.85
CA ARG B 691 -20.58 8.29 -2.52
C ARG B 691 -20.41 6.80 -2.16
N LYS B 692 -21.52 6.12 -1.94
CA LYS B 692 -21.57 4.67 -1.71
C LYS B 692 -20.54 4.12 -0.70
N ALA B 693 -20.41 4.74 0.47
CA ALA B 693 -19.48 4.26 1.52
C ALA B 693 -19.85 4.81 2.89
N ARG B 698 -14.82 1.15 6.38
CA ARG B 698 -14.62 1.39 4.95
C ARG B 698 -13.13 1.45 4.58
N ALA B 699 -12.85 1.22 3.30
CA ALA B 699 -11.52 0.82 2.82
C ALA B 699 -10.41 1.84 3.09
N THR B 700 -9.20 1.31 3.26
CA THR B 700 -8.01 2.12 3.57
C THR B 700 -7.84 3.36 2.70
N MET B 701 -7.98 3.20 1.39
CA MET B 701 -7.81 4.31 0.45
C MET B 701 -8.96 5.33 0.48
N THR B 702 -10.20 4.84 0.66
CA THR B 702 -11.36 5.71 0.82
C THR B 702 -11.15 6.64 2.03
N GLN B 703 -10.60 6.09 3.09
CA GLN B 703 -10.29 6.86 4.30
C GLN B 703 -9.18 7.86 4.03
N ILE B 704 -8.08 7.38 3.45
CA ILE B 704 -6.93 8.22 3.13
C ILE B 704 -7.31 9.39 2.20
N ALA B 705 -8.14 9.12 1.20
CA ALA B 705 -8.63 10.18 0.31
C ALA B 705 -9.41 11.26 1.08
N GLU B 706 -10.24 10.84 2.03
CA GLU B 706 -11.02 11.78 2.84
C GLU B 706 -10.14 12.66 3.73
N VAL B 707 -9.15 12.05 4.38
CA VAL B 707 -8.28 12.78 5.30
C VAL B 707 -7.33 13.68 4.50
N ALA B 708 -6.92 13.24 3.31
CA ALA B 708 -6.14 14.06 2.38
C ALA B 708 -6.87 15.35 2.02
N ASP B 709 -8.14 15.23 1.65
CA ASP B 709 -8.99 16.40 1.39
C ASP B 709 -9.20 17.29 2.63
N ARG B 710 -9.43 16.67 3.78
CA ARG B 710 -9.56 17.40 5.05
C ARG B 710 -8.38 18.36 5.29
N TYR B 711 -7.19 17.80 5.31
CA TYR B 711 -5.98 18.55 5.64
C TYR B 711 -5.51 19.50 4.52
N GLY B 712 -5.83 19.16 3.27
CA GLY B 712 -5.56 20.05 2.15
C GLY B 712 -6.38 21.33 2.19
N PHE B 713 -7.68 21.16 2.42
CA PHE B 713 -8.60 22.27 2.69
C PHE B 713 -8.17 23.11 3.90
N MET B 714 -7.73 22.42 4.95
CA MET B 714 -7.25 23.05 6.18
C MET B 714 -6.01 23.92 5.95
N ALA B 715 -5.01 23.35 5.29
CA ALA B 715 -3.78 24.09 4.96
C ALA B 715 -4.05 25.32 4.08
N LYS B 716 -5.07 25.25 3.25
CA LYS B 716 -5.52 26.38 2.43
C LYS B 716 -6.25 27.43 3.27
N ALA B 717 -7.12 26.98 4.17
CA ALA B 717 -7.90 27.89 5.03
C ALA B 717 -7.03 28.62 6.04
N LEU B 718 -6.14 27.89 6.70
CA LEU B 718 -5.22 28.47 7.70
C LEU B 718 -3.98 29.17 7.09
N GLU B 719 -3.88 29.19 5.75
CA GLU B 719 -2.73 29.77 5.03
C GLU B 719 -1.39 29.18 5.48
N ALA B 720 -1.38 27.87 5.74
CA ALA B 720 -0.22 27.16 6.24
C ALA B 720 0.60 26.61 5.09
N PRO B 721 1.90 26.98 5.00
CA PRO B 721 2.73 26.40 3.96
C PRO B 721 3.24 25.00 4.30
N TRP B 722 3.60 24.27 3.26
CA TRP B 722 4.21 22.95 3.37
C TRP B 722 5.68 23.07 3.76
N ILE B 723 6.16 22.11 4.55
CA ILE B 723 7.58 21.96 4.87
C ILE B 723 8.02 20.56 4.45
N ASP B 724 9.14 20.48 3.74
CA ASP B 724 9.62 19.20 3.19
C ASP B 724 10.20 18.29 4.29
AS CAC C . 21.49 -1.52 -21.58
O1 CAC C . 22.15 -3.08 -21.95
O2 CAC C . 19.81 -1.51 -22.09
C1 CAC C . 21.58 -1.20 -19.65
C2 CAC C . 22.53 -0.13 -22.51
AS CAC D . -23.54 9.72 18.12
O1 CAC D . -24.53 9.17 16.80
O2 CAC D . -23.74 11.44 18.28
C1 CAC D . -24.12 8.84 19.77
C2 CAC D . -21.68 9.25 17.73
#